data_4Y0H
#
_entry.id   4Y0H
#
_cell.length_a   69.496
_cell.length_b   226.924
_cell.length_c   71.436
_cell.angle_alpha   90.00
_cell.angle_beta   108.67
_cell.angle_gamma   90.00
#
_symmetry.space_group_name_H-M   'P 1 21 1'
#
loop_
_entity.id
_entity.type
_entity.pdbx_description
1 polymer '4-aminobutyrate aminotransferase, mitochondrial'
2 non-polymer 'FE2/S2 (INORGANIC) CLUSTER'
3 non-polymer "PYRIDOXAL-5'-PHOSPHATE"
4 non-polymer GLYCEROL
5 water water
#
_entity_poly.entity_id   1
_entity_poly.type   'polypeptide(L)'
_entity_poly.pdbx_seq_one_letter_code
;GFDYDGPLMKTEVPGPRSRELMKQLNIIQNAEAVHFFCNYEESRGNYLVDVDGNRMLDLYSQISSIPIGYSHPALVKLVQ
QPQNVSTFINRPALGILPPENFVEKLRESLLSVAPKGMSQLITMACGSCSNENAFKTIFMWYRSKERGESAFSKEELETC
MINQAPGCPDYSILSFMGAFHGRTMGCLATTHSKAIHKIDIPSFDWPIAPFPRLKYPLEEFVKENQQEEARCLEEVEDLI
VKYRKKKKTVAGIIVEPIQSEGGDNHASDDFFRKLRDISRKHGCAFLVDEVQTGGGSTGKFWAHEHWGLDDPADVMTFSK
KMMTGGFFHKEEFRPNAPYRIFNTWLGDPSKNLLLAEVINIIKREDLLSNAAHAGKVLLTGLLDLQARYPQFISRVRGRG
TFCSFDTPDESIRNKLISIARNKGVMLGGCGDKSIRFRPTLVFRDHHAHLFLNIFSDILADFK
;
_entity_poly.pdbx_strand_id   A,B,C,D
#
loop_
_chem_comp.id
_chem_comp.type
_chem_comp.name
_chem_comp.formula
FES non-polymer 'FE2/S2 (INORGANIC) CLUSTER' 'Fe2 S2'
GOL non-polymer GLYCEROL 'C3 H8 O3'
PLP non-polymer PYRIDOXAL-5'-PHOSPHATE 'C8 H10 N O6 P'
#
# COMPACT_ATOMS: atom_id res chain seq x y z
N PHE A 2 -30.43 -17.07 -4.24
CA PHE A 2 -30.90 -15.65 -4.46
C PHE A 2 -32.36 -15.37 -4.00
N ASP A 3 -33.24 -16.39 -4.02
CA ASP A 3 -34.69 -16.21 -3.76
C ASP A 3 -35.37 -17.64 -3.79
N TYR A 4 -36.49 -17.82 -3.06
CA TYR A 4 -37.37 -19.01 -3.12
C TYR A 4 -38.37 -18.84 -4.23
N ASP A 5 -39.14 -19.85 -4.53
CA ASP A 5 -40.08 -19.73 -5.67
C ASP A 5 -41.51 -19.31 -5.33
N GLY A 6 -41.82 -19.19 -4.04
CA GLY A 6 -43.11 -18.64 -3.60
C GLY A 6 -43.23 -18.83 -2.11
N PRO A 7 -44.31 -18.30 -1.49
CA PRO A 7 -44.53 -18.45 -0.04
C PRO A 7 -44.91 -19.87 0.26
N LEU A 8 -44.73 -20.28 1.53
CA LEU A 8 -45.08 -21.59 1.99
C LEU A 8 -45.43 -21.51 3.45
N MET A 9 -46.71 -21.68 3.77
CA MET A 9 -47.22 -21.53 5.12
C MET A 9 -47.40 -22.86 5.79
N LYS A 10 -47.07 -22.92 7.07
CA LYS A 10 -47.23 -24.14 7.89
C LYS A 10 -48.21 -23.90 9.04
N THR A 11 -48.27 -22.68 9.57
CA THR A 11 -49.15 -22.37 10.71
C THR A 11 -49.74 -20.96 10.53
N GLU A 12 -50.67 -20.62 11.43
CA GLU A 12 -51.15 -19.27 11.65
C GLU A 12 -49.96 -18.44 12.08
N VAL A 13 -50.04 -17.14 11.82
CA VAL A 13 -49.00 -16.20 12.24
C VAL A 13 -49.58 -15.17 13.17
N PRO A 14 -48.99 -15.00 14.38
CA PRO A 14 -47.83 -15.69 14.89
C PRO A 14 -48.15 -17.14 15.28
N GLY A 15 -47.23 -18.04 15.07
CA GLY A 15 -47.42 -19.44 15.39
C GLY A 15 -46.95 -19.67 16.84
N PRO A 16 -46.98 -20.93 17.27
CA PRO A 16 -46.73 -21.23 18.70
C PRO A 16 -45.34 -20.82 19.21
N ARG A 17 -44.28 -21.04 18.39
CA ARG A 17 -42.94 -20.69 18.76
C ARG A 17 -42.84 -19.15 18.86
N SER A 18 -43.35 -18.40 17.90
CA SER A 18 -43.46 -16.96 18.05
C SER A 18 -44.20 -16.49 19.32
N ARG A 19 -45.38 -17.06 19.55
CA ARG A 19 -46.15 -16.64 20.70
C ARG A 19 -45.37 -16.87 22.02
N GLU A 20 -44.66 -17.99 22.15
CA GLU A 20 -43.80 -18.29 23.32
C GLU A 20 -42.72 -17.17 23.47
N LEU A 21 -42.10 -16.82 22.36
CA LEU A 21 -41.07 -15.81 22.42
C LEU A 21 -41.64 -14.47 22.74
N MET A 22 -42.80 -14.13 22.19
CA MET A 22 -43.44 -12.87 22.54
C MET A 22 -43.81 -12.79 24.04
N LYS A 23 -44.21 -13.91 24.61
CA LYS A 23 -44.52 -13.94 26.07
C LYS A 23 -43.27 -13.65 26.90
N GLN A 24 -42.16 -14.22 26.47
CA GLN A 24 -40.87 -13.99 27.16
C GLN A 24 -40.47 -12.53 27.04
N LEU A 25 -40.55 -11.97 25.83
CA LEU A 25 -40.13 -10.57 25.67
C LEU A 25 -41.01 -9.60 26.40
N ASN A 26 -42.32 -9.88 26.45
CA ASN A 26 -43.25 -9.05 27.17
C ASN A 26 -42.94 -8.90 28.68
N ILE A 27 -42.19 -9.82 29.26
CA ILE A 27 -41.75 -9.67 30.66
CA ILE A 27 -41.69 -9.71 30.65
C ILE A 27 -40.83 -8.43 30.79
N ILE A 28 -39.93 -8.20 29.81
CA ILE A 28 -38.98 -7.07 29.93
C ILE A 28 -39.33 -5.77 29.28
N GLN A 29 -40.36 -5.77 28.44
CA GLN A 29 -40.77 -4.57 27.79
C GLN A 29 -42.17 -4.77 27.15
N ASN A 30 -42.80 -3.71 26.75
CA ASN A 30 -44.07 -3.80 26.03
C ASN A 30 -43.77 -4.40 24.68
N ALA A 31 -44.31 -5.58 24.43
CA ALA A 31 -44.10 -6.31 23.17
C ALA A 31 -45.32 -6.29 22.30
N GLU A 32 -46.27 -5.40 22.52
CA GLU A 32 -47.51 -5.49 21.77
C GLU A 32 -47.39 -5.16 20.28
N ALA A 33 -46.34 -4.42 19.88
CA ALA A 33 -46.12 -4.17 18.46
C ALA A 33 -45.62 -5.36 17.75
N VAL A 34 -45.04 -6.32 18.45
CA VAL A 34 -44.39 -7.44 17.74
C VAL A 34 -45.32 -8.26 16.85
N HIS A 35 -44.93 -8.35 15.59
CA HIS A 35 -45.64 -9.16 14.59
C HIS A 35 -45.43 -10.64 14.84
N PHE A 36 -44.19 -11.08 14.82
CA PHE A 36 -43.76 -12.42 15.03
C PHE A 36 -42.24 -12.42 15.19
N PHE A 37 -41.66 -13.55 15.55
CA PHE A 37 -40.18 -13.72 15.63
C PHE A 37 -39.68 -14.39 14.38
N CYS A 38 -38.45 -14.04 14.00
CA CYS A 38 -37.94 -14.36 12.69
C CYS A 38 -36.69 -15.23 12.69
N ASN A 39 -36.57 -16.10 11.68
CA ASN A 39 -35.35 -16.84 11.35
C ASN A 39 -34.68 -16.15 10.14
N TYR A 40 -33.81 -15.19 10.46
CA TYR A 40 -33.19 -14.41 9.40
C TYR A 40 -32.16 -15.26 8.66
N GLU A 41 -31.58 -16.28 9.32
CA GLU A 41 -30.62 -17.13 8.69
C GLU A 41 -31.22 -17.91 7.51
N GLU A 42 -32.51 -18.20 7.54
CA GLU A 42 -33.11 -18.95 6.46
C GLU A 42 -33.95 -18.04 5.54
N SER A 43 -34.00 -16.76 5.87
CA SER A 43 -34.64 -15.76 5.01
C SER A 43 -33.76 -15.51 3.80
N ARG A 44 -34.37 -15.26 2.64
N ARG A 44 -34.35 -15.31 2.63
CA ARG A 44 -33.65 -15.15 1.37
CA ARG A 44 -33.59 -15.07 1.41
C ARG A 44 -34.42 -14.27 0.42
C ARG A 44 -34.40 -14.28 0.43
N GLY A 45 -33.75 -13.30 -0.17
CA GLY A 45 -34.38 -12.47 -1.16
C GLY A 45 -35.60 -11.71 -0.63
N ASN A 46 -36.72 -11.94 -1.30
CA ASN A 46 -37.99 -11.34 -0.98
C ASN A 46 -38.75 -12.07 0.12
N TYR A 47 -38.16 -13.12 0.72
CA TYR A 47 -38.92 -14.02 1.62
C TYR A 47 -38.38 -13.99 3.05
N LEU A 48 -39.29 -13.68 4.00
CA LEU A 48 -39.00 -13.73 5.41
C LEU A 48 -39.50 -15.04 6.03
N VAL A 49 -38.63 -15.77 6.73
CA VAL A 49 -39.01 -17.04 7.33
C VAL A 49 -39.17 -16.81 8.82
N ASP A 50 -40.28 -17.29 9.41
CA ASP A 50 -40.49 -17.10 10.87
C ASP A 50 -39.98 -18.30 11.66
N VAL A 51 -40.06 -18.18 12.96
CA VAL A 51 -39.56 -19.26 13.84
C VAL A 51 -40.47 -20.51 13.81
N ASP A 52 -41.65 -20.42 13.17
CA ASP A 52 -42.49 -21.57 13.04
C ASP A 52 -42.34 -22.23 11.66
N GLY A 53 -41.35 -21.78 10.89
CA GLY A 53 -41.11 -22.30 9.58
C GLY A 53 -41.98 -21.73 8.46
N ASN A 54 -42.80 -20.74 8.78
CA ASN A 54 -43.53 -20.06 7.72
C ASN A 54 -42.65 -19.20 6.86
N ARG A 55 -42.92 -19.23 5.58
CA ARG A 55 -42.14 -18.48 4.60
C ARG A 55 -43.08 -17.50 3.88
N MET A 56 -42.88 -16.17 4.09
CA MET A 56 -43.77 -15.17 3.60
C MET A 56 -43.07 -14.30 2.60
N LEU A 57 -43.77 -13.94 1.54
CA LEU A 57 -43.28 -12.96 0.61
C LEU A 57 -43.42 -11.64 1.35
N ASP A 58 -42.31 -10.97 1.59
CA ASP A 58 -42.27 -9.76 2.44
C ASP A 58 -42.33 -8.49 1.62
N LEU A 59 -43.50 -7.84 1.60
CA LEU A 59 -43.70 -6.59 0.90
C LEU A 59 -43.70 -5.37 1.83
N TYR A 60 -43.13 -5.56 3.04
CA TYR A 60 -42.92 -4.50 4.03
C TYR A 60 -41.45 -4.18 4.29
N SER A 61 -40.58 -5.18 4.10
CA SER A 61 -39.12 -5.08 4.16
C SER A 61 -38.53 -4.28 5.42
N GLN A 62 -39.05 -4.59 6.60
CA GLN A 62 -38.55 -4.02 7.85
C GLN A 62 -38.77 -2.52 7.84
N ILE A 63 -40.02 -2.11 7.47
CA ILE A 63 -40.41 -0.72 7.35
C ILE A 63 -39.54 -0.02 6.27
N SER A 64 -39.45 -0.63 5.10
CA SER A 64 -38.79 -0.02 3.96
C SER A 64 -37.30 0.22 4.20
N SER A 65 -36.65 -0.72 4.89
CA SER A 65 -35.21 -0.54 5.31
C SER A 65 -34.25 -1.61 4.79
N ILE A 66 -34.74 -2.66 4.15
CA ILE A 66 -33.92 -3.75 3.60
C ILE A 66 -33.79 -3.51 2.09
N PRO A 67 -32.58 -3.18 1.63
CA PRO A 67 -32.54 -2.66 0.24
C PRO A 67 -32.54 -3.74 -0.84
N ILE A 68 -31.75 -4.78 -0.68
CA ILE A 68 -31.61 -5.83 -1.72
C ILE A 68 -31.88 -7.21 -1.22
N GLY A 69 -32.92 -7.27 -0.39
CA GLY A 69 -33.34 -8.53 0.13
C GLY A 69 -32.56 -9.18 1.22
N TYR A 70 -33.09 -10.29 1.76
CA TYR A 70 -32.43 -10.98 2.85
C TYR A 70 -31.27 -11.85 2.45
N SER A 71 -30.25 -11.87 3.28
CA SER A 71 -29.14 -12.81 3.04
C SER A 71 -28.57 -12.69 1.62
N HIS A 72 -28.34 -11.48 1.21
CA HIS A 72 -27.84 -11.25 -0.17
C HIS A 72 -26.43 -11.80 -0.31
N PRO A 73 -26.23 -12.71 -1.31
CA PRO A 73 -24.90 -13.33 -1.42
C PRO A 73 -23.71 -12.37 -1.55
N ALA A 74 -23.89 -11.21 -2.13
CA ALA A 74 -22.79 -10.24 -2.24
C ALA A 74 -22.45 -9.73 -0.84
N LEU A 75 -23.46 -9.61 0.05
CA LEU A 75 -23.23 -9.08 1.40
C LEU A 75 -22.65 -10.16 2.30
N VAL A 76 -23.11 -11.39 2.14
CA VAL A 76 -22.43 -12.56 2.74
C VAL A 76 -20.91 -12.55 2.48
N LYS A 77 -20.56 -12.40 1.21
CA LYS A 77 -19.15 -12.33 0.86
C LYS A 77 -18.36 -11.29 1.59
N LEU A 78 -18.91 -10.08 1.79
CA LEU A 78 -18.20 -9.04 2.58
C LEU A 78 -17.82 -9.47 3.98
N VAL A 79 -18.77 -10.09 4.65
CA VAL A 79 -18.56 -10.53 6.01
C VAL A 79 -17.55 -11.68 6.08
N GLN A 80 -17.49 -12.48 5.05
CA GLN A 80 -16.54 -13.55 5.00
C GLN A 80 -15.12 -13.08 4.74
N GLN A 81 -14.87 -11.88 4.19
CA GLN A 81 -13.51 -11.45 3.80
C GLN A 81 -12.72 -11.16 5.08
N PRO A 82 -11.59 -11.86 5.34
CA PRO A 82 -10.80 -11.58 6.51
C PRO A 82 -10.40 -10.12 6.72
N GLN A 83 -10.22 -9.43 5.66
CA GLN A 83 -9.82 -8.03 5.72
C GLN A 83 -10.87 -7.11 6.33
N ASN A 84 -12.13 -7.55 6.37
CA ASN A 84 -13.25 -6.76 6.86
C ASN A 84 -13.52 -6.92 8.33
N VAL A 85 -12.80 -7.81 8.99
CA VAL A 85 -13.08 -8.09 10.41
C VAL A 85 -12.94 -6.86 11.29
N SER A 86 -11.88 -6.07 11.11
CA SER A 86 -11.72 -4.84 11.88
C SER A 86 -12.86 -3.83 11.78
N THR A 87 -13.38 -3.68 10.58
CA THR A 87 -14.47 -2.81 10.39
C THR A 87 -15.69 -3.18 11.28
N PHE A 88 -15.92 -4.47 11.50
CA PHE A 88 -17.06 -4.94 12.33
C PHE A 88 -16.81 -4.88 13.81
N ILE A 89 -15.55 -4.84 14.27
CA ILE A 89 -15.26 -4.93 15.72
C ILE A 89 -14.56 -3.75 16.35
N ASN A 90 -14.15 -2.77 15.50
CA ASN A 90 -13.45 -1.63 15.98
C ASN A 90 -14.24 -0.43 15.54
N ARG A 91 -15.25 0.02 16.30
CA ARG A 91 -16.04 1.14 15.87
C ARG A 91 -15.40 2.49 16.26
N PRO A 92 -15.17 3.40 15.29
CA PRO A 92 -14.50 4.62 15.58
C PRO A 92 -15.44 5.72 15.99
N ALA A 93 -14.90 6.65 16.77
CA ALA A 93 -15.52 7.96 16.92
C ALA A 93 -15.19 8.70 15.65
N LEU A 94 -16.11 8.59 14.67
CA LEU A 94 -15.85 9.07 13.30
C LEU A 94 -15.59 10.55 13.18
N GLY A 95 -16.02 11.36 14.12
CA GLY A 95 -15.78 12.81 14.03
C GLY A 95 -14.34 13.22 14.37
N ILE A 96 -13.64 12.33 15.06
CA ILE A 96 -12.26 12.62 15.47
C ILE A 96 -11.23 11.62 14.95
N LEU A 97 -11.54 10.35 14.78
CA LEU A 97 -10.59 9.31 14.46
C LEU A 97 -11.07 8.37 13.36
N PRO A 98 -11.28 8.91 12.15
CA PRO A 98 -11.75 8.14 11.05
C PRO A 98 -10.76 7.07 10.57
N PRO A 99 -11.22 5.96 10.03
CA PRO A 99 -10.38 4.93 9.44
C PRO A 99 -9.77 5.41 8.14
N GLU A 100 -8.65 4.79 7.78
CA GLU A 100 -7.87 5.21 6.59
C GLU A 100 -8.79 5.29 5.40
N ASN A 101 -9.67 4.27 5.22
CA ASN A 101 -10.52 4.25 4.04
C ASN A 101 -11.79 5.07 4.09
N PHE A 102 -11.96 5.97 5.06
CA PHE A 102 -13.25 6.60 5.28
C PHE A 102 -13.72 7.32 4.01
N VAL A 103 -12.82 8.18 3.47
CA VAL A 103 -13.21 8.98 2.32
C VAL A 103 -13.43 8.15 1.07
N GLU A 104 -12.57 7.17 0.85
CA GLU A 104 -12.71 6.29 -0.32
C GLU A 104 -13.98 5.49 -0.30
N LYS A 105 -14.32 4.95 0.87
CA LYS A 105 -15.55 4.18 0.93
C LYS A 105 -16.79 5.09 0.81
N LEU A 106 -16.75 6.37 1.24
CA LEU A 106 -17.75 7.29 0.89
C LEU A 106 -17.84 7.60 -0.59
N ARG A 107 -16.68 7.61 -1.29
CA ARG A 107 -16.75 7.85 -2.74
C ARG A 107 -17.42 6.68 -3.43
N GLU A 108 -17.22 5.47 -2.92
CA GLU A 108 -17.77 4.26 -3.50
C GLU A 108 -19.28 4.16 -3.18
N SER A 109 -19.74 4.93 -2.20
CA SER A 109 -21.11 4.77 -1.70
C SER A 109 -21.92 6.07 -1.81
N LEU A 110 -22.10 6.78 -0.69
CA LEU A 110 -22.93 7.94 -0.67
C LEU A 110 -22.56 9.02 -1.67
N LEU A 111 -21.27 9.32 -1.79
CA LEU A 111 -20.95 10.41 -2.71
C LEU A 111 -21.26 10.05 -4.16
N SER A 112 -21.33 8.77 -4.45
CA SER A 112 -21.63 8.37 -5.83
C SER A 112 -23.09 8.62 -6.19
N VAL A 113 -23.96 8.88 -5.20
CA VAL A 113 -25.42 9.15 -5.41
C VAL A 113 -25.76 10.50 -4.85
N ALA A 114 -24.84 11.44 -4.73
CA ALA A 114 -25.16 12.72 -4.22
C ALA A 114 -26.26 13.36 -5.02
N PRO A 115 -27.21 14.02 -4.33
CA PRO A 115 -28.14 14.85 -5.07
C PRO A 115 -27.53 16.07 -5.71
N LYS A 116 -28.24 16.60 -6.71
CA LYS A 116 -27.74 17.74 -7.45
CA LYS A 116 -27.73 17.74 -7.46
C LYS A 116 -27.59 18.92 -6.55
N GLY A 117 -26.49 19.62 -6.72
CA GLY A 117 -26.29 20.89 -6.03
C GLY A 117 -25.68 20.79 -4.61
N MET A 118 -25.49 19.60 -4.10
CA MET A 118 -25.17 19.37 -2.69
C MET A 118 -23.80 18.74 -2.58
N SER A 119 -22.80 19.54 -2.27
CA SER A 119 -21.42 19.09 -2.24
C SER A 119 -21.00 18.51 -0.87
N GLN A 120 -21.83 18.74 0.14
CA GLN A 120 -21.46 18.37 1.49
C GLN A 120 -22.22 17.13 1.96
N LEU A 121 -21.61 16.43 2.90
CA LEU A 121 -22.20 15.19 3.44
C LEU A 121 -21.74 15.04 4.87
N ILE A 122 -22.69 14.85 5.79
CA ILE A 122 -22.41 14.45 7.17
C ILE A 122 -23.19 13.11 7.40
N THR A 123 -22.56 12.14 8.07
CA THR A 123 -23.16 10.85 8.32
C THR A 123 -23.71 10.83 9.75
N MET A 124 -24.83 10.10 9.87
CA MET A 124 -25.54 9.88 11.15
C MET A 124 -26.01 8.46 11.19
N ALA A 125 -26.28 7.93 12.40
CA ALA A 125 -26.71 6.51 12.48
C ALA A 125 -28.19 6.15 12.19
N CYS A 126 -29.08 7.12 12.22
CA CYS A 126 -30.48 6.85 12.00
C CYS A 126 -31.15 8.02 11.35
N GLY A 127 -32.37 7.80 10.96
CA GLY A 127 -33.12 8.93 10.41
C GLY A 127 -33.47 10.11 11.36
N SER A 128 -33.77 9.80 12.60
N SER A 128 -33.72 9.81 12.63
CA SER A 128 -34.07 10.82 13.62
CA SER A 128 -34.05 10.86 13.59
C SER A 128 -32.89 11.76 13.86
C SER A 128 -32.88 11.78 13.86
N CYS A 129 -31.68 11.21 14.05
CA CYS A 129 -30.51 12.06 14.28
C CYS A 129 -30.10 12.75 12.99
N SER A 130 -30.39 12.13 11.85
CA SER A 130 -30.21 12.90 10.59
C SER A 130 -31.09 14.15 10.58
N ASN A 131 -32.42 14.00 10.79
CA ASN A 131 -33.30 15.21 10.80
C ASN A 131 -32.98 16.16 11.89
N GLU A 132 -32.72 15.68 13.11
CA GLU A 132 -32.32 16.59 14.24
C GLU A 132 -31.12 17.46 13.85
N ASN A 133 -30.13 16.82 13.26
CA ASN A 133 -28.89 17.54 12.92
C ASN A 133 -29.07 18.39 11.69
N ALA A 134 -29.96 18.02 10.81
CA ALA A 134 -30.35 18.90 9.73
C ALA A 134 -31.02 20.14 10.22
N PHE A 135 -31.96 20.00 11.16
CA PHE A 135 -32.55 21.17 11.78
C PHE A 135 -31.48 22.10 12.38
N LYS A 136 -30.55 21.56 13.13
CA LYS A 136 -29.55 22.36 13.79
C LYS A 136 -28.65 23.03 12.73
N THR A 137 -28.28 22.26 11.72
CA THR A 137 -27.55 22.86 10.59
C THR A 137 -28.27 24.09 10.00
N ILE A 138 -29.57 23.97 9.83
CA ILE A 138 -30.42 25.05 9.35
C ILE A 138 -30.46 26.21 10.29
N PHE A 139 -30.66 25.95 11.56
CA PHE A 139 -30.70 27.07 12.53
C PHE A 139 -29.40 27.84 12.60
N MET A 140 -28.25 27.16 12.60
CA MET A 140 -26.90 27.81 12.61
C MET A 140 -26.72 28.61 11.31
N TRP A 141 -27.12 28.07 10.17
CA TRP A 141 -27.06 28.82 8.89
C TRP A 141 -27.90 30.09 8.93
N TYR A 142 -29.12 29.98 9.47
CA TYR A 142 -29.99 31.15 9.49
C TYR A 142 -29.43 32.24 10.38
N ARG A 143 -28.91 31.86 11.52
CA ARG A 143 -28.38 32.84 12.47
CA ARG A 143 -28.38 32.83 12.48
C ARG A 143 -27.13 33.44 11.89
N SER A 144 -26.37 32.64 11.17
CA SER A 144 -25.14 33.14 10.52
C SER A 144 -25.54 34.15 9.41
N LYS A 145 -26.65 33.95 8.73
CA LYS A 145 -27.08 34.98 7.73
C LYS A 145 -27.40 36.28 8.45
N GLU A 146 -28.03 36.15 9.60
CA GLU A 146 -28.47 37.34 10.32
C GLU A 146 -27.32 38.07 10.96
N ARG A 147 -26.28 37.40 11.37
CA ARG A 147 -25.21 38.16 11.98
C ARG A 147 -24.06 38.62 11.05
N GLY A 148 -24.08 38.36 9.75
CA GLY A 148 -22.86 38.65 8.98
C GLY A 148 -21.96 37.46 9.33
N GLU A 149 -20.66 37.53 9.62
CA GLU A 149 -19.70 38.67 9.78
C GLU A 149 -19.40 39.00 11.25
N SER A 150 -20.38 39.50 12.00
CA SER A 150 -20.16 39.69 13.44
C SER A 150 -19.83 38.38 14.14
N ALA A 151 -19.02 38.47 15.18
CA ALA A 151 -18.73 37.34 16.04
C ALA A 151 -19.99 37.02 16.89
N PHE A 152 -19.95 35.85 17.55
CA PHE A 152 -20.97 35.54 18.55
C PHE A 152 -20.85 36.69 19.55
N SER A 153 -21.97 37.22 20.00
CA SER A 153 -21.96 38.23 21.08
C SER A 153 -21.79 37.60 22.47
N LYS A 154 -21.32 38.43 23.40
CA LYS A 154 -21.14 37.98 24.77
C LYS A 154 -22.51 37.56 25.32
N GLU A 155 -23.56 38.28 24.97
CA GLU A 155 -24.88 37.97 25.51
C GLU A 155 -25.35 36.57 24.97
N GLU A 156 -25.13 36.38 23.68
CA GLU A 156 -25.45 35.05 23.06
C GLU A 156 -24.70 33.94 23.71
N LEU A 157 -23.40 34.12 23.93
CA LEU A 157 -22.56 33.08 24.54
C LEU A 157 -23.00 32.73 26.00
N GLU A 158 -23.44 33.74 26.72
CA GLU A 158 -23.91 33.56 28.08
C GLU A 158 -25.26 32.86 28.15
N THR A 159 -26.22 33.40 27.42
CA THR A 159 -27.63 32.94 27.44
C THR A 159 -27.81 31.54 26.85
N CYS A 160 -26.99 31.18 25.88
CA CYS A 160 -27.16 29.81 25.32
C CYS A 160 -26.90 28.70 26.28
N MET A 161 -26.00 28.88 27.23
CA MET A 161 -25.67 27.82 28.18
C MET A 161 -26.82 27.51 29.15
N ILE A 162 -27.67 28.52 29.34
CA ILE A 162 -28.84 28.44 30.25
C ILE A 162 -30.16 28.51 29.49
N ASN A 163 -30.13 28.06 28.23
CA ASN A 163 -31.37 27.82 27.44
C ASN A 163 -32.20 29.06 27.18
N GLN A 164 -31.54 30.23 27.07
CA GLN A 164 -32.26 31.47 26.85
C GLN A 164 -31.84 32.20 25.57
N ALA A 165 -32.75 33.05 25.09
CA ALA A 165 -32.51 33.97 23.98
C ALA A 165 -31.57 35.05 24.56
N PRO A 166 -30.71 35.63 23.73
CA PRO A 166 -30.67 35.46 22.31
C PRO A 166 -29.73 34.33 21.87
N GLY A 167 -29.08 33.67 22.82
CA GLY A 167 -28.20 32.56 22.51
C GLY A 167 -28.98 31.39 21.89
N CYS A 168 -30.15 31.13 22.43
CA CYS A 168 -31.05 30.12 21.94
C CYS A 168 -32.16 30.86 21.26
N PRO A 169 -32.15 30.92 19.93
CA PRO A 169 -33.21 31.69 19.26
C PRO A 169 -34.57 30.95 19.29
N ASP A 170 -35.61 31.68 18.96
CA ASP A 170 -36.95 31.12 18.90
C ASP A 170 -37.38 30.82 17.48
N TYR A 171 -36.46 30.30 16.69
CA TYR A 171 -36.81 29.92 15.34
C TYR A 171 -37.61 28.62 15.26
N SER A 172 -38.24 28.41 14.12
CA SER A 172 -39.10 27.26 13.86
C SER A 172 -38.71 26.57 12.57
N ILE A 173 -39.15 25.33 12.48
CA ILE A 173 -39.17 24.53 11.23
C ILE A 173 -40.62 24.37 10.92
N LEU A 174 -41.01 24.67 9.71
CA LEU A 174 -42.37 24.45 9.22
C LEU A 174 -42.50 23.01 8.71
N SER A 175 -43.56 22.35 9.17
CA SER A 175 -43.83 20.95 8.77
C SER A 175 -45.28 20.78 8.33
N PHE A 176 -45.64 19.61 7.81
CA PHE A 176 -46.97 19.36 7.24
C PHE A 176 -47.79 18.38 8.06
N MET A 177 -49.09 18.62 8.09
CA MET A 177 -50.06 17.63 8.60
C MET A 177 -49.88 16.34 7.81
N GLY A 178 -49.86 15.22 8.53
CA GLY A 178 -49.64 13.91 8.01
C GLY A 178 -48.15 13.46 7.92
N ALA A 179 -47.23 14.36 8.27
CA ALA A 179 -45.77 14.11 8.16
C ALA A 179 -45.28 13.11 9.17
N PHE A 180 -44.16 12.49 8.88
CA PHE A 180 -43.46 11.71 9.86
C PHE A 180 -42.00 11.90 9.60
N HIS A 181 -41.31 12.37 10.64
CA HIS A 181 -39.89 12.72 10.52
C HIS A 181 -39.06 12.15 11.64
N GLY A 182 -39.66 11.31 12.50
CA GLY A 182 -38.95 10.74 13.60
C GLY A 182 -39.59 11.09 14.90
N ARG A 183 -39.03 10.48 15.95
CA ARG A 183 -39.73 10.62 17.28
C ARG A 183 -38.89 11.16 18.46
N THR A 184 -37.64 11.54 18.24
CA THR A 184 -36.89 12.29 19.23
C THR A 184 -37.57 13.66 19.35
N MET A 185 -37.30 14.47 20.36
CA MET A 185 -38.16 15.57 20.64
C MET A 185 -38.17 16.69 19.59
N GLY A 186 -37.08 16.92 18.86
CA GLY A 186 -37.12 17.88 17.78
C GLY A 186 -37.88 17.36 16.55
N CYS A 187 -37.52 16.11 16.11
CA CYS A 187 -38.19 15.43 15.00
C CYS A 187 -39.68 15.37 15.27
N LEU A 188 -40.01 15.07 16.52
CA LEU A 188 -41.40 14.82 16.83
C LEU A 188 -42.30 16.02 16.63
N ALA A 189 -41.78 17.22 16.93
CA ALA A 189 -42.56 18.41 16.72
C ALA A 189 -42.96 18.59 15.26
N THR A 190 -42.14 18.07 14.31
CA THR A 190 -42.46 18.11 12.90
C THR A 190 -43.27 16.91 12.43
N THR A 191 -43.55 15.96 13.32
CA THR A 191 -44.29 14.75 12.99
C THR A 191 -45.75 14.96 13.36
N HIS A 192 -46.64 14.56 12.46
CA HIS A 192 -48.07 14.74 12.60
C HIS A 192 -48.80 13.56 11.98
N SER A 193 -48.38 12.38 12.39
CA SER A 193 -48.81 11.13 11.83
C SER A 193 -50.02 10.48 12.51
N LYS A 194 -49.93 10.19 13.82
CA LYS A 194 -50.98 9.57 14.57
C LYS A 194 -50.87 10.07 15.97
N ALA A 195 -51.99 10.19 16.65
CA ALA A 195 -51.96 10.81 17.97
C ALA A 195 -51.12 10.03 18.97
N ILE A 196 -51.12 8.74 18.87
CA ILE A 196 -50.43 7.91 19.86
C ILE A 196 -48.92 8.15 19.77
N HIS A 197 -48.43 8.61 18.60
CA HIS A 197 -47.00 8.93 18.46
C HIS A 197 -46.62 10.20 19.23
N LYS A 198 -47.61 11.09 19.41
CA LYS A 198 -47.44 12.50 19.86
C LYS A 198 -47.86 12.73 21.30
N ILE A 199 -48.87 11.98 21.75
CA ILE A 199 -49.57 12.36 23.02
C ILE A 199 -48.63 12.25 24.23
N ASP A 200 -48.75 13.28 25.10
CA ASP A 200 -48.10 13.42 26.41
C ASP A 200 -46.64 13.88 26.33
N ILE A 201 -46.17 14.26 25.14
CA ILE A 201 -44.82 14.72 24.97
C ILE A 201 -44.77 16.21 24.73
N PRO A 202 -43.90 16.93 25.46
CA PRO A 202 -43.75 18.37 25.21
C PRO A 202 -43.30 18.63 23.73
N SER A 203 -43.69 19.77 23.22
CA SER A 203 -43.49 20.09 21.83
C SER A 203 -43.00 21.48 21.65
N PHE A 204 -42.94 21.91 20.38
CA PHE A 204 -42.57 23.25 20.00
C PHE A 204 -43.76 23.87 19.28
N ASP A 205 -43.98 25.16 19.47
CA ASP A 205 -44.96 25.92 18.67
C ASP A 205 -44.36 26.36 17.34
N TRP A 206 -44.40 25.43 16.39
CA TRP A 206 -43.87 25.64 15.04
C TRP A 206 -45.02 25.48 14.05
N PRO A 207 -44.99 26.18 12.91
CA PRO A 207 -46.14 26.18 12.02
C PRO A 207 -46.36 24.85 11.35
N ILE A 208 -47.61 24.51 11.13
CA ILE A 208 -48.01 23.26 10.54
C ILE A 208 -48.97 23.53 9.40
N ALA A 209 -48.54 23.18 8.20
CA ALA A 209 -49.30 23.44 6.98
C ALA A 209 -50.03 22.23 6.51
N PRO A 210 -51.10 22.40 5.73
CA PRO A 210 -51.82 21.24 5.18
C PRO A 210 -51.02 20.65 4.00
N PHE A 211 -50.93 19.33 3.95
CA PHE A 211 -50.37 18.67 2.79
C PHE A 211 -51.53 18.34 1.84
N PRO A 212 -51.32 18.52 0.51
CA PRO A 212 -52.45 18.25 -0.36
C PRO A 212 -53.09 16.87 -0.18
N ARG A 213 -54.42 16.81 -0.26
CA ARG A 213 -55.10 15.55 -0.37
C ARG A 213 -55.63 15.40 -1.79
N LEU A 214 -54.93 14.63 -2.62
CA LEU A 214 -55.40 14.41 -4.00
C LEU A 214 -56.64 13.54 -4.03
N LYS A 215 -57.46 13.78 -5.06
CA LYS A 215 -58.64 12.99 -5.36
C LYS A 215 -58.37 12.05 -6.57
N TYR A 216 -58.88 10.84 -6.52
CA TYR A 216 -58.63 9.78 -7.47
C TYR A 216 -59.93 9.37 -8.11
N PRO A 217 -59.92 9.04 -9.40
CA PRO A 217 -58.76 8.95 -10.28
C PRO A 217 -58.25 10.30 -10.63
N LEU A 218 -56.93 10.48 -10.70
CA LEU A 218 -56.35 11.77 -10.97
C LEU A 218 -56.89 12.46 -12.26
N GLU A 219 -57.15 11.70 -13.31
CA GLU A 219 -57.56 12.30 -14.59
C GLU A 219 -58.93 12.84 -14.47
N GLU A 220 -59.69 12.39 -13.49
CA GLU A 220 -61.05 12.94 -13.33
C GLU A 220 -61.17 14.10 -12.35
N PHE A 221 -60.04 14.53 -11.80
CA PHE A 221 -60.00 15.62 -10.85
C PHE A 221 -58.91 16.62 -11.18
N VAL A 222 -58.70 16.93 -12.48
CA VAL A 222 -57.56 17.78 -12.84
C VAL A 222 -57.57 19.17 -12.20
N LYS A 223 -58.63 19.92 -12.41
CA LYS A 223 -58.78 21.23 -11.76
C LYS A 223 -58.80 21.19 -10.24
N GLU A 224 -59.55 20.26 -9.66
CA GLU A 224 -59.73 20.18 -8.20
C GLU A 224 -58.37 19.95 -7.54
N ASN A 225 -57.58 19.05 -8.13
CA ASN A 225 -56.25 18.73 -7.57
C ASN A 225 -55.31 19.90 -7.78
N GLN A 226 -55.38 20.62 -8.89
CA GLN A 226 -54.59 21.83 -9.01
C GLN A 226 -54.97 22.85 -7.95
N GLN A 227 -56.27 22.99 -7.71
CA GLN A 227 -56.76 23.96 -6.75
C GLN A 227 -56.37 23.66 -5.30
N GLU A 228 -56.40 22.37 -5.03
CA GLU A 228 -56.04 21.84 -3.69
C GLU A 228 -54.57 22.10 -3.44
N GLU A 229 -53.72 21.81 -4.42
CA GLU A 229 -52.32 22.09 -4.25
C GLU A 229 -52.09 23.60 -4.13
N ALA A 230 -52.77 24.42 -4.96
CA ALA A 230 -52.58 25.85 -4.82
C ALA A 230 -52.99 26.37 -3.44
N ARG A 231 -54.10 25.90 -2.91
CA ARG A 231 -54.54 26.29 -1.58
C ARG A 231 -53.46 25.95 -0.55
N CYS A 232 -52.87 24.76 -0.64
CA CYS A 232 -51.84 24.41 0.36
C CYS A 232 -50.60 25.30 0.28
N LEU A 233 -50.17 25.58 -0.94
CA LEU A 233 -49.02 26.46 -1.15
C LEU A 233 -49.29 27.84 -0.55
N GLU A 234 -50.50 28.37 -0.81
CA GLU A 234 -50.86 29.68 -0.20
C GLU A 234 -50.81 29.65 1.33
N GLU A 235 -51.26 28.56 1.94
CA GLU A 235 -51.30 28.47 3.38
C GLU A 235 -49.92 28.34 3.96
N VAL A 236 -49.03 27.68 3.23
CA VAL A 236 -47.60 27.64 3.64
C VAL A 236 -47.09 29.07 3.70
N GLU A 237 -47.34 29.84 2.65
CA GLU A 237 -46.69 31.15 2.60
C GLU A 237 -47.25 32.04 3.68
N ASP A 238 -48.56 31.99 3.85
CA ASP A 238 -49.21 32.67 4.99
C ASP A 238 -48.64 32.30 6.36
N LEU A 239 -48.31 31.02 6.59
CA LEU A 239 -47.72 30.63 7.85
C LEU A 239 -46.36 31.20 8.04
N ILE A 240 -45.54 31.26 6.98
CA ILE A 240 -44.22 31.82 7.09
C ILE A 240 -44.33 33.32 7.51
N VAL A 241 -45.27 34.02 6.89
CA VAL A 241 -45.49 35.45 7.20
C VAL A 241 -45.98 35.60 8.65
N LYS A 242 -46.89 34.74 9.04
CA LYS A 242 -47.47 34.80 10.36
C LYS A 242 -46.40 34.54 11.43
N TYR A 243 -45.59 33.49 11.21
CA TYR A 243 -44.58 33.17 12.19
C TYR A 243 -43.42 34.18 12.23
N ARG A 244 -43.16 34.90 11.13
CA ARG A 244 -42.15 35.96 11.16
C ARG A 244 -42.68 37.09 12.07
N LYS A 245 -43.97 37.41 11.98
CA LYS A 245 -44.56 38.45 12.86
C LYS A 245 -44.62 38.05 14.33
N LYS A 246 -44.80 36.75 14.61
CA LYS A 246 -44.66 36.18 15.94
C LYS A 246 -43.26 36.18 16.57
N LYS A 247 -42.24 36.57 15.81
CA LYS A 247 -40.85 36.49 16.23
C LYS A 247 -40.43 35.02 16.44
N LYS A 248 -40.97 34.17 15.57
CA LYS A 248 -40.64 32.72 15.56
C LYS A 248 -40.36 32.33 14.12
N THR A 249 -39.38 33.05 13.54
CA THR A 249 -39.05 33.02 12.16
C THR A 249 -38.81 31.59 11.70
N VAL A 250 -39.42 31.28 10.57
CA VAL A 250 -39.26 29.95 9.93
C VAL A 250 -37.91 29.89 9.26
N ALA A 251 -37.02 29.09 9.83
CA ALA A 251 -35.69 28.97 9.30
C ALA A 251 -35.62 27.89 8.21
N GLY A 252 -36.52 26.91 8.27
CA GLY A 252 -36.55 25.82 7.30
C GLY A 252 -37.94 25.28 7.15
N ILE A 253 -38.14 24.56 6.04
CA ILE A 253 -39.35 23.82 5.72
C ILE A 253 -38.94 22.35 5.50
N ILE A 254 -39.56 21.42 6.24
CA ILE A 254 -39.26 19.99 6.06
C ILE A 254 -40.46 19.34 5.40
N VAL A 255 -40.22 18.46 4.43
CA VAL A 255 -41.25 17.70 3.75
C VAL A 255 -40.75 16.37 3.23
N GLU A 256 -41.64 15.38 3.19
CA GLU A 256 -41.35 14.09 2.53
C GLU A 256 -41.82 14.19 1.05
N PRO A 257 -41.07 13.57 0.12
CA PRO A 257 -41.60 13.55 -1.28
C PRO A 257 -42.94 12.82 -1.46
N ILE A 258 -43.18 11.80 -0.62
CA ILE A 258 -44.45 11.10 -0.50
C ILE A 258 -44.55 10.88 1.00
N GLN A 259 -45.67 11.30 1.61
CA GLN A 259 -45.82 11.06 3.11
C GLN A 259 -46.07 9.59 3.29
N SER A 260 -45.34 8.95 4.18
CA SER A 260 -45.37 7.50 4.42
C SER A 260 -46.26 7.12 5.61
N GLU A 261 -45.73 7.24 6.82
N GLU A 261 -45.76 7.17 6.85
CA GLU A 261 -46.45 6.76 8.01
CA GLU A 261 -46.58 6.65 7.97
C GLU A 261 -47.85 7.41 8.14
C GLU A 261 -47.91 7.40 8.13
N GLY A 262 -47.98 8.67 7.72
CA GLY A 262 -49.25 9.36 7.80
C GLY A 262 -50.27 9.03 6.76
N GLY A 263 -49.96 8.09 5.83
CA GLY A 263 -50.99 7.58 4.88
C GLY A 263 -50.65 7.53 3.37
N ASP A 264 -49.38 7.48 3.01
CA ASP A 264 -48.98 7.37 1.57
C ASP A 264 -49.72 8.47 0.81
N ASN A 265 -49.49 9.69 1.24
CA ASN A 265 -50.06 10.88 0.54
C ASN A 265 -49.05 11.40 -0.47
N HIS A 266 -49.53 11.50 -1.72
CA HIS A 266 -48.75 12.02 -2.83
C HIS A 266 -49.17 13.42 -3.21
N ALA A 267 -48.27 14.12 -3.91
CA ALA A 267 -48.57 15.43 -4.52
C ALA A 267 -47.83 15.53 -5.86
N SER A 268 -48.20 16.51 -6.71
CA SER A 268 -47.63 16.51 -8.03
C SER A 268 -46.19 17.05 -7.93
N ASP A 269 -45.42 16.76 -8.95
CA ASP A 269 -44.06 17.29 -9.01
C ASP A 269 -44.07 18.79 -9.05
N ASP A 270 -45.07 19.34 -9.75
CA ASP A 270 -45.29 20.82 -9.76
C ASP A 270 -45.44 21.45 -8.35
N PHE A 271 -46.19 20.75 -7.46
CA PHE A 271 -46.37 21.21 -6.10
C PHE A 271 -45.02 21.34 -5.41
N PHE A 272 -44.19 20.30 -5.54
CA PHE A 272 -42.88 20.38 -4.95
C PHE A 272 -41.97 21.49 -5.49
N ARG A 273 -41.96 21.69 -6.81
CA ARG A 273 -41.15 22.74 -7.42
C ARG A 273 -41.60 24.08 -6.90
N LYS A 274 -42.91 24.27 -6.78
CA LYS A 274 -43.43 25.51 -6.24
C LYS A 274 -43.15 25.72 -4.76
N LEU A 275 -43.21 24.65 -3.98
CA LEU A 275 -42.85 24.67 -2.58
C LEU A 275 -41.42 25.05 -2.39
N ARG A 276 -40.53 24.51 -3.25
CA ARG A 276 -39.12 24.78 -3.21
C ARG A 276 -38.89 26.30 -3.45
N ASP A 277 -39.66 26.86 -4.37
CA ASP A 277 -39.51 28.28 -4.72
C ASP A 277 -40.01 29.16 -3.60
N ILE A 278 -41.08 28.76 -2.87
CA ILE A 278 -41.57 29.50 -1.71
C ILE A 278 -40.51 29.53 -0.67
N SER A 279 -39.89 28.36 -0.44
CA SER A 279 -38.88 28.28 0.55
C SER A 279 -37.75 29.30 0.24
N ARG A 280 -37.24 29.29 -0.99
N ARG A 280 -37.22 29.29 -0.98
CA ARG A 280 -36.15 30.19 -1.37
CA ARG A 280 -36.13 30.21 -1.33
C ARG A 280 -36.55 31.66 -1.20
C ARG A 280 -36.55 31.68 -1.19
N LYS A 281 -37.77 31.98 -1.65
CA LYS A 281 -38.31 33.33 -1.60
C LYS A 281 -38.33 33.91 -0.21
N HIS A 282 -38.63 33.08 0.80
CA HIS A 282 -38.60 33.57 2.20
C HIS A 282 -37.34 33.33 3.00
N GLY A 283 -36.32 32.82 2.32
CA GLY A 283 -34.99 32.62 2.86
C GLY A 283 -35.10 31.42 3.85
N CYS A 284 -36.04 30.53 3.63
CA CYS A 284 -36.19 29.26 4.43
C CYS A 284 -35.31 28.18 3.78
N ALA A 285 -34.54 27.43 4.54
CA ALA A 285 -33.90 26.25 3.95
C ALA A 285 -34.95 25.21 3.55
N PHE A 286 -34.78 24.52 2.42
CA PHE A 286 -35.73 23.49 2.02
C PHE A 286 -35.05 22.16 2.28
N LEU A 287 -35.65 21.47 3.27
CA LEU A 287 -35.19 20.19 3.79
C LEU A 287 -36.06 19.06 3.33
N VAL A 288 -35.56 18.20 2.45
CA VAL A 288 -36.27 17.04 1.94
C VAL A 288 -35.89 15.79 2.72
N ASP A 289 -36.87 15.12 3.33
CA ASP A 289 -36.68 13.94 4.11
C ASP A 289 -36.95 12.72 3.24
N GLU A 290 -35.86 12.09 2.81
CA GLU A 290 -35.90 10.92 1.97
C GLU A 290 -35.58 9.67 2.75
N VAL A 291 -35.76 9.69 4.09
CA VAL A 291 -35.46 8.51 4.86
C VAL A 291 -36.21 7.29 4.31
N GLN A 292 -37.51 7.46 3.98
CA GLN A 292 -38.28 6.36 3.46
C GLN A 292 -38.39 6.32 1.94
N THR A 293 -38.42 7.50 1.29
CA THR A 293 -38.53 7.44 -0.19
C THR A 293 -37.21 7.16 -0.90
N GLY A 294 -36.12 7.39 -0.21
CA GLY A 294 -34.80 7.27 -0.78
C GLY A 294 -34.35 5.81 -0.93
N GLY A 295 -33.51 5.58 -1.94
CA GLY A 295 -32.92 4.31 -2.20
C GLY A 295 -33.53 3.47 -3.31
N GLY A 296 -34.39 4.05 -4.12
CA GLY A 296 -34.68 3.53 -5.43
C GLY A 296 -36.07 3.04 -5.74
N SER A 297 -36.97 2.89 -4.71
CA SER A 297 -38.20 2.18 -4.95
CA SER A 297 -38.22 2.22 -4.91
C SER A 297 -39.16 2.96 -5.85
N THR A 298 -38.99 4.29 -5.94
CA THR A 298 -39.83 5.08 -6.83
C THR A 298 -39.40 5.02 -8.28
N GLY A 299 -38.28 4.32 -8.54
CA GLY A 299 -37.72 4.19 -9.88
C GLY A 299 -36.60 5.16 -10.20
N LYS A 300 -36.33 6.09 -9.30
CA LYS A 300 -35.13 6.98 -9.31
C LYS A 300 -34.52 6.82 -7.92
N PHE A 301 -33.23 7.00 -7.84
CA PHE A 301 -32.52 6.75 -6.55
C PHE A 301 -33.13 7.57 -5.41
N TRP A 302 -33.27 8.88 -5.64
CA TRP A 302 -33.94 9.76 -4.71
C TRP A 302 -35.27 10.12 -5.33
N ALA A 303 -36.38 10.10 -4.57
CA ALA A 303 -37.64 10.44 -5.15
C ALA A 303 -37.73 11.84 -5.69
N HIS A 304 -37.02 12.77 -5.05
CA HIS A 304 -37.07 14.17 -5.52
C HIS A 304 -36.47 14.34 -6.92
N GLU A 305 -35.75 13.35 -7.40
CA GLU A 305 -35.19 13.44 -8.78
C GLU A 305 -36.34 13.53 -9.78
N HIS A 306 -37.52 12.98 -9.47
CA HIS A 306 -38.66 13.09 -10.37
C HIS A 306 -39.02 14.57 -10.63
N TRP A 307 -38.66 15.46 -9.72
CA TRP A 307 -39.11 16.82 -9.85
C TRP A 307 -38.40 17.51 -11.05
N GLY A 308 -37.22 17.00 -11.40
CA GLY A 308 -36.45 17.54 -12.55
C GLY A 308 -35.71 18.83 -12.27
N LEU A 309 -35.35 19.10 -11.02
CA LEU A 309 -34.69 20.34 -10.68
C LEU A 309 -33.16 20.23 -10.55
N ASP A 310 -32.45 21.24 -11.05
CA ASP A 310 -31.03 21.38 -10.75
C ASP A 310 -30.71 21.81 -9.31
N ASP A 311 -31.64 22.47 -8.67
CA ASP A 311 -31.50 22.95 -7.31
C ASP A 311 -32.78 22.43 -6.55
N PRO A 312 -32.80 21.14 -6.22
CA PRO A 312 -34.04 20.59 -5.67
C PRO A 312 -34.22 20.88 -4.21
N ALA A 313 -33.11 21.11 -3.50
CA ALA A 313 -33.24 21.33 -2.03
C ALA A 313 -31.95 21.87 -1.49
N ASP A 314 -32.01 22.35 -0.24
CA ASP A 314 -30.80 22.77 0.45
C ASP A 314 -30.14 21.68 1.25
N VAL A 315 -31.02 20.79 1.80
CA VAL A 315 -30.56 19.70 2.74
C VAL A 315 -31.44 18.50 2.41
N MET A 316 -30.91 17.29 2.42
CA MET A 316 -31.66 16.07 2.18
C MET A 316 -31.16 14.99 3.09
N THR A 317 -32.09 14.50 3.92
CA THR A 317 -31.77 13.43 4.87
C THR A 317 -32.13 12.07 4.32
N PHE A 318 -31.50 11.06 4.86
CA PHE A 318 -31.69 9.66 4.47
C PHE A 318 -31.35 8.70 5.59
N SER A 319 -31.81 7.46 5.45
CA SER A 319 -31.50 6.32 6.35
C SER A 319 -32.19 5.06 5.76
N LYS A 320 -32.72 4.19 6.61
CA LYS A 320 -33.39 2.94 6.21
C LYS A 320 -32.61 2.19 5.15
N LYS A 321 -33.08 2.14 3.89
CA LYS A 321 -32.41 1.36 2.86
C LYS A 321 -30.94 1.69 2.67
N MET A 322 -30.60 2.91 3.07
CA MET A 322 -29.23 3.41 2.96
C MET A 322 -28.28 2.81 3.97
N MET A 323 -28.81 2.00 4.91
CA MET A 323 -28.04 1.28 5.90
CA MET A 323 -28.05 1.28 5.91
C MET A 323 -27.53 2.19 7.02
N THR A 324 -26.89 3.28 6.62
CA THR A 324 -26.55 4.39 7.45
C THR A 324 -27.49 5.56 7.23
N GLY A 325 -27.56 6.47 8.18
CA GLY A 325 -28.14 7.75 7.96
C GLY A 325 -27.15 8.85 7.61
N GLY A 326 -27.64 10.08 7.55
CA GLY A 326 -26.90 11.28 7.27
C GLY A 326 -27.70 12.30 6.54
N PHE A 327 -26.99 13.35 6.07
CA PHE A 327 -27.68 14.30 5.22
C PHE A 327 -26.66 14.94 4.23
N PHE A 328 -27.14 15.10 3.02
CA PHE A 328 -26.41 15.90 1.97
C PHE A 328 -26.85 17.31 2.16
N HIS A 329 -25.95 18.31 1.86
CA HIS A 329 -26.37 19.67 1.91
C HIS A 329 -25.51 20.57 1.00
N LYS A 330 -26.07 21.72 0.64
CA LYS A 330 -25.32 22.74 -0.07
CA LYS A 330 -25.32 22.75 -0.06
C LYS A 330 -24.14 23.31 0.72
N GLU A 331 -23.09 23.72 0.00
CA GLU A 331 -21.90 24.26 0.61
C GLU A 331 -22.14 25.35 1.57
N GLU A 332 -23.09 26.24 1.24
CA GLU A 332 -23.46 27.37 2.09
C GLU A 332 -23.99 26.95 3.47
N PHE A 333 -24.40 25.67 3.62
CA PHE A 333 -24.87 25.21 4.92
C PHE A 333 -23.83 24.58 5.79
N ARG A 334 -22.60 24.50 5.30
CA ARG A 334 -21.54 23.93 6.04
C ARG A 334 -21.38 24.61 7.41
N PRO A 335 -21.32 23.84 8.51
CA PRO A 335 -21.05 24.52 9.77
C PRO A 335 -19.73 25.27 9.76
N ASN A 336 -19.79 26.45 10.36
CA ASN A 336 -18.72 27.39 10.41
C ASN A 336 -17.59 26.98 11.36
N ALA A 337 -17.87 26.13 12.34
CA ALA A 337 -16.92 25.65 13.33
C ALA A 337 -17.25 24.19 13.72
N PRO A 338 -16.25 23.46 14.20
CA PRO A 338 -16.44 22.10 14.65
C PRO A 338 -17.16 22.00 15.96
N TYR A 339 -17.61 20.77 16.27
CA TYR A 339 -18.24 20.44 17.56
C TYR A 339 -19.61 21.11 17.69
N ARG A 340 -20.23 21.49 16.56
CA ARG A 340 -21.57 21.99 16.59
C ARG A 340 -22.50 20.86 16.11
N ILE A 341 -22.14 20.24 14.99
CA ILE A 341 -22.79 19.05 14.48
C ILE A 341 -21.86 17.89 14.76
N PHE A 342 -22.18 17.06 15.75
CA PHE A 342 -21.23 16.07 16.24
C PHE A 342 -21.99 15.09 17.13
N ASN A 343 -21.52 13.87 17.18
CA ASN A 343 -21.87 12.92 18.25
C ASN A 343 -20.76 11.87 18.27
N THR A 344 -20.86 10.85 19.14
CA THR A 344 -19.80 9.90 19.30
C THR A 344 -19.50 9.14 18.04
N TRP A 345 -20.51 8.57 17.40
CA TRP A 345 -20.28 7.63 16.32
C TRP A 345 -20.52 8.15 14.89
N LEU A 346 -21.48 9.07 14.71
CA LEU A 346 -21.74 9.65 13.38
C LEU A 346 -21.93 8.59 12.29
N GLY A 347 -22.65 7.55 12.62
CA GLY A 347 -22.89 6.40 11.73
C GLY A 347 -21.97 5.30 12.17
N ASP A 348 -21.51 4.49 11.23
CA ASP A 348 -20.77 3.31 11.51
C ASP A 348 -20.12 2.89 10.17
N PRO A 349 -18.81 2.75 10.12
CA PRO A 349 -18.15 2.29 8.85
C PRO A 349 -18.58 0.91 8.33
N SER A 350 -19.03 0.02 9.21
CA SER A 350 -19.59 -1.27 8.81
C SER A 350 -20.79 -1.07 7.92
N LYS A 351 -21.58 -0.05 8.18
CA LYS A 351 -22.75 0.17 7.34
C LYS A 351 -22.34 0.75 6.01
N ASN A 352 -21.31 1.59 5.99
CA ASN A 352 -20.83 2.16 4.69
C ASN A 352 -20.21 1.05 3.84
N LEU A 353 -19.55 0.08 4.45
CA LEU A 353 -18.97 -1.10 3.74
C LEU A 353 -20.12 -1.85 3.02
N LEU A 354 -21.22 -2.11 3.76
CA LEU A 354 -22.34 -2.81 3.19
C LEU A 354 -22.95 -1.92 2.11
N LEU A 355 -23.17 -0.63 2.37
CA LEU A 355 -23.88 0.21 1.43
C LEU A 355 -23.12 0.28 0.09
N ALA A 356 -21.79 0.37 0.11
CA ALA A 356 -21.06 0.42 -1.15
C ALA A 356 -21.36 -0.77 -2.02
N GLU A 357 -21.46 -1.96 -1.45
CA GLU A 357 -21.86 -3.17 -2.21
C GLU A 357 -23.32 -3.12 -2.64
N VAL A 358 -24.20 -2.65 -1.74
CA VAL A 358 -25.62 -2.42 -2.11
C VAL A 358 -25.75 -1.52 -3.36
N ILE A 359 -25.03 -0.40 -3.34
CA ILE A 359 -25.11 0.55 -4.47
C ILE A 359 -24.57 -0.11 -5.78
N ASN A 360 -23.47 -0.83 -5.66
CA ASN A 360 -22.91 -1.62 -6.83
C ASN A 360 -23.96 -2.55 -7.43
N ILE A 361 -24.65 -3.31 -6.55
CA ILE A 361 -25.71 -4.25 -6.98
C ILE A 361 -26.86 -3.46 -7.63
N ILE A 362 -27.27 -2.34 -7.07
CA ILE A 362 -28.37 -1.58 -7.62
C ILE A 362 -28.04 -1.13 -9.09
N LYS A 363 -26.79 -0.70 -9.31
CA LYS A 363 -26.30 -0.26 -10.64
C LYS A 363 -26.17 -1.44 -11.53
N ARG A 364 -25.50 -2.50 -11.10
CA ARG A 364 -25.20 -3.61 -12.01
C ARG A 364 -26.45 -4.39 -12.43
N GLU A 365 -27.43 -4.55 -11.53
CA GLU A 365 -28.68 -5.30 -11.78
C GLU A 365 -29.82 -4.39 -12.26
N ASP A 366 -29.56 -3.11 -12.46
CA ASP A 366 -30.47 -2.14 -13.11
C ASP A 366 -31.69 -2.10 -12.26
N LEU A 367 -31.49 -2.06 -10.92
CA LEU A 367 -32.68 -2.12 -10.04
C LEU A 367 -33.57 -0.87 -9.94
N LEU A 368 -33.10 0.33 -10.30
CA LEU A 368 -33.99 1.49 -10.43
C LEU A 368 -35.07 1.24 -11.45
N SER A 369 -34.67 0.86 -12.64
CA SER A 369 -35.57 0.59 -13.69
C SER A 369 -36.36 -0.63 -13.37
N ASN A 370 -35.82 -1.59 -12.65
CA ASN A 370 -36.61 -2.73 -12.31
C ASN A 370 -37.79 -2.27 -11.39
N ALA A 371 -37.52 -1.36 -10.46
CA ALA A 371 -38.57 -0.94 -9.53
C ALA A 371 -39.67 -0.20 -10.28
N ALA A 372 -39.34 0.64 -11.25
CA ALA A 372 -40.40 1.24 -12.10
C ALA A 372 -41.28 0.21 -12.78
N HIS A 373 -40.67 -0.86 -13.33
CA HIS A 373 -41.37 -1.88 -14.05
C HIS A 373 -42.22 -2.74 -13.11
N ALA A 374 -41.61 -3.28 -12.05
CA ALA A 374 -42.31 -4.15 -11.15
C ALA A 374 -43.43 -3.37 -10.49
N GLY A 375 -43.17 -2.09 -10.23
CA GLY A 375 -44.17 -1.20 -9.66
C GLY A 375 -45.34 -0.97 -10.57
N LYS A 376 -45.09 -0.73 -11.87
CA LYS A 376 -46.20 -0.62 -12.85
C LYS A 376 -47.04 -1.89 -12.93
N VAL A 377 -46.45 -3.08 -12.90
CA VAL A 377 -47.14 -4.33 -12.90
C VAL A 377 -48.01 -4.48 -11.64
N LEU A 378 -47.40 -4.15 -10.49
CA LEU A 378 -48.20 -4.09 -9.25
C LEU A 378 -49.37 -3.16 -9.37
N LEU A 379 -49.12 -1.94 -9.75
CA LEU A 379 -50.16 -0.90 -9.77
C LEU A 379 -51.29 -1.29 -10.72
N THR A 380 -50.93 -1.80 -11.89
CA THR A 380 -51.95 -2.29 -12.85
C THR A 380 -52.86 -3.34 -12.22
N GLY A 381 -52.24 -4.29 -11.49
CA GLY A 381 -53.00 -5.31 -10.86
C GLY A 381 -53.90 -4.76 -9.73
N LEU A 382 -53.38 -3.79 -9.00
CA LEU A 382 -54.16 -3.17 -7.93
C LEU A 382 -55.34 -2.46 -8.55
N LEU A 383 -55.14 -1.83 -9.70
CA LEU A 383 -56.26 -1.14 -10.39
C LEU A 383 -57.29 -2.13 -10.82
N ASP A 384 -56.88 -3.31 -11.29
CA ASP A 384 -57.83 -4.33 -11.66
C ASP A 384 -58.63 -4.71 -10.41
N LEU A 385 -57.95 -4.96 -9.31
CA LEU A 385 -58.66 -5.34 -8.11
C LEU A 385 -59.58 -4.25 -7.62
N GLN A 386 -59.19 -3.02 -7.75
CA GLN A 386 -60.05 -1.88 -7.40
C GLN A 386 -61.37 -1.89 -8.22
N ALA A 387 -61.23 -2.21 -9.50
CA ALA A 387 -62.42 -2.27 -10.37
C ALA A 387 -63.32 -3.45 -9.99
N ARG A 388 -62.77 -4.59 -9.59
CA ARG A 388 -63.60 -5.74 -9.27
C ARG A 388 -64.12 -5.69 -7.82
N TYR A 389 -63.51 -4.86 -6.94
CA TYR A 389 -63.87 -4.87 -5.50
C TYR A 389 -64.02 -3.49 -4.89
N PRO A 390 -64.88 -2.67 -5.47
CA PRO A 390 -65.12 -1.33 -4.98
C PRO A 390 -65.71 -1.23 -3.59
N GLN A 391 -66.21 -2.34 -3.11
CA GLN A 391 -66.69 -2.39 -1.71
C GLN A 391 -65.52 -2.46 -0.74
N PHE A 392 -64.32 -2.81 -1.21
CA PHE A 392 -63.14 -2.88 -0.31
C PHE A 392 -61.94 -1.96 -0.66
N ILE A 393 -61.76 -1.61 -1.92
CA ILE A 393 -60.52 -0.96 -2.42
CA ILE A 393 -60.53 -0.93 -2.40
C ILE A 393 -60.83 0.38 -3.08
N SER A 394 -60.15 1.47 -2.69
CA SER A 394 -60.31 2.72 -3.36
C SER A 394 -58.95 3.44 -3.31
N ARG A 395 -58.84 4.53 -4.04
CA ARG A 395 -57.70 5.42 -4.03
C ARG A 395 -56.38 4.67 -4.28
N VAL A 396 -56.44 3.67 -5.15
CA VAL A 396 -55.18 3.05 -5.60
C VAL A 396 -54.26 4.09 -6.17
N ARG A 397 -52.97 4.05 -5.75
CA ARG A 397 -52.03 5.10 -6.10
C ARG A 397 -50.57 4.58 -5.83
N GLY A 398 -49.63 5.15 -6.54
CA GLY A 398 -48.28 4.79 -6.33
C GLY A 398 -47.31 5.46 -7.26
N ARG A 399 -46.05 5.29 -6.95
CA ARG A 399 -44.93 5.64 -7.82
C ARG A 399 -43.90 4.61 -7.66
N GLY A 400 -43.48 3.98 -8.77
CA GLY A 400 -42.61 2.81 -8.65
C GLY A 400 -43.28 1.75 -7.80
N THR A 401 -42.57 1.06 -6.88
CA THR A 401 -43.21 0.09 -6.01
C THR A 401 -43.81 0.68 -4.71
N PHE A 402 -43.70 1.99 -4.55
CA PHE A 402 -44.20 2.79 -3.45
C PHE A 402 -45.69 3.04 -3.69
N CYS A 403 -46.39 1.99 -3.46
CA CYS A 403 -47.86 1.89 -3.78
C CYS A 403 -48.73 1.69 -2.53
N SER A 404 -50.01 2.01 -2.69
CA SER A 404 -50.96 1.95 -1.57
CA SER A 404 -50.95 2.03 -1.56
C SER A 404 -52.37 2.01 -2.08
N PHE A 405 -53.30 1.64 -1.21
CA PHE A 405 -54.73 1.82 -1.46
C PHE A 405 -55.42 1.99 -0.10
N ASP A 406 -56.65 2.47 -0.18
CA ASP A 406 -57.51 2.62 1.03
C ASP A 406 -58.56 1.48 1.10
N THR A 407 -58.92 1.16 2.35
CA THR A 407 -60.01 0.26 2.66
C THR A 407 -61.08 1.05 3.37
N PRO A 408 -62.21 0.41 3.69
CA PRO A 408 -63.32 1.26 4.15
C PRO A 408 -63.17 1.80 5.58
N ASP A 409 -62.42 1.09 6.39
CA ASP A 409 -62.17 1.44 7.75
C ASP A 409 -61.02 0.66 8.33
N GLU A 410 -60.56 1.14 9.48
CA GLU A 410 -59.39 0.60 10.16
C GLU A 410 -59.54 -0.90 10.45
N SER A 411 -60.73 -1.29 10.88
CA SER A 411 -60.97 -2.70 11.20
C SER A 411 -60.81 -3.64 9.99
N ILE A 412 -61.30 -3.23 8.80
CA ILE A 412 -61.14 -4.04 7.59
C ILE A 412 -59.67 -4.00 7.12
N ARG A 413 -59.06 -2.83 7.28
CA ARG A 413 -57.61 -2.66 6.90
C ARG A 413 -56.84 -3.71 7.68
N ASN A 414 -57.06 -3.83 9.00
CA ASN A 414 -56.23 -4.75 9.82
C ASN A 414 -56.58 -6.17 9.53
N LYS A 415 -57.87 -6.45 9.31
CA LYS A 415 -58.23 -7.82 9.00
C LYS A 415 -57.57 -8.32 7.67
N LEU A 416 -57.57 -7.48 6.67
CA LEU A 416 -57.00 -7.84 5.35
C LEU A 416 -55.48 -8.05 5.50
N ILE A 417 -54.80 -7.21 6.27
CA ILE A 417 -53.37 -7.44 6.54
C ILE A 417 -53.17 -8.80 7.24
N SER A 418 -53.99 -9.09 8.26
CA SER A 418 -53.80 -10.31 9.05
C SER A 418 -54.09 -11.55 8.15
N ILE A 419 -55.14 -11.50 7.29
CA ILE A 419 -55.41 -12.63 6.45
C ILE A 419 -54.28 -12.89 5.36
N ALA A 420 -53.81 -11.80 4.79
CA ALA A 420 -52.74 -11.88 3.81
C ALA A 420 -51.54 -12.54 4.41
N ARG A 421 -51.19 -12.16 5.64
CA ARG A 421 -50.02 -12.76 6.30
C ARG A 421 -50.21 -14.29 6.47
N ASN A 422 -51.40 -14.70 6.94
CA ASN A 422 -51.65 -16.09 7.05
C ASN A 422 -51.65 -16.83 5.71
N LYS A 423 -51.91 -16.11 4.61
CA LYS A 423 -51.84 -16.63 3.23
C LYS A 423 -50.48 -16.39 2.57
N GLY A 424 -49.50 -15.92 3.37
CA GLY A 424 -48.17 -15.86 2.84
C GLY A 424 -47.60 -14.55 2.36
N VAL A 425 -48.25 -13.44 2.66
CA VAL A 425 -47.76 -12.15 2.20
C VAL A 425 -47.79 -11.13 3.33
N MET A 426 -46.65 -10.52 3.61
CA MET A 426 -46.52 -9.44 4.61
CA MET A 426 -46.59 -9.42 4.59
C MET A 426 -46.76 -8.07 3.96
N LEU A 427 -47.81 -7.37 4.40
CA LEU A 427 -48.23 -6.04 4.00
C LEU A 427 -48.09 -5.06 5.14
N GLY A 428 -47.91 -3.78 4.77
CA GLY A 428 -47.87 -2.74 5.81
C GLY A 428 -49.14 -1.91 5.84
N GLY A 429 -49.41 -1.23 6.96
CA GLY A 429 -50.52 -0.30 7.00
C GLY A 429 -49.94 1.08 7.18
N CYS A 430 -50.70 2.11 6.84
CA CYS A 430 -50.40 3.47 7.13
C CYS A 430 -51.67 4.24 7.23
N GLY A 431 -51.59 5.35 7.95
CA GLY A 431 -52.79 6.16 8.11
C GLY A 431 -53.80 5.36 8.94
N ASP A 432 -55.05 5.81 8.90
CA ASP A 432 -56.16 5.14 9.56
C ASP A 432 -56.63 3.88 8.85
N LYS A 433 -56.54 3.83 7.51
CA LYS A 433 -57.17 2.77 6.80
C LYS A 433 -56.55 2.45 5.45
N SER A 434 -55.25 2.73 5.33
CA SER A 434 -54.48 2.41 4.09
C SER A 434 -53.64 1.20 4.24
N ILE A 435 -53.49 0.45 3.14
CA ILE A 435 -52.51 -0.63 3.04
C ILE A 435 -51.41 -0.17 2.10
N ARG A 436 -50.14 -0.40 2.50
CA ARG A 436 -49.01 0.17 1.67
C ARG A 436 -48.11 -0.99 1.32
N PHE A 437 -47.32 -0.76 0.28
CA PHE A 437 -46.30 -1.69 -0.18
C PHE A 437 -44.91 -1.04 -0.11
N ARG A 438 -43.96 -1.77 0.47
CA ARG A 438 -42.56 -1.37 0.53
C ARG A 438 -41.68 -2.59 0.16
N PRO A 439 -41.80 -3.08 -1.08
CA PRO A 439 -41.01 -4.26 -1.42
C PRO A 439 -39.51 -3.92 -1.50
N THR A 440 -38.67 -4.90 -1.18
CA THR A 440 -37.22 -4.78 -1.38
CA THR A 440 -37.25 -4.67 -1.36
C THR A 440 -36.93 -4.49 -2.84
N LEU A 441 -35.72 -4.03 -3.15
CA LEU A 441 -35.38 -3.80 -4.59
C LEU A 441 -35.17 -5.01 -5.42
N VAL A 442 -35.21 -6.17 -4.83
CA VAL A 442 -35.16 -7.42 -5.61
C VAL A 442 -36.56 -7.99 -5.92
N PHE A 443 -37.58 -7.16 -5.59
CA PHE A 443 -38.98 -7.46 -5.98
C PHE A 443 -39.15 -7.28 -7.45
N ARG A 444 -39.60 -8.38 -8.09
CA ARG A 444 -39.76 -8.41 -9.57
C ARG A 444 -41.24 -8.50 -10.00
N ASP A 445 -41.52 -8.24 -11.28
CA ASP A 445 -42.87 -8.51 -11.79
C ASP A 445 -43.51 -9.88 -11.38
N HIS A 446 -42.76 -10.97 -11.29
CA HIS A 446 -43.36 -12.24 -10.93
C HIS A 446 -43.81 -12.29 -9.47
N HIS A 447 -43.12 -11.54 -8.63
CA HIS A 447 -43.56 -11.37 -7.20
C HIS A 447 -44.80 -10.54 -7.08
N ALA A 448 -44.92 -9.48 -7.90
CA ALA A 448 -46.20 -8.72 -8.03
C ALA A 448 -47.35 -9.67 -8.34
N HIS A 449 -47.15 -10.58 -9.31
CA HIS A 449 -48.24 -11.55 -9.61
C HIS A 449 -48.54 -12.53 -8.48
N LEU A 450 -47.53 -13.03 -7.81
CA LEU A 450 -47.77 -13.97 -6.69
C LEU A 450 -48.67 -13.26 -5.69
N PHE A 451 -48.33 -12.03 -5.35
CA PHE A 451 -49.17 -11.22 -4.43
C PHE A 451 -50.59 -11.02 -4.95
N LEU A 452 -50.69 -10.62 -6.22
CA LEU A 452 -51.99 -10.28 -6.74
C LEU A 452 -52.97 -11.46 -6.75
N ASN A 453 -52.45 -12.61 -7.09
CA ASN A 453 -53.26 -13.81 -7.14
C ASN A 453 -53.70 -14.24 -5.72
N ILE A 454 -52.79 -14.12 -4.76
CA ILE A 454 -53.19 -14.38 -3.36
C ILE A 454 -54.24 -13.42 -2.93
N PHE A 455 -54.07 -12.13 -3.21
CA PHE A 455 -54.96 -11.12 -2.67
C PHE A 455 -56.32 -11.19 -3.38
N SER A 456 -56.31 -11.47 -4.69
CA SER A 456 -57.58 -11.71 -5.42
C SER A 456 -58.46 -12.79 -4.73
N ASP A 457 -57.85 -13.87 -4.33
CA ASP A 457 -58.61 -14.95 -3.64
C ASP A 457 -59.11 -14.52 -2.27
N ILE A 458 -58.32 -13.73 -1.54
CA ILE A 458 -58.75 -13.19 -0.26
C ILE A 458 -59.96 -12.29 -0.42
N LEU A 459 -59.94 -11.41 -1.43
CA LEU A 459 -61.06 -10.49 -1.63
C LEU A 459 -62.32 -11.27 -2.07
N ALA A 460 -62.13 -12.28 -2.89
CA ALA A 460 -63.30 -13.11 -3.33
C ALA A 460 -64.02 -13.74 -2.14
N ASP A 461 -63.27 -14.15 -1.12
CA ASP A 461 -63.83 -14.82 0.06
C ASP A 461 -64.14 -13.93 1.26
N PHE A 462 -63.84 -12.64 1.20
CA PHE A 462 -63.93 -11.77 2.37
C PHE A 462 -65.39 -11.49 2.81
N PHE B 2 -3.16 -10.20 21.82
CA PHE B 2 -3.64 -9.50 23.04
C PHE B 2 -3.15 -8.03 22.99
N ASP B 3 -1.83 -7.79 23.07
CA ASP B 3 -1.27 -6.40 23.19
C ASP B 3 0.14 -6.33 22.40
N TYR B 4 0.59 -5.10 22.06
CA TYR B 4 2.00 -4.76 21.69
C TYR B 4 2.75 -4.40 23.02
N ASP B 5 4.07 -4.17 22.98
CA ASP B 5 4.91 -3.97 24.18
C ASP B 5 5.20 -2.53 24.52
N GLY B 6 4.77 -1.58 23.69
CA GLY B 6 4.98 -0.19 24.02
C GLY B 6 4.64 0.64 22.77
N PRO B 7 4.61 1.98 22.91
CA PRO B 7 4.39 2.87 21.75
C PRO B 7 5.57 2.87 20.77
N LEU B 8 5.32 3.36 19.57
CA LEU B 8 6.39 3.47 18.57
C LEU B 8 6.06 4.64 17.72
N MET B 9 6.82 5.70 17.83
CA MET B 9 6.48 6.90 17.09
C MET B 9 7.43 7.05 15.87
N LYS B 10 6.89 7.41 14.74
CA LYS B 10 7.70 7.68 13.48
C LYS B 10 7.65 9.11 13.05
N THR B 11 6.53 9.82 13.28
CA THR B 11 6.30 11.13 12.83
C THR B 11 5.60 11.95 13.92
N GLU B 12 5.55 13.28 13.77
CA GLU B 12 4.63 14.16 14.47
C GLU B 12 3.20 13.69 14.13
N VAL B 13 2.25 13.98 15.02
CA VAL B 13 0.84 13.56 14.78
C VAL B 13 -0.01 14.79 14.73
N PRO B 14 -0.83 15.00 13.69
CA PRO B 14 -0.98 14.13 12.53
C PRO B 14 0.25 14.22 11.57
N GLY B 15 0.58 13.10 11.01
CA GLY B 15 1.68 12.99 10.06
C GLY B 15 1.20 13.30 8.66
N PRO B 16 2.10 13.16 7.68
CA PRO B 16 1.72 13.58 6.32
C PRO B 16 0.51 12.83 5.68
N ARG B 17 0.42 11.54 5.89
CA ARG B 17 -0.64 10.69 5.36
C ARG B 17 -1.97 11.14 6.03
N SER B 18 -1.97 11.40 7.35
CA SER B 18 -3.19 11.91 7.96
C SER B 18 -3.61 13.29 7.42
N ARG B 19 -2.63 14.18 7.22
CA ARG B 19 -2.93 15.51 6.77
C ARG B 19 -3.50 15.54 5.34
N GLU B 20 -3.02 14.64 4.50
CA GLU B 20 -3.55 14.46 3.13
C GLU B 20 -5.01 13.98 3.19
N LEU B 21 -5.27 12.94 4.03
CA LEU B 21 -6.70 12.46 4.22
C LEU B 21 -7.59 13.52 4.80
N MET B 22 -7.11 14.27 5.80
CA MET B 22 -7.83 15.42 6.33
C MET B 22 -8.23 16.45 5.29
N LYS B 23 -7.28 16.76 4.40
CA LYS B 23 -7.55 17.66 3.29
C LYS B 23 -8.64 17.15 2.40
N GLN B 24 -8.60 15.89 2.05
CA GLN B 24 -9.66 15.28 1.20
C GLN B 24 -11.04 15.35 1.93
N LEU B 25 -11.05 14.99 3.22
CA LEU B 25 -12.34 14.96 3.97
C LEU B 25 -12.92 16.34 4.15
N ASN B 26 -12.04 17.35 4.30
CA ASN B 26 -12.43 18.71 4.44
C ASN B 26 -13.18 19.31 3.24
N ILE B 27 -13.04 18.71 2.06
CA ILE B 27 -13.83 19.07 0.88
C ILE B 27 -15.31 18.77 1.09
N ILE B 28 -15.64 17.69 1.77
N ILE B 28 -15.64 17.68 1.77
CA ILE B 28 -17.08 17.32 1.84
CA ILE B 28 -17.06 17.28 1.85
C ILE B 28 -17.74 17.69 3.16
C ILE B 28 -17.73 17.68 3.15
N GLN B 29 -16.96 18.02 4.19
CA GLN B 29 -17.53 18.42 5.50
C GLN B 29 -16.45 19.19 6.25
N ASN B 30 -16.83 19.87 7.32
CA ASN B 30 -15.88 20.46 8.24
C ASN B 30 -15.15 19.34 8.92
N ALA B 31 -13.87 19.30 8.72
CA ALA B 31 -13.07 18.25 9.33
C ALA B 31 -12.17 18.80 10.39
N GLU B 32 -12.42 20.01 10.91
CA GLU B 32 -11.49 20.63 11.86
C GLU B 32 -11.38 19.85 13.17
N ALA B 33 -12.40 19.09 13.60
CA ALA B 33 -12.28 18.19 14.80
C ALA B 33 -11.30 16.99 14.65
N VAL B 34 -10.95 16.60 13.41
CA VAL B 34 -10.25 15.36 13.18
C VAL B 34 -8.87 15.38 13.83
N HIS B 35 -8.59 14.37 14.65
CA HIS B 35 -7.29 14.26 15.27
C HIS B 35 -6.29 13.76 14.26
N PHE B 36 -6.57 12.61 13.66
CA PHE B 36 -5.74 11.93 12.71
C PHE B 36 -6.53 10.78 12.14
N PHE B 37 -6.03 10.16 11.06
CA PHE B 37 -6.62 8.98 10.48
C PHE B 37 -5.99 7.72 10.96
N CYS B 38 -6.76 6.66 11.05
CA CYS B 38 -6.33 5.48 11.80
C CYS B 38 -6.23 4.22 10.94
N ASN B 39 -5.30 3.34 11.30
CA ASN B 39 -5.22 1.95 10.83
C ASN B 39 -5.74 1.00 11.88
N TYR B 40 -7.06 0.87 11.93
CA TYR B 40 -7.65 0.02 12.96
C TYR B 40 -7.26 -1.44 12.79
N GLU B 41 -7.02 -1.88 11.56
CA GLU B 41 -6.59 -3.26 11.31
C GLU B 41 -5.30 -3.65 12.04
N GLU B 42 -4.40 -2.67 12.22
N GLU B 42 -4.41 -2.68 12.23
CA GLU B 42 -3.13 -2.94 12.95
CA GLU B 42 -3.14 -2.98 12.95
C GLU B 42 -3.21 -2.56 14.43
C GLU B 42 -3.22 -2.58 14.43
N SER B 43 -4.35 -2.00 14.85
CA SER B 43 -4.52 -1.60 16.24
C SER B 43 -4.86 -2.81 17.09
N ARG B 44 -4.38 -2.84 18.32
N ARG B 44 -4.35 -2.85 18.31
CA ARG B 44 -4.50 -4.02 19.19
CA ARG B 44 -4.49 -4.04 19.17
C ARG B 44 -4.48 -3.62 20.63
C ARG B 44 -4.48 -3.65 20.62
N GLY B 45 -5.49 -4.07 21.38
CA GLY B 45 -5.47 -3.85 22.85
C GLY B 45 -5.56 -2.35 23.13
N ASN B 46 -4.61 -1.79 23.91
CA ASN B 46 -4.65 -0.36 24.31
C ASN B 46 -3.94 0.52 23.24
N TYR B 47 -3.44 -0.10 22.17
CA TYR B 47 -2.64 0.64 21.19
C TYR B 47 -3.37 0.94 19.89
N LEU B 48 -3.44 2.23 19.56
CA LEU B 48 -4.01 2.71 18.30
C LEU B 48 -2.87 3.07 17.35
N VAL B 49 -3.03 2.61 16.13
CA VAL B 49 -2.00 2.81 15.06
C VAL B 49 -2.57 3.74 14.03
N ASP B 50 -1.82 4.75 13.64
CA ASP B 50 -2.30 5.77 12.66
C ASP B 50 -1.81 5.43 11.25
N VAL B 51 -2.26 6.20 10.27
CA VAL B 51 -1.91 5.91 8.87
C VAL B 51 -0.46 6.24 8.52
N ASP B 52 0.23 6.94 9.43
CA ASP B 52 1.68 7.23 9.34
C ASP B 52 2.54 6.22 10.11
N GLY B 53 1.91 5.17 10.61
CA GLY B 53 2.60 4.11 11.30
C GLY B 53 2.97 4.47 12.75
N ASN B 54 2.45 5.57 13.30
CA ASN B 54 2.60 5.85 14.75
C ASN B 54 1.75 4.88 15.54
N ARG B 55 2.26 4.39 16.66
CA ARG B 55 1.51 3.48 17.52
C ARG B 55 1.48 4.08 18.90
N MET B 56 0.29 4.50 19.34
CA MET B 56 0.13 5.26 20.54
C MET B 56 -0.66 4.48 21.58
N LEU B 57 -0.23 4.60 22.83
CA LEU B 57 -1.04 4.10 23.97
C LEU B 57 -2.26 4.99 24.06
N ASP B 58 -3.45 4.37 23.83
CA ASP B 58 -4.68 5.16 23.71
C ASP B 58 -5.45 5.17 25.06
N LEU B 59 -5.32 6.27 25.77
CA LEU B 59 -6.05 6.47 27.00
C LEU B 59 -7.29 7.30 26.84
N TYR B 60 -7.85 7.39 25.64
CA TYR B 60 -9.11 8.12 25.39
C TYR B 60 -10.19 7.21 24.80
N SER B 61 -9.74 6.15 24.12
CA SER B 61 -10.54 5.02 23.70
C SER B 61 -11.85 5.43 22.95
N GLN B 62 -11.71 6.29 21.94
CA GLN B 62 -12.84 6.72 21.13
C GLN B 62 -13.96 7.38 21.97
N ILE B 63 -13.54 8.32 22.82
CA ILE B 63 -14.43 9.06 23.73
C ILE B 63 -15.07 8.02 24.67
N SER B 64 -14.24 7.10 25.20
CA SER B 64 -14.66 6.16 26.24
C SER B 64 -15.67 5.14 25.75
N SER B 65 -15.52 4.71 24.49
CA SER B 65 -16.46 3.80 23.88
C SER B 65 -15.97 2.48 23.47
N ILE B 66 -14.64 2.23 23.58
CA ILE B 66 -14.04 0.93 23.22
C ILE B 66 -13.89 0.11 24.52
N PRO B 67 -14.67 -0.95 24.69
CA PRO B 67 -14.64 -1.52 26.07
C PRO B 67 -13.43 -2.43 26.39
N ILE B 68 -13.02 -3.29 25.49
CA ILE B 68 -11.98 -4.31 25.73
C ILE B 68 -10.83 -4.24 24.72
N GLY B 69 -10.57 -3.03 24.25
CA GLY B 69 -9.45 -2.72 23.40
C GLY B 69 -9.71 -3.00 21.94
N TYR B 70 -8.71 -2.66 21.14
CA TYR B 70 -8.82 -2.87 19.68
C TYR B 70 -8.58 -4.29 19.25
N SER B 71 -9.28 -4.72 18.20
CA SER B 71 -8.97 -6.02 17.55
C SER B 71 -8.94 -7.16 18.57
N HIS B 72 -9.92 -7.13 19.47
CA HIS B 72 -9.95 -8.17 20.55
C HIS B 72 -10.18 -9.55 19.96
N PRO B 73 -9.32 -10.51 20.31
CA PRO B 73 -9.41 -11.78 19.58
C PRO B 73 -10.74 -12.50 19.80
N ALA B 74 -11.40 -12.34 20.93
CA ALA B 74 -12.71 -12.98 21.12
C ALA B 74 -13.75 -12.39 20.16
N LEU B 75 -13.64 -11.07 19.90
CA LEU B 75 -14.55 -10.42 18.94
C LEU B 75 -14.23 -10.84 17.50
N VAL B 76 -12.95 -10.94 17.14
CA VAL B 76 -12.54 -11.44 15.84
C VAL B 76 -13.20 -12.79 15.62
N LYS B 77 -13.14 -13.67 16.63
CA LYS B 77 -13.75 -15.03 16.51
C LYS B 77 -15.25 -14.99 16.17
N LEU B 78 -15.99 -14.08 16.78
CA LEU B 78 -17.42 -13.95 16.45
C LEU B 78 -17.67 -13.60 14.99
N VAL B 79 -16.92 -12.65 14.45
CA VAL B 79 -17.09 -12.31 13.04
C VAL B 79 -16.71 -13.45 12.10
N GLN B 80 -15.81 -14.32 12.56
CA GLN B 80 -15.38 -15.44 11.78
C GLN B 80 -16.35 -16.61 11.75
N GLN B 81 -17.34 -16.66 12.63
N GLN B 81 -17.31 -16.68 12.67
CA GLN B 81 -18.19 -17.82 12.71
CA GLN B 81 -18.23 -17.83 12.78
C GLN B 81 -19.24 -17.72 11.63
C GLN B 81 -19.24 -17.73 11.66
N PRO B 82 -19.32 -18.74 10.77
CA PRO B 82 -20.31 -18.64 9.69
C PRO B 82 -21.79 -18.45 10.13
N GLN B 83 -22.14 -18.98 11.31
N GLN B 83 -22.18 -18.98 11.27
CA GLN B 83 -23.50 -18.83 11.86
CA GLN B 83 -23.55 -18.82 11.66
C GLN B 83 -23.85 -17.38 12.19
C GLN B 83 -23.87 -17.34 12.03
N ASN B 84 -22.86 -16.49 12.27
CA ASN B 84 -23.12 -15.08 12.62
C ASN B 84 -23.27 -14.15 11.43
N VAL B 85 -23.03 -14.61 10.22
CA VAL B 85 -23.18 -13.74 9.04
C VAL B 85 -24.53 -13.01 8.99
N SER B 86 -25.62 -13.75 9.15
CA SER B 86 -26.97 -13.17 9.00
C SER B 86 -27.15 -11.97 9.90
N THR B 87 -26.58 -12.07 11.11
CA THR B 87 -26.76 -11.00 12.13
C THR B 87 -26.14 -9.69 11.63
N PHE B 88 -25.06 -9.79 10.85
CA PHE B 88 -24.41 -8.61 10.28
C PHE B 88 -25.07 -8.04 9.01
N ILE B 89 -25.88 -8.85 8.30
CA ILE B 89 -26.39 -8.38 7.01
C ILE B 89 -27.89 -8.30 6.90
N ASN B 90 -28.59 -8.73 7.94
CA ASN B 90 -30.00 -8.69 7.89
C ASN B 90 -30.47 -7.90 9.10
N ARG B 91 -30.50 -6.61 9.00
CA ARG B 91 -30.85 -5.79 10.16
C ARG B 91 -32.34 -5.67 10.36
N PRO B 92 -32.88 -6.13 11.51
CA PRO B 92 -34.34 -6.11 11.69
C PRO B 92 -34.87 -4.81 12.19
N ALA B 93 -36.13 -4.61 11.93
CA ALA B 93 -36.94 -3.56 12.62
C ALA B 93 -37.34 -4.23 13.95
N LEU B 94 -36.52 -4.04 14.95
CA LEU B 94 -36.55 -4.85 16.19
C LEU B 94 -37.84 -4.69 16.96
N GLY B 95 -38.53 -3.58 16.80
CA GLY B 95 -39.78 -3.37 17.54
C GLY B 95 -40.90 -4.24 17.00
N ILE B 96 -40.77 -4.71 15.74
CA ILE B 96 -41.84 -5.50 15.17
C ILE B 96 -41.44 -6.90 14.75
N LEU B 97 -40.16 -7.13 14.33
CA LEU B 97 -39.77 -8.43 13.79
C LEU B 97 -38.46 -8.92 14.38
N PRO B 98 -38.43 -9.19 15.66
CA PRO B 98 -37.17 -9.55 16.26
C PRO B 98 -36.67 -10.90 15.86
N PRO B 99 -35.34 -11.12 15.88
CA PRO B 99 -34.79 -12.38 15.58
C PRO B 99 -35.09 -13.43 16.68
N GLU B 100 -34.99 -14.70 16.31
CA GLU B 100 -35.30 -15.80 17.24
C GLU B 100 -34.54 -15.70 18.60
N ASN B 101 -33.28 -15.37 18.52
CA ASN B 101 -32.40 -15.28 19.66
C ASN B 101 -32.41 -13.95 20.40
N PHE B 102 -33.35 -13.06 20.09
CA PHE B 102 -33.33 -11.70 20.63
C PHE B 102 -33.32 -11.71 22.13
N VAL B 103 -34.27 -12.46 22.69
CA VAL B 103 -34.38 -12.45 24.16
C VAL B 103 -33.20 -13.11 24.82
N GLU B 104 -32.79 -14.23 24.29
CA GLU B 104 -31.71 -15.03 24.90
C GLU B 104 -30.41 -14.23 24.82
N LYS B 105 -30.14 -13.57 23.67
CA LYS B 105 -28.97 -12.72 23.61
C LYS B 105 -29.02 -11.51 24.58
N LEU B 106 -30.17 -10.95 24.91
CA LEU B 106 -30.33 -9.94 25.95
C LEU B 106 -30.05 -10.57 27.34
N ARG B 107 -30.47 -11.81 27.53
CA ARG B 107 -30.11 -12.55 28.81
C ARG B 107 -28.61 -12.72 28.98
N GLU B 108 -27.89 -13.00 27.88
CA GLU B 108 -26.47 -13.15 27.90
C GLU B 108 -25.75 -11.83 28.12
N SER B 109 -26.41 -10.71 27.85
CA SER B 109 -25.71 -9.47 27.77
C SER B 109 -26.37 -8.48 28.75
N LEU B 110 -27.24 -7.61 28.27
CA LEU B 110 -27.70 -6.49 29.10
C LEU B 110 -28.45 -6.96 30.38
N LEU B 111 -29.28 -8.00 30.26
CA LEU B 111 -30.09 -8.36 31.40
C LEU B 111 -29.24 -8.99 32.49
N SER B 112 -28.07 -9.54 32.13
CA SER B 112 -27.14 -10.08 33.11
C SER B 112 -26.50 -8.97 34.02
N VAL B 113 -26.59 -7.71 33.61
CA VAL B 113 -26.02 -6.56 34.38
C VAL B 113 -27.05 -5.51 34.70
N ALA B 114 -28.34 -5.90 34.77
CA ALA B 114 -29.40 -4.97 35.09
C ALA B 114 -29.17 -4.33 36.46
N PRO B 115 -29.33 -3.01 36.57
CA PRO B 115 -29.28 -2.36 37.89
C PRO B 115 -30.44 -2.77 38.82
N LYS B 116 -30.21 -2.51 40.11
CA LYS B 116 -31.22 -2.90 41.14
C LYS B 116 -32.49 -2.24 40.86
N GLY B 117 -33.58 -3.03 40.95
CA GLY B 117 -34.90 -2.44 41.00
C GLY B 117 -35.47 -2.18 39.63
N MET B 118 -34.70 -2.47 38.58
CA MET B 118 -35.19 -2.12 37.18
C MET B 118 -35.40 -3.39 36.30
N SER B 119 -36.64 -3.82 36.08
CA SER B 119 -36.88 -5.11 35.47
C SER B 119 -37.07 -4.89 33.96
N GLN B 120 -37.21 -3.64 33.57
CA GLN B 120 -37.56 -3.31 32.18
C GLN B 120 -36.30 -2.86 31.41
N LEU B 121 -36.30 -3.11 30.09
CA LEU B 121 -35.22 -2.73 29.22
C LEU B 121 -35.80 -2.44 27.82
N ILE B 122 -35.47 -1.25 27.33
CA ILE B 122 -35.66 -0.90 25.89
C ILE B 122 -34.26 -0.62 25.28
N THR B 123 -34.02 -1.09 24.06
CA THR B 123 -32.69 -0.86 23.39
C THR B 123 -32.82 0.30 22.38
N MET B 124 -31.69 1.00 22.19
CA MET B 124 -31.61 2.17 21.34
C MET B 124 -30.18 2.15 20.71
N ALA B 125 -29.99 2.87 19.62
CA ALA B 125 -28.69 2.79 18.95
C ALA B 125 -27.65 3.72 19.48
N CYS B 126 -28.00 4.81 20.18
CA CYS B 126 -26.94 5.66 20.68
C CYS B 126 -27.35 6.27 22.00
N GLY B 127 -26.46 7.09 22.52
CA GLY B 127 -26.75 7.63 23.82
C GLY B 127 -27.82 8.74 23.79
N SER B 128 -27.89 9.48 22.71
CA SER B 128 -28.85 10.57 22.58
C SER B 128 -30.29 10.04 22.40
N CYS B 129 -30.53 9.02 21.58
CA CYS B 129 -31.85 8.45 21.48
C CYS B 129 -32.24 7.73 22.76
N SER B 130 -31.22 7.27 23.49
CA SER B 130 -31.51 6.64 24.79
C SER B 130 -32.09 7.72 25.70
N ASN B 131 -31.37 8.83 25.82
CA ASN B 131 -31.87 9.91 26.68
C ASN B 131 -33.17 10.54 26.19
N GLU B 132 -33.33 10.77 24.85
CA GLU B 132 -34.61 11.38 24.38
C GLU B 132 -35.73 10.40 24.74
N ASN B 133 -35.54 9.11 24.50
CA ASN B 133 -36.63 8.15 24.78
C ASN B 133 -36.85 7.92 26.28
N ALA B 134 -35.84 8.09 27.07
CA ALA B 134 -36.03 8.12 28.54
C ALA B 134 -36.83 9.32 28.98
N PHE B 135 -36.59 10.50 28.43
CA PHE B 135 -37.42 11.68 28.71
C PHE B 135 -38.87 11.38 28.36
N LYS B 136 -39.11 10.82 27.19
CA LYS B 136 -40.49 10.56 26.78
C LYS B 136 -41.19 9.56 27.72
N THR B 137 -40.49 8.51 28.05
CA THR B 137 -40.95 7.44 28.97
C THR B 137 -41.38 8.16 30.31
N ILE B 138 -40.56 9.10 30.77
CA ILE B 138 -40.87 9.85 32.01
C ILE B 138 -42.09 10.74 31.85
N PHE B 139 -42.19 11.49 30.77
CA PHE B 139 -43.34 12.37 30.54
C PHE B 139 -44.63 11.55 30.49
N MET B 140 -44.60 10.41 29.80
CA MET B 140 -45.81 9.55 29.72
C MET B 140 -46.19 8.97 31.09
N TRP B 141 -45.19 8.52 31.82
CA TRP B 141 -45.36 8.06 33.19
C TRP B 141 -46.00 9.15 34.05
N TYR B 142 -45.50 10.38 33.96
CA TYR B 142 -46.02 11.50 34.81
C TYR B 142 -47.47 11.75 34.43
N ARG B 143 -47.78 11.88 33.15
N ARG B 143 -47.76 11.84 33.14
CA ARG B 143 -49.20 12.09 32.74
CA ARG B 143 -49.14 12.02 32.70
C ARG B 143 -50.07 10.90 33.17
C ARG B 143 -50.04 10.91 33.21
N SER B 144 -49.52 9.69 33.20
CA SER B 144 -50.27 8.52 33.60
C SER B 144 -50.66 8.66 35.09
N LYS B 145 -49.72 9.10 35.91
CA LYS B 145 -50.03 9.37 37.36
C LYS B 145 -51.13 10.40 37.45
N GLU B 146 -51.04 11.46 36.67
CA GLU B 146 -52.03 12.54 36.77
C GLU B 146 -53.43 12.13 36.24
N ARG B 147 -53.49 11.34 35.15
CA ARG B 147 -54.78 10.96 34.58
C ARG B 147 -55.33 9.71 35.16
N GLY B 148 -54.52 8.95 35.89
CA GLY B 148 -54.96 7.62 36.37
C GLY B 148 -55.26 6.63 35.27
N GLU B 149 -56.00 5.58 35.60
CA GLU B 149 -56.43 4.57 34.60
C GLU B 149 -57.64 5.03 33.88
N SER B 150 -57.47 6.04 33.03
CA SER B 150 -58.50 6.78 32.31
C SER B 150 -58.04 6.84 30.85
N ALA B 151 -58.95 6.99 29.92
CA ALA B 151 -58.56 7.05 28.49
C ALA B 151 -58.06 8.47 28.17
N PHE B 152 -57.24 8.62 27.12
CA PHE B 152 -56.93 9.94 26.61
C PHE B 152 -58.19 10.67 26.30
N SER B 153 -58.26 11.95 26.63
CA SER B 153 -59.40 12.76 26.26
C SER B 153 -59.42 13.12 24.77
N LYS B 154 -60.61 13.45 24.25
CA LYS B 154 -60.73 13.86 22.84
C LYS B 154 -59.86 15.10 22.59
N GLU B 155 -59.91 16.07 23.50
CA GLU B 155 -59.16 17.28 23.41
C GLU B 155 -57.62 16.98 23.37
N GLU B 156 -57.15 16.11 24.25
CA GLU B 156 -55.73 15.70 24.23
C GLU B 156 -55.33 15.10 22.87
N LEU B 157 -56.17 14.25 22.34
CA LEU B 157 -55.87 13.55 21.07
C LEU B 157 -55.89 14.52 19.93
N GLU B 158 -56.74 15.55 19.99
CA GLU B 158 -56.74 16.53 18.86
C GLU B 158 -55.57 17.49 18.97
N THR B 159 -55.35 17.99 20.20
CA THR B 159 -54.34 19.03 20.40
C THR B 159 -52.90 18.47 20.22
N CYS B 160 -52.66 17.21 20.56
CA CYS B 160 -51.30 16.69 20.47
C CYS B 160 -50.82 16.68 19.01
N MET B 161 -51.75 16.53 18.07
CA MET B 161 -51.43 16.45 16.65
C MET B 161 -50.98 17.78 16.07
N ILE B 162 -51.32 18.89 16.77
CA ILE B 162 -50.96 20.21 16.37
C ILE B 162 -50.08 20.94 17.41
N ASN B 163 -49.36 20.14 18.19
CA ASN B 163 -48.29 20.63 19.06
C ASN B 163 -48.81 21.55 20.18
N GLN B 164 -50.02 21.25 20.65
CA GLN B 164 -50.72 22.10 21.64
C GLN B 164 -51.02 21.31 22.92
N ALA B 165 -51.02 22.06 24.03
CA ALA B 165 -51.66 21.63 25.28
C ALA B 165 -53.16 21.51 25.06
N PRO B 166 -53.83 20.59 25.76
CA PRO B 166 -53.26 19.71 26.75
C PRO B 166 -52.61 18.41 26.26
N GLY B 167 -52.75 18.06 24.99
CA GLY B 167 -52.16 16.83 24.51
C GLY B 167 -50.62 16.84 24.60
N CYS B 168 -50.01 18.03 24.35
CA CYS B 168 -48.57 18.24 24.55
C CYS B 168 -48.37 19.01 25.83
N PRO B 169 -48.00 18.35 26.93
CA PRO B 169 -47.85 19.12 28.23
C PRO B 169 -46.63 20.01 28.27
N ASP B 170 -46.60 20.95 29.21
CA ASP B 170 -45.45 21.85 29.33
C ASP B 170 -44.56 21.34 30.47
N TYR B 171 -44.38 20.03 30.60
CA TYR B 171 -43.52 19.48 31.59
C TYR B 171 -42.03 19.71 31.25
N SER B 172 -41.22 19.66 32.32
CA SER B 172 -39.77 19.92 32.24
C SER B 172 -38.99 18.75 32.75
N ILE B 173 -37.73 18.70 32.29
CA ILE B 173 -36.72 17.82 32.91
C ILE B 173 -35.66 18.71 33.53
N LEU B 174 -35.36 18.47 34.80
CA LEU B 174 -34.36 19.28 35.52
C LEU B 174 -32.96 18.67 35.19
N SER B 175 -32.02 19.58 34.86
CA SER B 175 -30.64 19.13 34.59
C SER B 175 -29.64 20.02 35.31
N PHE B 176 -28.36 19.72 35.09
CA PHE B 176 -27.30 20.39 35.86
C PHE B 176 -26.34 21.14 34.97
N MET B 177 -25.98 22.35 35.43
CA MET B 177 -24.83 23.03 34.82
C MET B 177 -23.62 22.09 34.80
N GLY B 178 -22.84 22.15 33.70
CA GLY B 178 -21.79 21.20 33.49
C GLY B 178 -22.19 19.88 32.80
N ALA B 179 -23.52 19.64 32.60
CA ALA B 179 -23.98 18.36 32.14
C ALA B 179 -23.74 18.18 30.63
N PHE B 180 -23.69 16.92 30.29
CA PHE B 180 -23.72 16.51 28.89
C PHE B 180 -24.53 15.28 28.74
N HIS B 181 -25.57 15.42 27.92
CA HIS B 181 -26.53 14.33 27.76
C HIS B 181 -26.85 14.04 26.30
N GLY B 182 -26.08 14.64 25.42
CA GLY B 182 -26.39 14.48 24.00
C GLY B 182 -26.74 15.78 23.32
N ARG B 183 -26.84 15.72 21.98
CA ARG B 183 -27.03 16.91 21.19
C ARG B 183 -28.23 17.00 20.26
N THR B 184 -29.12 16.00 20.23
CA THR B 184 -30.43 16.13 19.57
C THR B 184 -31.21 17.16 20.39
N MET B 185 -32.29 17.71 19.87
CA MET B 185 -32.87 18.91 20.50
C MET B 185 -33.44 18.74 21.92
N GLY B 186 -33.98 17.57 22.27
CA GLY B 186 -34.35 17.37 23.64
C GLY B 186 -33.14 17.21 24.55
N CYS B 187 -32.23 16.27 24.25
CA CYS B 187 -31.00 16.09 24.97
C CYS B 187 -30.28 17.38 25.17
N LEU B 188 -30.22 18.19 24.13
CA LEU B 188 -29.37 19.35 24.12
C LEU B 188 -29.94 20.38 25.13
N ALA B 189 -31.25 20.38 25.35
CA ALA B 189 -31.79 21.27 26.40
C ALA B 189 -31.29 20.94 27.80
N THR B 190 -30.94 19.70 28.04
CA THR B 190 -30.37 19.20 29.29
C THR B 190 -28.81 19.26 29.40
N THR B 191 -28.16 19.56 28.25
CA THR B 191 -26.76 19.71 28.15
C THR B 191 -26.29 21.15 28.41
N HIS B 192 -25.24 21.33 29.23
CA HIS B 192 -24.71 22.64 29.60
C HIS B 192 -23.18 22.47 29.76
N SER B 193 -22.56 21.99 28.68
CA SER B 193 -21.14 21.60 28.63
C SER B 193 -20.25 22.77 28.16
N LYS B 194 -20.53 23.34 26.99
CA LYS B 194 -19.73 24.40 26.33
C LYS B 194 -20.63 25.18 25.44
N ALA B 195 -20.39 26.48 25.32
CA ALA B 195 -21.28 27.31 24.56
C ALA B 195 -21.43 26.86 23.08
N ILE B 196 -20.31 26.49 22.47
CA ILE B 196 -20.34 26.14 21.03
C ILE B 196 -21.26 24.92 20.76
N HIS B 197 -21.50 24.09 21.78
CA HIS B 197 -22.38 22.92 21.61
C HIS B 197 -23.84 23.42 21.56
N LYS B 198 -24.13 24.56 22.17
CA LYS B 198 -25.50 25.04 22.39
C LYS B 198 -25.97 26.20 21.51
N ILE B 199 -25.04 27.08 21.10
CA ILE B 199 -25.40 28.36 20.54
C ILE B 199 -26.10 28.19 19.22
N ASP B 200 -27.10 29.04 19.05
CA ASP B 200 -27.96 29.22 17.90
C ASP B 200 -29.07 28.14 17.76
N ILE B 201 -29.19 27.25 18.75
CA ILE B 201 -30.19 26.23 18.63
C ILE B 201 -31.37 26.45 19.60
N PRO B 202 -32.59 26.37 19.06
CA PRO B 202 -33.75 26.54 20.00
C PRO B 202 -33.76 25.52 21.08
N SER B 203 -34.31 25.95 22.23
CA SER B 203 -34.21 25.18 23.45
C SER B 203 -35.55 25.12 24.18
N PHE B 204 -35.49 24.57 25.41
CA PHE B 204 -36.66 24.52 26.31
C PHE B 204 -36.34 25.26 27.60
N ASP B 205 -37.33 25.97 28.10
CA ASP B 205 -37.26 26.62 29.40
C ASP B 205 -37.47 25.60 30.50
N TRP B 206 -36.39 24.89 30.79
CA TRP B 206 -36.39 23.84 31.79
C TRP B 206 -35.41 24.21 32.90
N PRO B 207 -35.58 23.67 34.14
CA PRO B 207 -34.71 24.24 35.19
C PRO B 207 -33.33 23.67 35.14
N ILE B 208 -32.35 24.47 35.59
CA ILE B 208 -30.95 24.10 35.51
C ILE B 208 -30.33 24.39 36.88
N ALA B 209 -29.92 23.35 37.56
CA ALA B 209 -29.39 23.45 38.91
C ALA B 209 -27.89 23.47 38.86
N PRO B 210 -27.26 24.03 39.89
CA PRO B 210 -25.80 23.87 40.01
C PRO B 210 -25.38 22.46 40.42
N PHE B 211 -24.29 21.93 39.85
CA PHE B 211 -23.68 20.70 40.24
C PHE B 211 -22.53 21.07 41.16
N PRO B 212 -22.30 20.33 42.24
CA PRO B 212 -21.25 20.78 43.19
C PRO B 212 -19.85 20.85 42.53
N ARG B 213 -19.10 21.88 42.88
CA ARG B 213 -17.68 22.02 42.51
C ARG B 213 -16.86 21.78 43.77
N LEU B 214 -16.29 20.59 43.87
CA LEU B 214 -15.48 20.19 45.01
C LEU B 214 -14.13 20.88 44.96
N LYS B 215 -13.62 21.16 46.17
CA LYS B 215 -12.31 21.74 46.43
C LYS B 215 -11.39 20.64 46.86
N TYR B 216 -10.10 20.74 46.39
CA TYR B 216 -9.10 19.72 46.53
C TYR B 216 -7.85 20.31 47.28
N PRO B 217 -7.11 19.52 48.06
CA PRO B 217 -7.32 18.09 48.24
C PRO B 217 -8.52 17.86 49.16
N LEU B 218 -9.18 16.72 48.96
CA LEU B 218 -10.47 16.53 49.58
C LEU B 218 -10.35 16.56 51.13
N GLU B 219 -9.26 15.99 51.64
CA GLU B 219 -9.04 15.95 53.11
C GLU B 219 -8.99 17.36 53.70
N GLU B 220 -8.53 18.36 52.97
CA GLU B 220 -8.51 19.72 53.53
C GLU B 220 -9.79 20.50 53.40
N PHE B 221 -10.77 19.99 52.67
CA PHE B 221 -11.99 20.76 52.47
C PHE B 221 -13.28 19.96 52.75
N VAL B 222 -13.23 19.04 53.71
CA VAL B 222 -14.39 18.23 54.10
C VAL B 222 -15.64 19.02 54.39
N LYS B 223 -15.50 20.06 55.19
CA LYS B 223 -16.63 20.89 55.59
C LYS B 223 -17.13 21.75 54.45
N GLU B 224 -16.24 22.34 53.68
CA GLU B 224 -16.64 23.28 52.64
C GLU B 224 -17.35 22.46 51.56
N ASN B 225 -16.82 21.29 51.31
CA ASN B 225 -17.43 20.40 50.30
C ASN B 225 -18.84 19.93 50.74
N GLN B 226 -19.03 19.56 52.02
CA GLN B 226 -20.44 19.29 52.51
C GLN B 226 -21.34 20.50 52.29
N GLN B 227 -20.85 21.68 52.59
CA GLN B 227 -21.67 22.88 52.41
C GLN B 227 -22.03 23.14 50.97
N GLU B 228 -21.06 22.97 50.09
CA GLU B 228 -21.30 23.17 48.63
C GLU B 228 -22.34 22.17 48.08
N GLU B 229 -22.19 20.89 48.43
CA GLU B 229 -23.20 19.84 48.11
C GLU B 229 -24.54 20.20 48.74
N ALA B 230 -24.57 20.66 50.01
CA ALA B 230 -25.86 21.08 50.62
C ALA B 230 -26.56 22.21 49.86
N ARG B 231 -25.78 23.23 49.44
CA ARG B 231 -26.32 24.37 48.75
C ARG B 231 -26.92 23.90 47.41
N CYS B 232 -26.20 22.99 46.74
CA CYS B 232 -26.69 22.49 45.43
C CYS B 232 -28.03 21.75 45.59
N LEU B 233 -28.11 20.89 46.60
CA LEU B 233 -29.34 20.15 46.92
C LEU B 233 -30.51 21.04 47.25
N GLU B 234 -30.25 22.08 48.08
CA GLU B 234 -31.29 23.13 48.34
C GLU B 234 -31.77 23.78 47.04
N GLU B 235 -30.87 24.08 46.07
CA GLU B 235 -31.26 24.85 44.89
C GLU B 235 -32.03 23.91 43.99
N VAL B 236 -31.72 22.61 44.05
CA VAL B 236 -32.49 21.64 43.19
C VAL B 236 -33.93 21.67 43.69
N GLU B 237 -34.08 21.61 44.99
CA GLU B 237 -35.42 21.50 45.54
C GLU B 237 -36.22 22.77 45.25
N ASP B 238 -35.62 23.95 45.43
CA ASP B 238 -36.26 25.21 45.12
C ASP B 238 -36.69 25.29 43.69
N LEU B 239 -35.84 24.76 42.80
CA LEU B 239 -36.21 24.84 41.42
C LEU B 239 -37.41 23.99 41.13
N ILE B 240 -37.47 22.84 41.72
CA ILE B 240 -38.64 21.97 41.54
C ILE B 240 -39.92 22.69 41.95
N VAL B 241 -39.91 23.33 43.13
CA VAL B 241 -41.08 24.08 43.57
C VAL B 241 -41.43 25.24 42.69
N LYS B 242 -40.43 25.97 42.26
CA LYS B 242 -40.61 27.09 41.40
C LYS B 242 -41.23 26.69 40.06
N TYR B 243 -40.74 25.61 39.45
CA TYR B 243 -41.24 25.21 38.13
C TYR B 243 -42.69 24.64 38.26
N ARG B 244 -43.02 23.99 39.36
CA ARG B 244 -44.44 23.62 39.61
C ARG B 244 -45.32 24.85 39.61
N LYS B 245 -44.90 25.89 40.32
CA LYS B 245 -45.64 27.16 40.32
C LYS B 245 -45.82 27.79 38.95
N LYS B 246 -44.77 27.72 38.12
CA LYS B 246 -44.84 28.16 36.71
C LYS B 246 -45.66 27.27 35.74
N LYS B 247 -46.29 26.23 36.25
CA LYS B 247 -47.08 25.29 35.44
C LYS B 247 -46.13 24.55 34.45
N LYS B 248 -44.88 24.31 34.83
CA LYS B 248 -43.92 23.60 33.94
C LYS B 248 -43.31 22.49 34.74
N THR B 249 -44.19 21.64 35.31
CA THR B 249 -43.86 20.68 36.33
C THR B 249 -42.67 19.83 35.95
N VAL B 250 -41.77 19.66 36.90
CA VAL B 250 -40.57 18.79 36.75
C VAL B 250 -40.99 17.35 36.83
N ALA B 251 -41.00 16.68 35.67
CA ALA B 251 -41.32 15.30 35.60
C ALA B 251 -40.23 14.33 35.92
N GLY B 252 -38.96 14.74 35.70
CA GLY B 252 -37.78 13.96 35.93
C GLY B 252 -36.56 14.86 36.14
N ILE B 253 -35.58 14.24 36.75
CA ILE B 253 -34.26 14.83 36.96
C ILE B 253 -33.24 13.91 36.32
N ILE B 254 -32.39 14.51 35.44
CA ILE B 254 -31.31 13.76 34.84
C ILE B 254 -29.98 14.22 35.40
N VAL B 255 -29.12 13.23 35.69
CA VAL B 255 -27.76 13.52 36.18
C VAL B 255 -26.80 12.42 35.78
N GLU B 256 -25.51 12.79 35.56
CA GLU B 256 -24.45 11.84 35.36
C GLU B 256 -23.79 11.53 36.71
N PRO B 257 -23.40 10.28 36.97
CA PRO B 257 -22.69 9.99 38.21
C PRO B 257 -21.36 10.76 38.41
N ILE B 258 -20.72 11.09 37.29
CA ILE B 258 -19.51 11.93 37.23
C ILE B 258 -19.74 12.67 35.93
N GLN B 259 -19.69 13.98 35.98
CA GLN B 259 -19.91 14.83 34.79
C GLN B 259 -18.64 14.75 33.91
N SER B 260 -18.79 14.47 32.63
CA SER B 260 -17.63 14.17 31.76
C SER B 260 -17.24 15.35 30.85
N GLU B 261 -18.01 15.56 29.78
N GLU B 261 -18.01 15.56 29.78
CA GLU B 261 -17.65 16.54 28.78
CA GLU B 261 -17.63 16.55 28.79
C GLU B 261 -17.50 17.94 29.38
C GLU B 261 -17.44 17.90 29.43
N GLY B 262 -18.29 18.23 30.40
CA GLY B 262 -18.17 19.49 31.10
C GLY B 262 -16.98 19.69 32.04
N GLY B 263 -16.22 18.64 32.34
CA GLY B 263 -14.99 18.81 33.08
C GLY B 263 -14.70 17.81 34.15
N ASP B 264 -15.14 16.57 34.05
CA ASP B 264 -14.91 15.52 35.08
C ASP B 264 -15.20 16.08 36.47
N ASN B 265 -16.48 16.46 36.66
CA ASN B 265 -16.98 16.89 37.99
C ASN B 265 -17.52 15.77 38.77
N HIS B 266 -16.93 15.56 39.96
CA HIS B 266 -17.33 14.52 40.91
C HIS B 266 -18.16 15.12 42.08
N ALA B 267 -18.89 14.23 42.75
CA ALA B 267 -19.59 14.62 44.01
C ALA B 267 -19.68 13.41 44.90
N SER B 268 -19.90 13.56 46.23
CA SER B 268 -19.93 12.39 47.07
C SER B 268 -21.10 11.45 46.78
N ASP B 269 -20.95 10.20 47.19
CA ASP B 269 -22.03 9.22 47.17
C ASP B 269 -23.21 9.76 47.98
N ASP B 270 -22.92 10.45 49.08
CA ASP B 270 -23.96 11.07 49.91
C ASP B 270 -24.85 12.04 49.16
N PHE B 271 -24.24 12.87 48.34
CA PHE B 271 -24.96 13.84 47.55
C PHE B 271 -25.94 13.16 46.58
N PHE B 272 -25.51 12.07 45.94
CA PHE B 272 -26.37 11.34 45.04
C PHE B 272 -27.52 10.66 45.76
N ARG B 273 -27.24 10.14 46.95
CA ARG B 273 -28.30 9.53 47.80
C ARG B 273 -29.32 10.55 48.16
N LYS B 274 -28.90 11.77 48.52
CA LYS B 274 -29.86 12.80 48.88
C LYS B 274 -30.57 13.35 47.70
N LEU B 275 -29.86 13.37 46.58
CA LEU B 275 -30.50 13.83 45.33
C LEU B 275 -31.66 12.87 44.92
N ARG B 276 -31.42 11.59 45.06
CA ARG B 276 -32.36 10.55 44.71
C ARG B 276 -33.58 10.68 45.61
N ASP B 277 -33.33 10.98 46.88
CA ASP B 277 -34.44 11.19 47.81
C ASP B 277 -35.29 12.44 47.47
N ILE B 278 -34.65 13.54 47.15
CA ILE B 278 -35.33 14.72 46.70
C ILE B 278 -36.26 14.36 45.52
N SER B 279 -35.71 13.62 44.55
CA SER B 279 -36.49 13.23 43.39
C SER B 279 -37.77 12.50 43.84
N ARG B 280 -37.59 11.50 44.67
CA ARG B 280 -38.73 10.73 45.10
C ARG B 280 -39.74 11.61 45.85
N LYS B 281 -39.22 12.41 46.77
CA LYS B 281 -40.08 13.30 47.56
C LYS B 281 -41.01 14.18 46.73
N HIS B 282 -40.54 14.72 45.58
CA HIS B 282 -41.36 15.57 44.70
C HIS B 282 -42.05 14.83 43.51
N GLY B 283 -41.95 13.53 43.50
CA GLY B 283 -42.60 12.69 42.48
C GLY B 283 -41.89 12.79 41.11
N CYS B 284 -40.61 13.17 41.13
CA CYS B 284 -39.80 13.29 39.88
C CYS B 284 -39.14 11.96 39.65
N ALA B 285 -39.17 11.50 38.40
CA ALA B 285 -38.43 10.38 38.04
C ALA B 285 -36.97 10.68 38.07
N PHE B 286 -36.21 9.78 38.58
CA PHE B 286 -34.72 9.99 38.65
C PHE B 286 -34.06 9.20 37.54
N LEU B 287 -33.47 9.95 36.60
CA LEU B 287 -32.84 9.41 35.40
C LEU B 287 -31.31 9.56 35.54
N VAL B 288 -30.62 8.45 35.64
CA VAL B 288 -29.14 8.45 35.78
C VAL B 288 -28.58 8.13 34.37
N ASP B 289 -27.78 9.06 33.90
CA ASP B 289 -27.11 8.95 32.49
C ASP B 289 -25.77 8.24 32.72
N GLU B 290 -25.64 6.94 32.42
CA GLU B 290 -24.38 6.21 32.59
C GLU B 290 -23.81 5.92 31.16
N VAL B 291 -24.21 6.74 30.21
CA VAL B 291 -23.62 6.56 28.84
C VAL B 291 -22.08 6.53 28.92
N GLN B 292 -21.47 7.46 29.69
CA GLN B 292 -20.00 7.49 29.78
C GLN B 292 -19.41 6.83 31.04
N THR B 293 -20.13 6.83 32.16
CA THR B 293 -19.61 6.16 33.35
C THR B 293 -19.82 4.66 33.31
N GLY B 294 -20.81 4.20 32.56
CA GLY B 294 -21.15 2.81 32.54
C GLY B 294 -20.18 1.91 31.81
N GLY B 295 -20.16 0.64 32.19
CA GLY B 295 -19.33 -0.33 31.60
C GLY B 295 -18.04 -0.63 32.32
N GLY B 296 -17.90 -0.18 33.56
CA GLY B 296 -16.85 -0.75 34.42
C GLY B 296 -15.67 0.03 34.86
N SER B 297 -15.39 1.17 34.23
CA SER B 297 -14.10 1.82 34.45
C SER B 297 -13.98 2.42 35.85
N THR B 298 -15.11 2.69 36.52
CA THR B 298 -15.03 3.14 37.91
C THR B 298 -14.82 1.98 38.91
N GLY B 299 -14.73 0.72 38.46
CA GLY B 299 -14.49 -0.43 39.34
C GLY B 299 -15.77 -1.17 39.73
N LYS B 300 -16.92 -0.60 39.36
CA LYS B 300 -18.20 -1.32 39.40
C LYS B 300 -18.82 -1.17 38.00
N PHE B 301 -19.73 -2.08 37.64
CA PHE B 301 -20.23 -2.08 36.25
C PHE B 301 -20.92 -0.73 35.94
N TRP B 302 -21.87 -0.30 36.76
CA TRP B 302 -22.45 0.97 36.74
C TRP B 302 -21.91 1.83 37.88
N ALA B 303 -21.48 3.04 37.60
CA ALA B 303 -20.97 3.97 38.62
C ALA B 303 -21.94 4.16 39.78
N HIS B 304 -23.24 4.22 39.50
CA HIS B 304 -24.23 4.47 40.57
C HIS B 304 -24.17 3.39 41.63
N GLU B 305 -23.61 2.23 41.30
CA GLU B 305 -23.45 1.11 42.24
C GLU B 305 -22.72 1.53 43.49
N HIS B 306 -21.81 2.48 43.36
CA HIS B 306 -21.04 2.95 44.50
C HIS B 306 -21.96 3.60 45.57
N TRP B 307 -23.14 4.10 45.20
CA TRP B 307 -24.03 4.79 46.13
C TRP B 307 -24.66 3.83 47.15
N GLY B 308 -24.68 2.56 46.81
CA GLY B 308 -25.08 1.50 47.67
C GLY B 308 -26.58 1.45 47.89
N LEU B 309 -27.40 1.93 46.94
CA LEU B 309 -28.85 1.97 47.10
C LEU B 309 -29.58 0.78 46.48
N ASP B 310 -30.59 0.29 47.19
CA ASP B 310 -31.47 -0.72 46.61
C ASP B 310 -32.42 -0.16 45.57
N ASP B 311 -32.74 1.11 45.68
CA ASP B 311 -33.58 1.82 44.73
C ASP B 311 -32.79 3.05 44.26
N PRO B 312 -31.83 2.84 43.33
CA PRO B 312 -30.93 3.95 42.99
C PRO B 312 -31.49 4.95 42.01
N ALA B 313 -32.47 4.50 41.22
CA ALA B 313 -32.99 5.34 40.17
C ALA B 313 -34.25 4.74 39.56
N ASP B 314 -34.95 5.53 38.79
CA ASP B 314 -36.15 5.08 38.05
C ASP B 314 -35.80 4.60 36.64
N VAL B 315 -34.81 5.25 36.06
CA VAL B 315 -34.40 4.99 34.63
C VAL B 315 -32.87 5.19 34.58
N MET B 316 -32.19 4.33 33.81
CA MET B 316 -30.72 4.47 33.64
C MET B 316 -30.43 4.22 32.17
N THR B 317 -29.89 5.26 31.54
CA THR B 317 -29.42 5.11 30.12
C THR B 317 -27.98 4.69 30.01
N PHE B 318 -27.61 4.19 28.84
CA PHE B 318 -26.28 3.68 28.62
C PHE B 318 -26.03 3.71 27.10
N SER B 319 -24.76 3.59 26.72
CA SER B 319 -24.28 3.51 25.33
C SER B 319 -22.76 3.34 25.39
N LYS B 320 -22.06 3.87 24.38
CA LYS B 320 -20.55 3.93 24.35
C LYS B 320 -19.96 2.58 24.57
N LYS B 321 -19.36 2.29 25.73
CA LYS B 321 -18.75 0.97 25.91
C LYS B 321 -19.72 -0.20 25.73
N MET B 322 -21.02 0.07 25.93
CA MET B 322 -22.04 -1.01 25.83
C MET B 322 -22.35 -1.40 24.39
N MET B 323 -21.74 -0.69 23.42
N MET B 323 -21.76 -0.65 23.45
CA MET B 323 -21.81 -1.03 22.00
CA MET B 323 -21.79 -0.93 22.02
C MET B 323 -23.16 -0.63 21.40
C MET B 323 -23.16 -0.64 21.39
N THR B 324 -24.23 -1.02 22.11
CA THR B 324 -25.59 -0.51 21.86
C THR B 324 -25.93 0.48 22.97
N GLY B 325 -26.99 1.29 22.72
CA GLY B 325 -27.62 2.12 23.71
C GLY B 325 -28.91 1.43 24.20
N GLY B 326 -29.63 2.17 25.05
CA GLY B 326 -30.89 1.75 25.61
C GLY B 326 -31.03 2.35 27.02
N PHE B 327 -32.04 1.85 27.71
CA PHE B 327 -32.26 2.25 29.09
C PHE B 327 -32.99 1.19 29.85
N PHE B 328 -32.50 0.98 31.05
CA PHE B 328 -33.21 0.08 32.02
C PHE B 328 -34.22 0.99 32.75
N HIS B 329 -35.31 0.39 33.28
CA HIS B 329 -36.27 1.24 33.99
C HIS B 329 -37.15 0.34 34.89
N LYS B 330 -37.71 1.00 35.90
CA LYS B 330 -38.65 0.31 36.75
C LYS B 330 -39.88 -0.13 36.00
N GLU B 331 -40.43 -1.28 36.45
CA GLU B 331 -41.70 -1.75 35.92
C GLU B 331 -42.79 -0.70 35.81
N GLU B 332 -42.94 0.19 36.78
CA GLU B 332 -43.93 1.25 36.70
C GLU B 332 -43.78 2.24 35.56
N PHE B 333 -42.58 2.30 34.95
CA PHE B 333 -42.32 3.19 33.80
C PHE B 333 -42.61 2.58 32.43
N ARG B 334 -43.01 1.33 32.46
CA ARG B 334 -43.40 0.67 31.24
C ARG B 334 -44.43 1.43 30.45
N PRO B 335 -44.19 1.70 29.15
CA PRO B 335 -45.19 2.40 28.35
C PRO B 335 -46.50 1.66 28.31
N ASN B 336 -47.61 2.37 28.31
CA ASN B 336 -48.92 1.69 28.43
C ASN B 336 -49.50 1.22 27.10
N ALA B 337 -48.87 1.58 25.99
CA ALA B 337 -49.36 1.18 24.71
C ALA B 337 -48.13 1.13 23.79
N PRO B 338 -48.24 0.37 22.70
CA PRO B 338 -47.13 0.29 21.77
C PRO B 338 -47.08 1.51 20.88
N TYR B 339 -45.95 1.70 20.19
CA TYR B 339 -45.76 2.82 19.23
C TYR B 339 -45.64 4.20 19.82
N ARG B 340 -45.37 4.26 21.14
CA ARG B 340 -45.07 5.48 21.80
C ARG B 340 -43.56 5.63 21.97
N ILE B 341 -42.90 4.62 22.52
CA ILE B 341 -41.44 4.52 22.49
C ILE B 341 -41.08 3.52 21.38
N PHE B 342 -40.54 4.05 20.26
CA PHE B 342 -40.41 3.25 19.05
C PHE B 342 -39.44 3.96 18.09
N ASN B 343 -38.79 3.17 17.23
CA ASN B 343 -38.12 3.72 16.04
C ASN B 343 -37.79 2.54 15.15
N THR B 344 -37.22 2.77 13.97
CA THR B 344 -37.04 1.64 13.06
C THR B 344 -36.21 0.51 13.63
N TRP B 345 -35.02 0.81 14.12
CA TRP B 345 -34.06 -0.19 14.37
C TRP B 345 -33.92 -0.55 15.92
N LEU B 346 -34.13 0.41 16.82
CA LEU B 346 -34.05 0.17 18.28
C LEU B 346 -32.76 -0.53 18.71
N GLY B 347 -31.66 -0.10 18.13
CA GLY B 347 -30.39 -0.72 18.30
C GLY B 347 -30.00 -1.58 17.08
N ASP B 348 -29.34 -2.71 17.29
CA ASP B 348 -28.86 -3.57 16.22
C ASP B 348 -28.40 -4.88 16.85
N PRO B 349 -28.96 -6.02 16.40
CA PRO B 349 -28.51 -7.27 17.02
C PRO B 349 -27.04 -7.57 16.88
N SER B 350 -26.38 -7.04 15.89
CA SER B 350 -24.98 -7.33 15.75
C SER B 350 -24.22 -6.72 16.89
N LYS B 351 -24.69 -5.57 17.41
CA LYS B 351 -24.02 -4.94 18.53
C LYS B 351 -24.30 -5.75 19.78
N ASN B 352 -25.49 -6.31 19.89
CA ASN B 352 -25.78 -7.24 21.03
C ASN B 352 -24.91 -8.48 21.04
N LEU B 353 -24.68 -9.04 19.85
CA LEU B 353 -23.75 -10.18 19.66
C LEU B 353 -22.36 -9.86 20.21
N LEU B 354 -21.84 -8.70 19.81
CA LEU B 354 -20.52 -8.27 20.35
C LEU B 354 -20.59 -8.07 21.84
N LEU B 355 -21.64 -7.40 22.29
CA LEU B 355 -21.75 -7.02 23.72
C LEU B 355 -21.79 -8.26 24.64
N ALA B 356 -22.50 -9.31 24.22
CA ALA B 356 -22.52 -10.52 25.06
C ALA B 356 -21.15 -11.02 25.28
N GLU B 357 -20.30 -11.01 24.23
CA GLU B 357 -18.95 -11.52 24.38
C GLU B 357 -18.12 -10.58 25.23
N VAL B 358 -18.31 -9.29 25.03
CA VAL B 358 -17.63 -8.32 25.88
C VAL B 358 -17.93 -8.52 27.36
N ILE B 359 -19.22 -8.68 27.64
CA ILE B 359 -19.64 -8.92 29.05
C ILE B 359 -19.06 -10.25 29.59
N ASN B 360 -18.96 -11.27 28.73
CA ASN B 360 -18.34 -12.53 29.10
C ASN B 360 -16.87 -12.31 29.50
N ILE B 361 -16.15 -11.51 28.72
CA ILE B 361 -14.74 -11.21 28.91
C ILE B 361 -14.57 -10.40 30.21
N ILE B 362 -15.36 -9.36 30.40
CA ILE B 362 -15.30 -8.57 31.65
C ILE B 362 -15.47 -9.48 32.89
N LYS B 363 -16.42 -10.40 32.83
CA LYS B 363 -16.63 -11.34 33.97
C LYS B 363 -15.49 -12.36 34.09
N ARG B 364 -15.18 -13.08 33.03
CA ARG B 364 -14.16 -14.14 33.07
CA ARG B 364 -14.18 -14.15 33.13
C ARG B 364 -12.79 -13.61 33.52
N GLU B 365 -12.46 -12.39 33.13
CA GLU B 365 -11.11 -11.86 33.36
C GLU B 365 -11.08 -10.87 34.46
N ASP B 366 -12.19 -10.72 35.19
CA ASP B 366 -12.24 -9.93 36.42
C ASP B 366 -11.81 -8.49 36.13
N LEU B 367 -12.36 -7.95 35.04
CA LEU B 367 -12.04 -6.58 34.69
C LEU B 367 -12.56 -5.43 35.49
N LEU B 368 -13.60 -5.60 36.37
CA LEU B 368 -14.00 -4.54 37.21
C LEU B 368 -12.96 -4.35 38.33
N SER B 369 -12.49 -5.47 38.86
CA SER B 369 -11.44 -5.47 39.87
C SER B 369 -10.19 -4.86 39.28
N ASN B 370 -9.84 -5.27 38.07
CA ASN B 370 -8.67 -4.69 37.37
C ASN B 370 -8.79 -3.18 37.21
N ALA B 371 -9.97 -2.67 36.82
CA ALA B 371 -10.10 -1.21 36.72
C ALA B 371 -9.87 -0.48 38.07
N ALA B 372 -10.42 -1.04 39.16
CA ALA B 372 -10.10 -0.45 40.48
C ALA B 372 -8.58 -0.48 40.80
N HIS B 373 -7.91 -1.61 40.53
CA HIS B 373 -6.49 -1.77 40.83
C HIS B 373 -5.63 -0.86 39.94
N ALA B 374 -5.84 -0.92 38.60
CA ALA B 374 -5.05 -0.11 37.67
C ALA B 374 -5.31 1.37 37.87
N GLY B 375 -6.55 1.70 38.23
CA GLY B 375 -6.97 3.05 38.42
C GLY B 375 -6.32 3.61 39.69
N LYS B 376 -6.19 2.77 40.72
CA LYS B 376 -5.46 3.25 41.96
C LYS B 376 -3.98 3.56 41.57
N VAL B 377 -3.38 2.72 40.78
CA VAL B 377 -2.00 2.94 40.36
C VAL B 377 -1.91 4.25 39.65
N LEU B 378 -2.81 4.46 38.67
CA LEU B 378 -2.84 5.72 37.96
C LEU B 378 -3.04 6.91 38.83
N LEU B 379 -4.04 6.88 39.71
CA LEU B 379 -4.33 8.04 40.55
C LEU B 379 -3.19 8.35 41.54
N THR B 380 -2.59 7.32 42.08
CA THR B 380 -1.49 7.51 43.01
C THR B 380 -0.34 8.20 42.30
N GLY B 381 -0.09 7.76 41.07
CA GLY B 381 0.98 8.42 40.31
C GLY B 381 0.63 9.85 39.98
N LEU B 382 -0.64 10.12 39.62
CA LEU B 382 -1.07 11.47 39.35
C LEU B 382 -0.90 12.39 40.56
N LEU B 383 -1.20 11.82 41.75
CA LEU B 383 -1.05 12.64 42.99
C LEU B 383 0.45 12.94 43.24
N ASP B 384 1.31 11.96 42.96
CA ASP B 384 2.77 12.13 43.04
C ASP B 384 3.23 13.24 42.05
N LEU B 385 2.78 13.17 40.79
CA LEU B 385 3.07 14.26 39.85
C LEU B 385 2.54 15.65 40.24
N GLN B 386 1.38 15.68 40.91
CA GLN B 386 0.78 16.93 41.38
C GLN B 386 1.68 17.60 42.47
N ALA B 387 2.18 16.74 43.34
CA ALA B 387 3.05 17.17 44.45
C ALA B 387 4.31 17.71 43.83
N ARG B 388 4.86 17.01 42.82
CA ARG B 388 6.13 17.48 42.19
C ARG B 388 5.98 18.64 41.26
N TYR B 389 4.82 18.82 40.61
CA TYR B 389 4.59 19.91 39.66
C TYR B 389 3.28 20.69 39.94
N PRO B 390 3.17 21.26 41.15
CA PRO B 390 2.00 22.04 41.48
C PRO B 390 1.72 23.22 40.54
N GLN B 391 2.71 23.68 39.77
CA GLN B 391 2.52 24.78 38.88
C GLN B 391 1.88 24.38 37.53
N PHE B 392 1.74 23.08 37.30
CA PHE B 392 1.06 22.54 36.11
C PHE B 392 -0.17 21.67 36.39
N ILE B 393 -0.19 21.04 37.54
CA ILE B 393 -1.16 19.98 37.86
C ILE B 393 -1.95 20.33 39.13
N SER B 394 -3.28 20.39 39.04
CA SER B 394 -4.08 20.58 40.28
C SER B 394 -5.37 19.77 40.23
N ARG B 395 -6.02 19.68 41.35
CA ARG B 395 -7.35 19.02 41.42
C ARG B 395 -7.32 17.58 40.85
N VAL B 396 -6.24 16.88 41.08
CA VAL B 396 -6.16 15.44 40.74
C VAL B 396 -7.31 14.72 41.40
N ARG B 397 -8.04 13.93 40.60
CA ARG B 397 -9.24 13.28 41.06
C ARG B 397 -9.61 12.11 40.21
N GLY B 398 -10.42 11.22 40.77
CA GLY B 398 -10.88 10.04 40.02
C GLY B 398 -11.54 8.96 40.83
N ARG B 399 -12.07 7.97 40.11
CA ARG B 399 -12.59 6.75 40.67
C ARG B 399 -12.33 5.65 39.65
N GLY B 400 -11.69 4.56 40.05
CA GLY B 400 -11.23 3.54 39.10
C GLY B 400 -10.29 4.28 38.13
N THR B 401 -10.37 3.97 36.84
CA THR B 401 -9.47 4.63 35.88
C THR B 401 -10.11 5.94 35.31
N PHE B 402 -11.26 6.33 35.85
CA PHE B 402 -11.99 7.49 35.39
C PHE B 402 -11.41 8.72 36.11
N CYS B 403 -10.17 9.06 35.75
CA CYS B 403 -9.39 10.09 36.43
C CYS B 403 -9.19 11.32 35.60
N SER B 404 -8.75 12.42 36.24
CA SER B 404 -8.53 13.67 35.59
C SER B 404 -7.69 14.57 36.48
N PHE B 405 -7.30 15.69 35.90
CA PHE B 405 -6.61 16.79 36.63
C PHE B 405 -6.79 18.05 35.85
N ASP B 406 -6.56 19.18 36.49
CA ASP B 406 -6.62 20.45 35.84
C ASP B 406 -5.20 21.02 35.57
N THR B 407 -5.13 21.88 34.57
CA THR B 407 -3.93 22.68 34.23
C THR B 407 -4.27 24.16 34.46
N PRO B 408 -3.24 25.03 34.45
CA PRO B 408 -3.51 26.42 34.76
C PRO B 408 -4.38 27.08 33.76
N ASP B 409 -4.34 26.68 32.49
CA ASP B 409 -5.17 27.31 31.47
C ASP B 409 -5.33 26.47 30.24
N GLU B 410 -6.21 26.89 29.34
CA GLU B 410 -6.53 26.13 28.14
C GLU B 410 -5.33 25.90 27.21
N SER B 411 -4.46 26.90 27.01
CA SER B 411 -3.33 26.70 26.10
C SER B 411 -2.34 25.69 26.65
N ILE B 412 -2.11 25.66 27.94
CA ILE B 412 -1.20 24.65 28.55
C ILE B 412 -1.88 23.27 28.45
N ARG B 413 -3.19 23.23 28.74
CA ARG B 413 -3.93 21.95 28.64
C ARG B 413 -3.72 21.38 27.24
N ASN B 414 -3.92 22.21 26.20
CA ASN B 414 -3.78 21.70 24.84
C ASN B 414 -2.31 21.38 24.48
N LYS B 415 -1.35 22.15 25.00
CA LYS B 415 0.03 21.87 24.70
C LYS B 415 0.42 20.53 25.30
N LEU B 416 0.01 20.27 26.55
CA LEU B 416 0.38 18.99 27.15
C LEU B 416 -0.24 17.78 26.43
N ILE B 417 -1.49 17.88 25.99
CA ILE B 417 -2.12 16.83 25.18
C ILE B 417 -1.32 16.62 23.87
N SER B 418 -0.97 17.71 23.22
CA SER B 418 -0.20 17.63 21.99
C SER B 418 1.15 16.96 22.12
N ILE B 419 1.86 17.38 23.14
CA ILE B 419 3.17 16.82 23.48
C ILE B 419 3.09 15.36 23.80
N ALA B 420 2.10 15.00 24.63
CA ALA B 420 1.91 13.63 25.01
C ALA B 420 1.64 12.73 23.83
N ARG B 421 0.79 13.19 22.91
CA ARG B 421 0.51 12.43 21.71
C ARG B 421 1.76 12.15 20.87
N ASN B 422 2.56 13.20 20.70
CA ASN B 422 3.82 13.01 19.92
C ASN B 422 4.83 12.07 20.62
N LYS B 423 4.64 11.94 21.93
CA LYS B 423 5.43 10.99 22.73
C LYS B 423 4.80 9.62 22.88
N GLY B 424 3.64 9.37 22.28
CA GLY B 424 3.12 8.03 22.21
C GLY B 424 1.93 7.76 23.13
N VAL B 425 1.35 8.81 23.70
CA VAL B 425 0.17 8.65 24.59
C VAL B 425 -0.98 9.56 24.22
N MET B 426 -2.13 8.96 23.93
N MET B 426 -2.14 8.97 23.93
CA MET B 426 -3.35 9.71 23.58
CA MET B 426 -3.32 9.77 23.62
C MET B 426 -4.15 10.04 24.86
C MET B 426 -4.13 10.04 24.88
N LEU B 427 -4.29 11.32 25.15
CA LEU B 427 -5.12 11.80 26.30
C LEU B 427 -6.31 12.57 25.79
N GLY B 428 -7.33 12.65 26.68
CA GLY B 428 -8.50 13.48 26.48
C GLY B 428 -8.47 14.81 27.19
N GLY B 429 -9.21 15.76 26.66
CA GLY B 429 -9.49 17.02 27.34
C GLY B 429 -10.96 17.07 27.65
N CYS B 430 -11.31 17.82 28.68
CA CYS B 430 -12.69 18.15 28.98
C CYS B 430 -12.70 19.50 29.71
N GLY B 431 -13.86 20.15 29.74
CA GLY B 431 -13.93 21.55 30.18
C GLY B 431 -12.90 22.42 29.43
N ASP B 432 -12.58 23.58 29.99
CA ASP B 432 -11.67 24.52 29.32
C ASP B 432 -10.24 24.21 29.71
N LYS B 433 -10.02 23.45 30.79
CA LYS B 433 -8.63 23.17 31.12
C LYS B 433 -8.29 21.91 31.87
N SER B 434 -9.10 20.87 31.71
CA SER B 434 -8.82 19.60 32.35
C SER B 434 -8.29 18.60 31.31
N ILE B 435 -7.50 17.66 31.79
CA ILE B 435 -7.09 16.44 31.07
C ILE B 435 -7.74 15.25 31.74
N ARG B 436 -8.26 14.32 30.91
CA ARG B 436 -9.02 13.17 31.42
C ARG B 436 -8.48 11.91 30.85
N PHE B 437 -8.73 10.84 31.59
CA PHE B 437 -8.35 9.51 31.24
C PHE B 437 -9.63 8.69 31.01
N ARG B 438 -9.69 7.99 29.87
CA ARG B 438 -10.65 6.96 29.64
C ARG B 438 -10.00 5.73 29.01
N PRO B 439 -9.28 4.99 29.80
CA PRO B 439 -8.63 3.81 29.30
C PRO B 439 -9.59 2.66 29.04
N THR B 440 -9.28 1.84 28.08
CA THR B 440 -10.11 0.71 27.86
CA THR B 440 -10.09 0.67 27.83
C THR B 440 -9.98 -0.24 29.08
N LEU B 441 -10.83 -1.24 29.14
CA LEU B 441 -10.81 -2.17 30.33
C LEU B 441 -9.69 -3.17 30.27
N VAL B 442 -8.88 -3.16 29.20
CA VAL B 442 -7.69 -3.99 29.22
C VAL B 442 -6.42 -3.19 29.55
N PHE B 443 -6.64 -1.95 29.98
CA PHE B 443 -5.64 -1.10 30.66
C PHE B 443 -5.25 -1.76 31.98
N ARG B 444 -3.95 -2.08 32.15
CA ARG B 444 -3.39 -2.70 33.38
C ARG B 444 -2.39 -1.77 34.14
N ASP B 445 -2.01 -2.18 35.35
CA ASP B 445 -1.04 -1.37 36.05
C ASP B 445 0.22 -1.05 35.24
N HIS B 446 0.72 -2.00 34.46
CA HIS B 446 1.92 -1.66 33.66
C HIS B 446 1.69 -0.58 32.66
N HIS B 447 0.47 -0.47 32.10
CA HIS B 447 0.16 0.67 31.24
C HIS B 447 0.13 1.96 31.97
N ALA B 448 -0.39 1.92 33.19
CA ALA B 448 -0.42 3.09 34.05
C ALA B 448 1.02 3.60 34.32
N HIS B 449 1.91 2.66 34.66
CA HIS B 449 3.30 3.04 34.93
C HIS B 449 4.00 3.54 33.67
N LEU B 450 3.69 2.96 32.49
CA LEU B 450 4.23 3.50 31.21
C LEU B 450 3.83 4.93 30.99
N PHE B 451 2.53 5.23 31.11
CA PHE B 451 2.11 6.58 31.02
C PHE B 451 2.83 7.49 31.99
N LEU B 452 2.86 7.10 33.25
CA LEU B 452 3.35 7.95 34.32
C LEU B 452 4.80 8.30 34.03
N ASN B 453 5.52 7.31 33.56
N ASN B 453 5.61 7.36 33.51
CA ASN B 453 6.93 7.46 33.36
CA ASN B 453 7.04 7.67 33.19
C ASN B 453 7.20 8.42 32.12
C ASN B 453 7.15 8.62 32.07
N ILE B 454 6.42 8.35 31.02
CA ILE B 454 6.49 9.29 29.86
C ILE B 454 6.03 10.69 30.24
N PHE B 455 4.94 10.80 31.02
CA PHE B 455 4.44 12.09 31.41
C PHE B 455 5.41 12.81 32.41
N SER B 456 6.06 12.03 33.26
CA SER B 456 7.06 12.58 34.21
C SER B 456 8.17 13.29 33.44
N ASP B 457 8.61 12.67 32.35
CA ASP B 457 9.65 13.22 31.51
C ASP B 457 9.15 14.46 30.83
N ILE B 458 7.88 14.47 30.34
CA ILE B 458 7.28 15.64 29.72
C ILE B 458 7.27 16.81 30.69
N LEU B 459 6.80 16.55 31.91
CA LEU B 459 6.72 17.61 32.91
C LEU B 459 8.12 18.21 33.24
N ALA B 460 9.12 17.36 33.33
CA ALA B 460 10.46 17.80 33.67
C ALA B 460 10.97 18.67 32.57
N ASP B 461 10.54 18.44 31.33
CA ASP B 461 11.02 19.20 30.21
C ASP B 461 10.16 20.41 29.88
N PHE B 462 9.02 20.57 30.53
CA PHE B 462 8.04 21.60 30.17
C PHE B 462 8.49 22.87 30.94
N LYS B 463 8.38 24.01 30.31
CA LYS B 463 9.40 25.11 30.54
C LYS B 463 9.77 25.55 31.98
N PHE C 2 0.98 -21.37 -11.18
CA PHE C 2 1.74 -21.57 -12.47
C PHE C 2 1.39 -20.54 -13.57
N ASP C 3 0.11 -20.19 -13.79
CA ASP C 3 -0.28 -19.28 -14.92
C ASP C 3 -1.68 -18.68 -14.67
N TYR C 4 -1.93 -17.47 -15.15
CA TYR C 4 -3.31 -16.95 -15.13
C TYR C 4 -4.00 -17.43 -16.38
N ASP C 5 -5.27 -17.06 -16.52
CA ASP C 5 -6.01 -17.54 -17.67
C ASP C 5 -6.06 -16.51 -18.80
N GLY C 6 -5.75 -15.24 -18.56
CA GLY C 6 -5.78 -14.25 -19.62
C GLY C 6 -5.43 -12.97 -19.02
N PRO C 7 -5.39 -11.92 -19.83
CA PRO C 7 -5.03 -10.61 -19.40
C PRO C 7 -6.14 -9.93 -18.65
N LEU C 8 -5.80 -8.85 -18.00
CA LEU C 8 -6.79 -8.08 -17.30
C LEU C 8 -6.32 -6.67 -17.16
N MET C 9 -6.96 -5.78 -17.87
CA MET C 9 -6.58 -4.38 -17.84
C MET C 9 -7.47 -3.44 -17.05
N LYS C 10 -6.83 -2.58 -16.29
CA LYS C 10 -7.53 -1.56 -15.56
C LYS C 10 -7.26 -0.19 -16.06
N THR C 11 -6.10 0.07 -16.69
CA THR C 11 -5.73 1.40 -17.06
C THR C 11 -5.01 1.27 -18.41
N GLU C 12 -4.79 2.41 -19.02
CA GLU C 12 -3.80 2.65 -20.06
C GLU C 12 -2.39 2.33 -19.43
N VAL C 13 -1.44 1.91 -20.25
CA VAL C 13 -0.10 1.58 -19.80
C VAL C 13 0.92 2.52 -20.47
N PRO C 14 1.75 3.26 -19.75
CA PRO C 14 1.84 3.16 -18.30
C PRO C 14 0.67 3.89 -17.57
N GLY C 15 0.19 3.25 -16.52
CA GLY C 15 -0.78 3.83 -15.60
C GLY C 15 -0.23 4.89 -14.65
N PRO C 16 -1.12 5.49 -13.85
CA PRO C 16 -0.70 6.61 -13.07
C PRO C 16 0.41 6.19 -12.06
N ARG C 17 0.28 5.03 -11.43
CA ARG C 17 1.31 4.53 -10.44
C ARG C 17 2.67 4.38 -11.17
N SER C 18 2.65 3.73 -12.32
CA SER C 18 3.91 3.70 -13.13
C SER C 18 4.44 5.07 -13.50
N ARG C 19 3.58 6.00 -13.97
CA ARG C 19 4.10 7.32 -14.32
C ARG C 19 4.74 8.05 -13.17
N GLU C 20 4.15 7.90 -11.97
CA GLU C 20 4.67 8.47 -10.75
C GLU C 20 6.10 7.95 -10.45
N LEU C 21 6.25 6.63 -10.58
CA LEU C 21 7.57 5.97 -10.31
C LEU C 21 8.59 6.34 -11.39
N MET C 22 8.12 6.48 -12.62
CA MET C 22 8.93 7.00 -13.71
C MET C 22 9.47 8.37 -13.52
N LYS C 23 8.62 9.29 -12.98
CA LYS C 23 9.03 10.58 -12.61
C LYS C 23 10.11 10.55 -11.55
N GLN C 24 9.89 9.72 -10.54
CA GLN C 24 10.89 9.61 -9.45
C GLN C 24 12.23 9.07 -9.97
N LEU C 25 12.14 8.11 -10.82
CA LEU C 25 13.39 7.49 -11.38
C LEU C 25 14.13 8.40 -12.33
N ASN C 26 13.37 9.23 -13.04
CA ASN C 26 13.97 10.20 -13.92
C ASN C 26 14.80 11.26 -13.29
N ILE C 27 14.69 11.50 -11.96
N ILE C 27 14.58 11.49 -11.99
CA ILE C 27 15.54 12.46 -11.24
CA ILE C 27 15.40 12.38 -11.25
C ILE C 27 17.04 12.08 -11.27
C ILE C 27 16.76 11.71 -11.11
N ILE C 28 17.36 10.76 -11.25
N ILE C 28 16.77 10.37 -10.93
CA ILE C 28 18.69 10.21 -10.92
CA ILE C 28 18.09 9.72 -10.78
C ILE C 28 19.23 9.54 -12.20
C ILE C 28 18.98 9.35 -12.03
N GLN C 29 18.38 9.31 -13.21
CA GLN C 29 18.94 8.76 -14.45
C GLN C 29 17.89 9.02 -15.55
N ASN C 30 18.34 8.93 -16.78
CA ASN C 30 17.45 8.89 -17.92
C ASN C 30 16.57 7.68 -17.87
N ALA C 31 15.30 7.93 -17.67
CA ALA C 31 14.31 6.94 -17.59
C ALA C 31 13.43 6.78 -18.79
N GLU C 32 13.83 7.36 -19.93
CA GLU C 32 12.96 7.35 -21.06
C GLU C 32 12.71 5.96 -21.67
N ALA C 33 13.61 4.98 -21.51
CA ALA C 33 13.35 3.61 -21.99
C ALA C 33 12.25 2.83 -21.22
N VAL C 34 11.95 3.30 -20.01
CA VAL C 34 11.09 2.50 -19.16
C VAL C 34 9.74 2.34 -19.77
N HIS C 35 9.27 1.10 -19.82
CA HIS C 35 7.96 0.76 -20.33
C HIS C 35 6.95 1.09 -19.25
N PHE C 36 7.17 0.50 -18.08
CA PHE C 36 6.28 0.65 -16.92
C PHE C 36 6.95 -0.06 -15.75
N PHE C 37 6.41 0.14 -14.55
CA PHE C 37 6.94 -0.53 -13.33
C PHE C 37 6.10 -1.75 -13.05
N CYS C 38 6.72 -2.76 -12.44
CA CYS C 38 6.18 -4.05 -12.35
C CYS C 38 6.02 -4.59 -10.90
N ASN C 39 5.00 -5.42 -10.73
CA ASN C 39 4.76 -6.17 -9.51
C ASN C 39 5.08 -7.61 -9.79
N TYR C 40 6.36 -7.93 -9.66
CA TYR C 40 6.79 -9.29 -9.99
C TYR C 40 6.26 -10.35 -9.02
N GLU C 41 6.01 -9.91 -7.78
CA GLU C 41 5.45 -10.81 -6.79
C GLU C 41 4.12 -11.40 -7.22
N GLU C 42 3.33 -10.65 -8.02
CA GLU C 42 2.03 -11.12 -8.50
C GLU C 42 2.08 -11.69 -9.92
N SER C 43 3.24 -11.59 -10.57
CA SER C 43 3.40 -12.14 -11.88
C SER C 43 3.58 -13.64 -11.82
N ARG C 44 3.04 -14.32 -12.83
N ARG C 44 3.05 -14.31 -12.84
CA ARG C 44 3.04 -15.76 -12.87
CA ARG C 44 3.02 -15.75 -12.89
C ARG C 44 3.00 -16.24 -14.31
C ARG C 44 3.00 -16.23 -14.33
N GLY C 45 3.79 -17.26 -14.58
CA GLY C 45 3.81 -17.96 -15.84
C GLY C 45 4.14 -16.97 -16.95
N ASN C 46 3.16 -16.87 -17.87
CA ASN C 46 3.25 -15.95 -19.02
C ASN C 46 2.80 -14.54 -18.82
N TYR C 47 2.37 -14.18 -17.63
CA TYR C 47 1.76 -12.89 -17.33
C TYR C 47 2.57 -12.02 -16.40
N LEU C 48 2.78 -10.83 -16.85
CA LEU C 48 3.43 -9.75 -16.11
C LEU C 48 2.40 -8.79 -15.59
N VAL C 49 2.43 -8.53 -14.28
CA VAL C 49 1.50 -7.58 -13.64
C VAL C 49 2.23 -6.29 -13.32
N ASP C 50 1.63 -5.17 -13.68
CA ASP C 50 2.19 -3.88 -13.38
C ASP C 50 1.72 -3.29 -12.07
N VAL C 51 2.29 -2.17 -11.67
CA VAL C 51 1.94 -1.54 -10.39
C VAL C 51 0.54 -0.91 -10.40
N ASP C 52 -0.05 -0.80 -11.58
CA ASP C 52 -1.43 -0.28 -11.66
C ASP C 52 -2.44 -1.38 -11.69
N GLY C 53 -2.04 -2.63 -11.51
CA GLY C 53 -2.84 -3.78 -11.48
C GLY C 53 -3.19 -4.37 -12.85
N ASN C 54 -2.56 -3.89 -13.92
CA ASN C 54 -2.75 -4.43 -15.24
C ASN C 54 -2.00 -5.73 -15.28
N ARG C 55 -2.60 -6.69 -15.92
CA ARG C 55 -2.05 -8.01 -16.15
C ARG C 55 -1.97 -8.32 -17.63
N MET C 56 -0.73 -8.39 -18.19
CA MET C 56 -0.52 -8.62 -19.64
C MET C 56 0.12 -9.97 -20.00
N LEU C 57 -0.37 -10.58 -21.07
CA LEU C 57 0.33 -11.70 -21.68
C LEU C 57 1.71 -11.19 -22.21
N ASP C 58 2.80 -11.76 -21.68
CA ASP C 58 4.12 -11.17 -21.92
C ASP C 58 4.83 -11.98 -22.95
N LEU C 59 4.87 -11.42 -24.19
CA LEU C 59 5.52 -12.16 -25.27
C LEU C 59 6.87 -11.56 -25.57
N TYR C 60 7.42 -10.80 -24.62
CA TYR C 60 8.78 -10.22 -24.78
C TYR C 60 9.82 -10.77 -23.78
N SER C 61 9.32 -11.15 -22.59
CA SER C 61 10.05 -11.89 -21.60
C SER C 61 11.34 -11.31 -21.13
N GLN C 62 11.30 -10.05 -20.83
CA GLN C 62 12.48 -9.31 -20.36
C GLN C 62 13.61 -9.40 -21.38
N ILE C 63 13.25 -9.08 -22.60
CA ILE C 63 14.19 -9.15 -23.75
C ILE C 63 14.70 -10.59 -23.89
N SER C 64 13.80 -11.58 -23.87
CA SER C 64 14.13 -12.96 -24.14
C SER C 64 15.08 -13.57 -23.07
N SER C 65 14.88 -13.16 -21.81
CA SER C 65 15.74 -13.61 -20.73
C SER C 65 15.08 -14.38 -19.62
N ILE C 66 13.76 -14.44 -19.59
CA ILE C 66 13.02 -15.27 -18.58
C ILE C 66 12.70 -16.64 -19.18
N PRO C 67 13.30 -17.73 -18.67
CA PRO C 67 13.22 -19.02 -19.42
C PRO C 67 11.92 -19.77 -19.21
N ILE C 68 11.48 -19.88 -17.97
CA ILE C 68 10.27 -20.71 -17.66
C ILE C 68 9.17 -19.93 -16.96
N GLY C 69 9.05 -18.68 -17.30
CA GLY C 69 7.99 -17.82 -16.81
C GLY C 69 8.23 -17.25 -15.46
N TYR C 70 7.37 -16.34 -15.03
CA TYR C 70 7.43 -15.62 -13.79
C TYR C 70 7.05 -16.49 -12.58
N SER C 71 7.78 -16.28 -11.51
CA SER C 71 7.46 -16.90 -10.21
C SER C 71 7.28 -18.38 -10.34
N HIS C 72 8.19 -19.06 -11.01
CA HIS C 72 7.97 -20.43 -11.31
C HIS C 72 8.04 -21.28 -10.00
N PRO C 73 7.07 -22.16 -9.77
CA PRO C 73 7.08 -22.85 -8.43
C PRO C 73 8.28 -23.64 -8.08
N ALA C 74 8.93 -24.28 -9.04
CA ALA C 74 10.16 -25.03 -8.81
C ALA C 74 11.27 -24.11 -8.39
N LEU C 75 11.28 -22.90 -8.93
CA LEU C 75 12.31 -21.94 -8.45
C LEU C 75 12.04 -21.37 -7.10
N VAL C 76 10.74 -21.18 -6.80
CA VAL C 76 10.32 -20.72 -5.47
C VAL C 76 10.85 -21.75 -4.46
N LYS C 77 10.65 -23.02 -4.77
CA LYS C 77 11.14 -24.11 -3.84
C LYS C 77 12.59 -24.03 -3.52
N LEU C 78 13.45 -23.81 -4.51
CA LEU C 78 14.88 -23.65 -4.26
C LEU C 78 15.19 -22.55 -3.31
N VAL C 79 14.59 -21.37 -3.47
CA VAL C 79 14.91 -20.28 -2.58
C VAL C 79 14.41 -20.60 -1.14
N GLN C 80 13.36 -21.39 -1.03
CA GLN C 80 12.82 -21.77 0.28
C GLN C 80 13.68 -22.75 1.03
N GLN C 81 14.58 -23.51 0.38
CA GLN C 81 15.37 -24.54 1.02
C GLN C 81 16.43 -23.93 1.91
N PRO C 82 16.47 -24.31 3.21
CA PRO C 82 17.45 -23.66 4.10
C PRO C 82 18.90 -23.87 3.63
N GLN C 83 19.18 -25.00 3.01
CA GLN C 83 20.54 -25.36 2.63
C GLN C 83 21.04 -24.43 1.53
N ASN C 84 20.14 -23.72 0.88
CA ASN C 84 20.58 -22.84 -0.23
C ASN C 84 20.89 -21.41 0.17
N VAL C 85 20.68 -21.04 1.40
CA VAL C 85 20.84 -19.67 1.84
C VAL C 85 22.29 -19.15 1.57
N SER C 86 23.30 -19.94 1.93
CA SER C 86 24.67 -19.53 1.74
C SER C 86 24.96 -19.15 0.29
N THR C 87 24.39 -19.89 -0.64
CA THR C 87 24.62 -19.66 -2.07
C THR C 87 24.17 -18.24 -2.45
N PHE C 88 23.11 -17.75 -1.82
CA PHE C 88 22.66 -16.37 -2.08
C PHE C 88 23.38 -15.25 -1.40
N ILE C 89 24.04 -15.50 -0.26
CA ILE C 89 24.63 -14.43 0.53
C ILE C 89 26.17 -14.51 0.64
N ASN C 90 26.81 -15.56 0.10
CA ASN C 90 28.29 -15.67 0.18
C ASN C 90 28.76 -15.80 -1.29
N ARG C 91 28.93 -14.71 -1.97
CA ARG C 91 29.32 -14.77 -3.40
C ARG C 91 30.83 -14.99 -3.53
N PRO C 92 31.25 -16.03 -4.21
CA PRO C 92 32.68 -16.29 -4.31
C PRO C 92 33.37 -15.58 -5.46
N ALA C 93 34.66 -15.33 -5.33
CA ALA C 93 35.53 -15.04 -6.47
C ALA C 93 35.81 -16.38 -7.14
N LEU C 94 35.00 -16.76 -8.10
CA LEU C 94 34.92 -18.14 -8.57
C LEU C 94 36.18 -18.63 -9.28
N GLY C 95 37.03 -17.72 -9.77
CA GLY C 95 38.30 -18.12 -10.36
C GLY C 95 39.33 -18.61 -9.35
N ILE C 96 39.16 -18.25 -8.10
CA ILE C 96 40.16 -18.59 -7.13
C ILE C 96 39.59 -19.44 -5.96
N LEU C 97 38.33 -19.23 -5.61
CA LEU C 97 37.73 -19.87 -4.38
C LEU C 97 36.35 -20.48 -4.63
N PRO C 98 36.28 -21.47 -5.52
CA PRO C 98 34.99 -21.99 -5.85
C PRO C 98 34.32 -22.76 -4.71
N PRO C 99 33.03 -22.82 -4.71
CA PRO C 99 32.37 -23.61 -3.65
C PRO C 99 32.52 -25.11 -3.92
N GLU C 100 32.32 -25.92 -2.86
CA GLU C 100 32.45 -27.37 -2.97
C GLU C 100 31.68 -28.03 -4.11
N ASN C 101 30.43 -27.54 -4.35
CA ASN C 101 29.53 -28.08 -5.36
C ASN C 101 29.69 -27.48 -6.75
N PHE C 102 30.77 -26.71 -6.96
CA PHE C 102 30.84 -25.90 -8.23
C PHE C 102 30.78 -26.82 -9.45
N VAL C 103 31.58 -27.89 -9.45
CA VAL C 103 31.70 -28.74 -10.62
C VAL C 103 30.42 -29.59 -10.72
N GLU C 104 29.95 -30.15 -9.61
CA GLU C 104 28.66 -30.90 -9.64
C GLU C 104 27.48 -30.07 -10.18
N LYS C 105 27.35 -28.82 -9.72
CA LYS C 105 26.30 -27.99 -10.22
C LYS C 105 26.46 -27.62 -11.69
N LEU C 106 27.66 -27.47 -12.21
CA LEU C 106 27.87 -27.34 -13.62
C LEU C 106 27.49 -28.61 -14.40
N ARG C 107 27.81 -29.80 -13.84
CA ARG C 107 27.36 -31.06 -14.49
C ARG C 107 25.85 -31.13 -14.58
N GLU C 108 25.13 -30.65 -13.56
CA GLU C 108 23.67 -30.65 -13.55
C GLU C 108 23.06 -29.61 -14.53
N SER C 109 23.86 -28.63 -14.89
CA SER C 109 23.35 -27.48 -15.64
C SER C 109 24.05 -27.38 -17.00
N LEU C 110 24.99 -26.46 -17.14
CA LEU C 110 25.58 -26.18 -18.45
C LEU C 110 26.24 -27.35 -19.11
N LEU C 111 27.02 -28.21 -18.41
CA LEU C 111 27.73 -29.28 -19.09
C LEU C 111 26.75 -30.31 -19.62
N SER C 112 25.54 -30.35 -19.07
CA SER C 112 24.53 -31.29 -19.61
C SER C 112 23.95 -30.87 -20.96
N VAL C 113 24.16 -29.61 -21.30
CA VAL C 113 23.77 -29.09 -22.63
C VAL C 113 24.96 -28.57 -23.45
N ALA C 114 26.17 -29.08 -23.22
CA ALA C 114 27.33 -28.67 -23.99
C ALA C 114 27.09 -28.90 -25.47
N PRO C 115 27.40 -27.92 -26.34
CA PRO C 115 27.39 -28.19 -27.77
C PRO C 115 28.42 -29.17 -28.27
N LYS C 116 28.20 -29.70 -29.48
CA LYS C 116 29.13 -30.72 -29.98
C LYS C 116 30.54 -30.20 -30.14
N GLY C 117 31.44 -31.01 -29.64
CA GLY C 117 32.87 -30.83 -29.90
C GLY C 117 33.50 -29.83 -28.97
N MET C 118 32.74 -29.27 -28.05
CA MET C 118 33.27 -28.26 -27.12
C MET C 118 33.37 -28.76 -25.71
N SER C 119 34.55 -29.20 -25.29
CA SER C 119 34.75 -29.78 -23.94
C SER C 119 34.94 -28.75 -22.83
N GLN C 120 35.19 -27.51 -23.22
CA GLN C 120 35.66 -26.52 -22.24
C GLN C 120 34.52 -25.54 -21.99
N LEU C 121 34.52 -24.98 -20.77
CA LEU C 121 33.51 -24.07 -20.34
C LEU C 121 34.13 -23.04 -19.41
N ILE C 122 33.88 -21.74 -19.71
CA ILE C 122 34.20 -20.66 -18.73
C ILE C 122 32.91 -19.86 -18.49
N THR C 123 32.60 -19.59 -17.25
CA THR C 123 31.40 -18.84 -16.92
C THR C 123 31.69 -17.33 -16.78
N MET C 124 30.64 -16.52 -17.06
CA MET C 124 30.67 -15.09 -17.02
C MET C 124 29.31 -14.58 -16.61
N ALA C 125 29.21 -13.32 -16.15
CA ALA C 125 27.93 -12.89 -15.63
C ALA C 125 26.97 -12.31 -16.64
N CYS C 126 27.38 -11.99 -17.87
CA CYS C 126 26.39 -11.46 -18.84
C CYS C 126 26.86 -11.73 -20.26
N GLY C 127 26.07 -11.33 -21.21
CA GLY C 127 26.42 -11.68 -22.59
C GLY C 127 27.64 -10.95 -23.11
N SER C 128 27.74 -9.68 -22.71
N SER C 128 27.80 -9.71 -22.64
CA SER C 128 28.87 -8.82 -23.11
CA SER C 128 28.87 -8.86 -23.13
C SER C 128 30.21 -9.32 -22.63
C SER C 128 30.22 -9.34 -22.63
N CYS C 129 30.33 -9.67 -21.34
CA CYS C 129 31.62 -10.20 -20.89
C CYS C 129 31.83 -11.57 -21.48
N SER C 130 30.79 -12.29 -21.79
CA SER C 130 30.94 -13.55 -22.56
C SER C 130 31.61 -13.34 -23.88
N ASN C 131 31.06 -12.38 -24.67
CA ASN C 131 31.63 -12.14 -25.96
C ASN C 131 33.03 -11.52 -25.82
N GLU C 132 33.24 -10.56 -24.94
CA GLU C 132 34.54 -9.92 -24.76
C GLU C 132 35.56 -11.02 -24.50
N ASN C 133 35.31 -11.90 -23.53
CA ASN C 133 36.27 -12.94 -23.23
C ASN C 133 36.40 -14.01 -24.26
N ALA C 134 35.37 -14.25 -25.05
CA ALA C 134 35.47 -15.11 -26.23
C ALA C 134 36.43 -14.51 -27.25
N PHE C 135 36.34 -13.20 -27.44
CA PHE C 135 37.29 -12.55 -28.40
C PHE C 135 38.72 -12.73 -27.87
N LYS C 136 38.94 -12.48 -26.57
CA LYS C 136 40.31 -12.55 -26.01
C LYS C 136 40.83 -13.96 -26.16
N THR C 137 39.97 -14.92 -25.87
CA THR C 137 40.34 -16.35 -26.02
C THR C 137 40.80 -16.66 -27.48
N ILE C 138 40.04 -16.16 -28.44
CA ILE C 138 40.38 -16.27 -29.85
C ILE C 138 41.70 -15.61 -30.18
N PHE C 139 41.88 -14.35 -29.75
CA PHE C 139 43.14 -13.67 -30.02
C PHE C 139 44.32 -14.42 -29.44
N MET C 140 44.24 -14.92 -28.19
CA MET C 140 45.32 -15.67 -27.59
C MET C 140 45.61 -16.94 -28.36
N TRP C 141 44.55 -17.64 -28.78
CA TRP C 141 44.68 -18.84 -29.60
C TRP C 141 45.40 -18.55 -30.88
N TYR C 142 45.03 -17.47 -31.53
CA TYR C 142 45.63 -17.11 -32.83
C TYR C 142 47.09 -16.82 -32.68
N ARG C 143 47.48 -16.05 -31.68
CA ARG C 143 48.85 -15.72 -31.45
C ARG C 143 49.62 -16.97 -31.10
N SER C 144 49.01 -17.88 -30.34
CA SER C 144 49.66 -19.15 -29.96
C SER C 144 50.00 -19.92 -31.27
N LYS C 145 49.11 -19.94 -32.23
CA LYS C 145 49.34 -20.64 -33.51
C LYS C 145 50.57 -20.06 -34.13
N GLU C 146 50.58 -18.74 -34.21
CA GLU C 146 51.64 -18.02 -34.88
C GLU C 146 53.03 -18.17 -34.18
N ARG C 147 53.07 -18.24 -32.86
CA ARG C 147 54.36 -18.38 -32.16
C ARG C 147 54.82 -19.81 -31.92
N GLY C 148 53.96 -20.80 -32.14
CA GLY C 148 54.34 -22.21 -31.93
C GLY C 148 54.80 -22.43 -30.51
N GLU C 149 55.89 -23.17 -30.31
CA GLU C 149 56.43 -23.42 -28.96
C GLU C 149 57.34 -22.27 -28.43
N SER C 150 57.50 -21.17 -29.18
CA SER C 150 58.25 -20.02 -28.68
C SER C 150 57.59 -19.38 -27.43
N ALA C 151 58.42 -18.88 -26.55
CA ALA C 151 57.93 -18.23 -25.33
C ALA C 151 57.58 -16.81 -25.72
N PHE C 152 56.81 -16.08 -24.89
CA PHE C 152 56.69 -14.63 -25.09
C PHE C 152 58.08 -13.99 -25.23
N SER C 153 58.24 -13.03 -26.13
CA SER C 153 59.48 -12.29 -26.29
C SER C 153 59.56 -11.18 -25.27
N LYS C 154 60.77 -10.76 -24.92
CA LYS C 154 60.93 -9.54 -24.07
C LYS C 154 60.19 -8.33 -24.69
N GLU C 155 60.27 -8.21 -26.01
CA GLU C 155 59.63 -7.10 -26.70
C GLU C 155 58.03 -7.16 -26.56
N GLU C 156 57.45 -8.34 -26.69
CA GLU C 156 56.00 -8.49 -26.49
C GLU C 156 55.62 -8.17 -25.05
N LEU C 157 56.36 -8.66 -24.04
CA LEU C 157 56.07 -8.43 -22.64
C LEU C 157 56.17 -6.96 -22.30
N GLU C 158 57.15 -6.29 -22.86
CA GLU C 158 57.26 -4.82 -22.61
C GLU C 158 56.22 -3.99 -23.34
N THR C 159 56.00 -4.27 -24.62
CA THR C 159 55.15 -3.43 -25.43
C THR C 159 53.63 -3.62 -24.99
N CYS C 160 53.27 -4.85 -24.56
CA CYS C 160 51.82 -5.08 -24.19
C CYS C 160 51.38 -4.18 -23.04
N MET C 161 52.29 -3.85 -22.11
CA MET C 161 51.97 -3.06 -20.95
C MET C 161 51.62 -1.60 -21.32
N ILE C 162 52.14 -1.16 -22.48
CA ILE C 162 51.93 0.20 -22.95
C ILE C 162 51.12 0.24 -24.28
N ASN C 163 50.29 -0.76 -24.47
CA ASN C 163 49.25 -0.74 -25.49
C ASN C 163 49.85 -0.74 -26.92
N GLN C 164 51.02 -1.34 -27.07
CA GLN C 164 51.71 -1.35 -28.37
C GLN C 164 51.99 -2.73 -28.91
N ALA C 165 52.10 -2.79 -30.25
CA ALA C 165 52.60 -3.96 -30.97
C ALA C 165 54.09 -4.14 -30.67
N PRO C 166 54.62 -5.34 -30.66
CA PRO C 166 53.95 -6.57 -30.99
C PRO C 166 53.14 -7.24 -29.86
N GLY C 167 53.23 -6.71 -28.64
CA GLY C 167 52.60 -7.33 -27.48
C GLY C 167 51.08 -7.30 -27.65
N CYS C 168 50.57 -6.18 -28.18
CA CYS C 168 49.16 -5.98 -28.55
C CYS C 168 49.06 -6.11 -30.08
N PRO C 169 48.56 -7.24 -30.57
CA PRO C 169 48.46 -7.44 -32.01
C PRO C 169 47.35 -6.59 -32.63
N ASP C 170 47.35 -6.46 -33.96
CA ASP C 170 46.29 -5.73 -34.60
C ASP C 170 45.31 -6.69 -35.25
N TYR C 171 45.09 -7.85 -34.63
CA TYR C 171 44.11 -8.80 -35.14
C TYR C 171 42.67 -8.22 -35.10
N SER C 172 41.81 -8.76 -35.92
CA SER C 172 40.43 -8.31 -36.02
C SER C 172 39.45 -9.45 -35.78
N ILE C 173 38.19 -9.08 -35.51
CA ILE C 173 37.09 -10.03 -35.50
C ILE C 173 36.11 -9.60 -36.57
N LEU C 174 35.75 -10.46 -37.47
CA LEU C 174 34.77 -10.13 -38.47
C LEU C 174 33.37 -10.25 -37.92
N SER C 175 32.51 -9.30 -38.28
CA SER C 175 31.13 -9.28 -37.79
C SER C 175 30.28 -8.89 -38.93
N PHE C 176 28.97 -8.92 -38.71
CA PHE C 176 28.00 -8.68 -39.77
C PHE C 176 27.15 -7.48 -39.54
N MET C 177 26.82 -6.79 -40.64
CA MET C 177 25.82 -5.75 -40.56
C MET C 177 24.52 -6.33 -40.02
N GLY C 178 23.86 -5.56 -39.16
CA GLY C 178 22.69 -6.01 -38.47
C GLY C 178 22.95 -6.71 -37.15
N ALA C 179 24.21 -7.01 -36.82
CA ALA C 179 24.54 -7.81 -35.64
C ALA C 179 24.30 -7.03 -34.35
N PHE C 180 24.12 -7.81 -33.29
CA PHE C 180 24.14 -7.31 -31.94
C PHE C 180 24.86 -8.32 -31.08
N HIS C 181 25.96 -7.84 -30.46
CA HIS C 181 26.77 -8.71 -29.62
C HIS C 181 27.02 -8.14 -28.25
N GLY C 182 26.41 -7.00 -27.95
CA GLY C 182 26.60 -6.24 -26.72
C GLY C 182 27.24 -4.88 -26.90
N ARG C 183 27.47 -4.19 -25.73
CA ARG C 183 27.73 -2.77 -25.85
C ARG C 183 28.98 -2.27 -25.14
N THR C 184 29.69 -3.15 -24.48
CA THR C 184 31.01 -2.85 -23.99
C THR C 184 31.93 -2.62 -25.22
N MET C 185 33.08 -2.00 -25.04
CA MET C 185 33.78 -1.43 -26.24
C MET C 185 34.29 -2.48 -27.25
N GLY C 186 34.68 -3.70 -26.85
CA GLY C 186 35.04 -4.69 -27.84
C GLY C 186 33.80 -5.27 -28.53
N CYS C 187 32.76 -5.67 -27.76
CA CYS C 187 31.47 -6.16 -28.28
C CYS C 187 30.89 -5.14 -29.23
N LEU C 188 30.91 -3.90 -28.81
CA LEU C 188 30.29 -2.82 -29.56
C LEU C 188 30.86 -2.71 -31.00
N ALA C 189 32.14 -2.96 -31.13
CA ALA C 189 32.79 -2.87 -32.46
C ALA C 189 32.21 -3.93 -33.38
N THR C 190 31.70 -5.05 -32.83
CA THR C 190 31.03 -6.11 -33.64
C THR C 190 29.55 -5.97 -33.78
N THR C 191 28.99 -4.94 -33.11
CA THR C 191 27.59 -4.63 -33.14
C THR C 191 27.29 -3.64 -34.26
N HIS C 192 26.22 -3.89 -35.04
CA HIS C 192 25.83 -3.00 -36.12
C HIS C 192 24.30 -2.96 -36.22
N SER C 193 23.68 -2.66 -35.08
CA SER C 193 22.22 -2.77 -34.92
C SER C 193 21.46 -1.49 -35.25
N LYS C 194 21.78 -0.40 -34.58
CA LYS C 194 21.09 0.89 -34.64
C LYS C 194 22.16 1.96 -34.38
N ALA C 195 22.13 3.06 -35.13
CA ALA C 195 23.08 4.12 -34.95
C ALA C 195 23.16 4.64 -33.52
N ILE C 196 22.02 4.77 -32.81
CA ILE C 196 22.04 5.34 -31.50
C ILE C 196 22.86 4.43 -30.52
N HIS C 197 23.00 3.15 -30.85
CA HIS C 197 23.77 2.23 -30.00
C HIS C 197 25.27 2.49 -30.16
N LYS C 198 25.68 3.03 -31.31
CA LYS C 198 27.07 3.11 -31.72
C LYS C 198 27.68 4.54 -31.67
N ILE C 199 26.86 5.56 -31.90
CA ILE C 199 27.35 6.91 -32.13
C ILE C 199 28.13 7.47 -30.93
N ASP C 200 29.24 8.17 -31.23
CA ASP C 200 30.10 8.86 -30.33
C ASP C 200 31.06 7.95 -29.55
N ILE C 201 31.05 6.64 -29.85
CA ILE C 201 31.93 5.73 -29.12
C ILE C 201 33.09 5.25 -29.98
N PRO C 202 34.34 5.43 -29.52
CA PRO C 202 35.46 4.90 -30.29
C PRO C 202 35.34 3.44 -30.61
N SER C 203 35.90 3.04 -31.77
CA SER C 203 35.73 1.69 -32.27
C SER C 203 37.02 1.08 -32.75
N PHE C 204 36.89 -0.08 -33.42
CA PHE C 204 38.01 -0.77 -34.07
C PHE C 204 37.71 -0.92 -35.54
N ASP C 205 38.77 -0.72 -36.33
CA ASP C 205 38.70 -0.98 -37.80
C ASP C 205 38.78 -2.47 -38.09
N TRP C 206 37.63 -3.17 -37.91
CA TRP C 206 37.50 -4.62 -38.12
C TRP C 206 36.52 -4.81 -39.32
N PRO C 207 36.67 -5.91 -40.03
CA PRO C 207 35.81 -6.10 -41.21
C PRO C 207 34.31 -6.30 -40.85
N ILE C 208 33.46 -5.76 -41.71
CA ILE C 208 32.01 -5.89 -41.49
C ILE C 208 31.39 -6.40 -42.80
N ALA C 209 30.87 -7.61 -42.77
CA ALA C 209 30.24 -8.30 -43.92
C ALA C 209 28.77 -8.06 -43.96
N PRO C 210 28.13 -8.16 -45.15
CA PRO C 210 26.69 -8.20 -45.21
C PRO C 210 26.08 -9.52 -44.73
N PHE C 211 25.01 -9.42 -43.94
CA PHE C 211 24.19 -10.60 -43.56
C PHE C 211 23.02 -10.70 -44.57
N PRO C 212 22.70 -11.92 -45.00
CA PRO C 212 21.71 -11.98 -46.09
C PRO C 212 20.38 -11.36 -45.71
N ARG C 213 19.76 -10.70 -46.67
N ARG C 213 19.75 -10.68 -46.66
CA ARG C 213 18.38 -10.22 -46.48
CA ARG C 213 18.36 -10.25 -46.45
C ARG C 213 17.48 -11.09 -47.35
C ARG C 213 17.51 -11.11 -47.34
N LEU C 214 16.76 -12.01 -46.73
CA LEU C 214 15.88 -12.90 -47.48
C LEU C 214 14.66 -12.09 -47.97
N LYS C 215 14.14 -12.56 -49.13
CA LYS C 215 12.90 -12.05 -49.64
C LYS C 215 11.78 -13.12 -49.37
N TYR C 216 10.57 -12.60 -49.12
CA TYR C 216 9.46 -13.40 -48.70
C TYR C 216 8.29 -13.15 -49.66
N PRO C 217 7.43 -14.15 -49.84
CA PRO C 217 7.50 -15.47 -49.23
C PRO C 217 8.64 -16.25 -49.80
N LEU C 218 9.18 -17.15 -48.99
CA LEU C 218 10.37 -17.84 -49.36
C LEU C 218 10.23 -18.70 -50.65
N GLU C 219 9.04 -19.24 -50.92
N GLU C 219 9.02 -19.22 -50.87
CA GLU C 219 8.92 -20.20 -52.01
CA GLU C 219 8.73 -20.17 -51.92
C GLU C 219 8.93 -19.44 -53.31
C GLU C 219 8.81 -19.46 -53.27
N GLU C 220 8.58 -18.15 -53.29
CA GLU C 220 8.60 -17.35 -54.52
C GLU C 220 9.93 -16.74 -54.90
N PHE C 221 10.91 -16.89 -54.01
CA PHE C 221 12.18 -16.20 -54.18
C PHE C 221 13.35 -17.16 -54.01
N VAL C 222 13.19 -18.40 -54.49
CA VAL C 222 14.18 -19.45 -54.24
C VAL C 222 15.55 -19.10 -54.81
N LYS C 223 15.58 -18.68 -56.08
CA LYS C 223 16.80 -18.29 -56.79
C LYS C 223 17.43 -17.00 -56.17
N GLU C 224 16.61 -16.00 -55.92
CA GLU C 224 17.07 -14.70 -55.46
C GLU C 224 17.68 -14.87 -54.09
N ASN C 225 17.08 -15.74 -53.29
CA ASN C 225 17.64 -15.92 -51.91
C ASN C 225 18.95 -16.74 -51.92
N GLN C 226 19.04 -17.70 -52.84
CA GLN C 226 20.31 -18.40 -53.09
C GLN C 226 21.40 -17.47 -53.58
N GLN C 227 21.10 -16.50 -54.46
CA GLN C 227 22.10 -15.57 -54.97
C GLN C 227 22.53 -14.59 -53.86
N GLU C 228 21.53 -14.26 -53.01
CA GLU C 228 21.80 -13.32 -51.90
C GLU C 228 22.76 -13.95 -50.89
N GLU C 229 22.50 -15.18 -50.52
CA GLU C 229 23.39 -15.88 -49.57
C GLU C 229 24.75 -16.09 -50.18
N ALA C 230 24.81 -16.50 -51.45
CA ALA C 230 26.12 -16.70 -52.10
C ALA C 230 26.92 -15.37 -52.15
N ARG C 231 26.31 -14.24 -52.53
CA ARG C 231 27.00 -12.94 -52.61
C ARG C 231 27.57 -12.59 -51.21
N CYS C 232 26.75 -12.82 -50.15
CA CYS C 232 27.25 -12.53 -48.78
C CYS C 232 28.42 -13.39 -48.40
N LEU C 233 28.37 -14.67 -48.70
CA LEU C 233 29.49 -15.54 -48.45
C LEU C 233 30.77 -15.11 -49.18
N GLU C 234 30.65 -14.75 -50.47
CA GLU C 234 31.81 -14.24 -51.23
C GLU C 234 32.41 -13.01 -50.58
N GLU C 235 31.56 -12.07 -50.18
CA GLU C 235 32.04 -10.84 -49.54
C GLU C 235 32.73 -11.15 -48.22
N VAL C 236 32.25 -12.16 -47.48
CA VAL C 236 32.94 -12.55 -46.22
C VAL C 236 34.38 -12.97 -46.56
N GLU C 237 34.51 -13.84 -47.54
CA GLU C 237 35.83 -14.32 -47.89
C GLU C 237 36.73 -13.20 -48.41
N ASP C 238 36.17 -12.30 -49.18
CA ASP C 238 36.89 -11.19 -49.75
C ASP C 238 37.42 -10.32 -48.60
N LEU C 239 36.60 -10.18 -47.54
CA LEU C 239 37.02 -9.31 -46.45
C LEU C 239 38.16 -9.96 -45.68
N ILE C 240 38.16 -11.28 -45.48
CA ILE C 240 39.22 -11.94 -44.75
C ILE C 240 40.52 -11.71 -45.51
N VAL C 241 40.46 -11.90 -46.82
CA VAL C 241 41.69 -11.73 -47.62
C VAL C 241 42.19 -10.29 -47.57
N LYS C 242 41.32 -9.34 -47.63
CA LYS C 242 41.66 -7.93 -47.59
C LYS C 242 42.30 -7.59 -46.27
N TYR C 243 41.72 -8.11 -45.17
CA TYR C 243 42.22 -7.71 -43.84
C TYR C 243 43.58 -8.41 -43.54
N ARG C 244 43.80 -9.58 -44.15
CA ARG C 244 45.09 -10.24 -44.07
C ARG C 244 46.12 -9.31 -44.74
N LYS C 245 45.80 -8.76 -45.90
CA LYS C 245 46.76 -7.94 -46.65
C LYS C 245 47.06 -6.68 -45.90
N LYS C 246 46.07 -6.18 -45.13
CA LYS C 246 46.25 -5.00 -44.32
C LYS C 246 47.04 -5.27 -43.03
N LYS C 247 47.44 -6.50 -42.74
CA LYS C 247 48.07 -6.93 -41.48
C LYS C 247 47.17 -6.61 -40.31
N LYS C 248 45.88 -6.83 -40.57
CA LYS C 248 44.83 -6.76 -39.49
C LYS C 248 44.09 -8.11 -39.50
N THR C 249 44.85 -9.17 -39.35
CA THR C 249 44.37 -10.53 -39.66
C THR C 249 43.10 -10.90 -38.94
N VAL C 250 42.13 -11.46 -39.67
CA VAL C 250 40.91 -11.91 -38.98
C VAL C 250 41.20 -13.15 -38.17
N ALA C 251 41.11 -13.00 -36.84
CA ALA C 251 41.30 -14.13 -35.95
C ALA C 251 40.08 -14.93 -35.69
N GLY C 252 38.92 -14.27 -35.78
CA GLY C 252 37.62 -14.91 -35.48
C GLY C 252 36.51 -14.24 -36.28
N ILE C 253 35.45 -15.01 -36.51
CA ILE C 253 34.26 -14.52 -37.12
C ILE C 253 33.15 -14.71 -36.08
N ILE C 254 32.40 -13.67 -35.79
CA ILE C 254 31.27 -13.79 -34.87
C ILE C 254 29.99 -13.68 -35.64
N VAL C 255 28.99 -14.51 -35.29
CA VAL C 255 27.67 -14.44 -35.87
C VAL C 255 26.58 -14.94 -34.92
N GLU C 256 25.38 -14.39 -35.08
CA GLU C 256 24.20 -14.93 -34.44
C GLU C 256 23.46 -15.91 -35.37
N PRO C 257 22.86 -16.96 -34.80
CA PRO C 257 22.14 -17.91 -35.72
C PRO C 257 20.93 -17.24 -36.38
N ILE C 258 20.30 -16.28 -35.67
CA ILE C 258 19.26 -15.45 -36.14
C ILE C 258 19.57 -14.04 -35.59
N GLN C 259 19.70 -13.04 -36.44
CA GLN C 259 19.98 -11.66 -35.92
C GLN C 259 18.75 -11.09 -35.27
N SER C 260 18.94 -10.69 -34.03
CA SER C 260 17.79 -10.26 -33.16
C SER C 260 17.60 -8.72 -33.20
N GLU C 261 18.44 -8.02 -32.44
CA GLU C 261 18.18 -6.59 -32.23
C GLU C 261 18.20 -5.80 -33.48
N GLY C 262 18.98 -6.27 -34.43
CA GLY C 262 19.01 -5.62 -35.75
C GLY C 262 17.85 -5.92 -36.67
N GLY C 263 16.85 -6.64 -36.20
CA GLY C 263 15.64 -6.92 -37.00
C GLY C 263 15.19 -8.32 -37.31
N ASP C 264 15.51 -9.33 -36.53
CA ASP C 264 15.14 -10.67 -36.81
C ASP C 264 15.45 -11.06 -38.23
N ASN C 265 16.72 -11.09 -38.57
CA ASN C 265 17.17 -11.61 -39.84
C ASN C 265 17.64 -13.05 -39.79
N HIS C 266 17.01 -13.85 -40.67
CA HIS C 266 17.22 -15.28 -40.80
C HIS C 266 18.10 -15.55 -42.06
N ALA C 267 18.75 -16.73 -42.05
CA ALA C 267 19.41 -17.27 -43.22
C ALA C 267 19.26 -18.74 -43.26
N SER C 268 19.50 -19.37 -44.42
CA SER C 268 19.36 -20.82 -44.45
C SER C 268 20.38 -21.56 -43.62
N ASP C 269 20.05 -22.80 -43.23
CA ASP C 269 21.04 -23.61 -42.57
C ASP C 269 22.26 -23.83 -43.48
N ASP C 270 22.00 -23.89 -44.79
CA ASP C 270 23.11 -24.01 -45.78
C ASP C 270 24.11 -22.86 -45.69
N PHE C 271 23.62 -21.65 -45.51
CA PHE C 271 24.45 -20.47 -45.37
C PHE C 271 25.37 -20.65 -44.20
N PHE C 272 24.85 -21.12 -43.04
CA PHE C 272 25.74 -21.25 -41.87
C PHE C 272 26.76 -22.37 -42.02
N ARG C 273 26.38 -23.44 -42.70
CA ARG C 273 27.31 -24.50 -42.92
C ARG C 273 28.48 -24.02 -43.78
N LYS C 274 28.14 -23.24 -44.79
CA LYS C 274 29.15 -22.73 -45.73
C LYS C 274 30.00 -21.67 -45.02
N LEU C 275 29.39 -20.89 -44.14
CA LEU C 275 30.16 -19.91 -43.40
C LEU C 275 31.14 -20.60 -42.48
N ARG C 276 30.71 -21.64 -41.81
CA ARG C 276 31.56 -22.44 -40.98
C ARG C 276 32.81 -22.96 -41.76
N ASP C 277 32.55 -23.41 -42.98
CA ASP C 277 33.64 -23.91 -43.85
C ASP C 277 34.61 -22.77 -44.17
N ILE C 278 34.10 -21.57 -44.48
CA ILE C 278 34.96 -20.40 -44.72
C ILE C 278 35.89 -20.14 -43.53
N SER C 279 35.35 -20.22 -42.35
CA SER C 279 36.10 -19.98 -41.13
C SER C 279 37.24 -20.97 -41.03
N ARG C 280 36.94 -22.26 -41.21
CA ARG C 280 37.95 -23.28 -41.14
C ARG C 280 39.05 -23.08 -42.18
N LYS C 281 38.61 -22.83 -43.41
CA LYS C 281 39.51 -22.55 -44.56
C LYS C 281 40.57 -21.47 -44.31
N HIS C 282 40.19 -20.37 -43.61
CA HIS C 282 41.03 -19.23 -43.35
C HIS C 282 41.66 -19.22 -41.97
N GLY C 283 41.48 -20.30 -41.20
CA GLY C 283 42.11 -20.41 -39.89
C GLY C 283 41.46 -19.44 -38.88
N CYS C 284 40.20 -19.07 -39.14
CA CYS C 284 39.48 -18.15 -38.24
C CYS C 284 38.71 -18.99 -37.27
N ALA C 285 38.70 -18.57 -36.02
CA ALA C 285 37.76 -19.15 -35.08
C ALA C 285 36.38 -18.77 -35.44
N PHE C 286 35.47 -19.72 -35.31
CA PHE C 286 34.04 -19.45 -35.57
C PHE C 286 33.35 -19.36 -34.20
N LEU C 287 32.86 -18.14 -33.91
CA LEU C 287 32.20 -17.78 -32.66
C LEU C 287 30.74 -17.58 -32.91
N VAL C 288 29.95 -18.46 -32.36
CA VAL C 288 28.50 -18.38 -32.51
C VAL C 288 27.93 -17.75 -31.22
N ASP C 289 27.22 -16.63 -31.39
CA ASP C 289 26.60 -15.92 -30.27
C ASP C 289 25.17 -16.39 -30.16
N GLU C 290 24.93 -17.22 -29.15
CA GLU C 290 23.59 -17.75 -28.80
C GLU C 290 23.08 -17.10 -27.56
N VAL C 291 23.51 -15.90 -27.27
CA VAL C 291 22.93 -15.21 -26.12
C VAL C 291 21.43 -15.08 -26.21
N GLN C 292 20.93 -14.76 -27.39
CA GLN C 292 19.47 -14.62 -27.58
C GLN C 292 18.79 -15.78 -28.20
N THR C 293 19.43 -16.55 -29.01
CA THR C 293 18.81 -17.72 -29.60
C THR C 293 18.84 -18.99 -28.73
N GLY C 294 19.77 -19.02 -27.77
CA GLY C 294 19.96 -20.15 -26.91
C GLY C 294 18.88 -20.28 -25.86
N GLY C 295 18.71 -21.53 -25.44
CA GLY C 295 17.72 -21.81 -24.43
C GLY C 295 16.38 -22.34 -24.87
N GLY C 296 16.26 -22.71 -26.13
CA GLY C 296 15.21 -23.59 -26.57
C GLY C 296 14.10 -23.04 -27.43
N SER C 297 13.98 -21.73 -27.55
CA SER C 297 12.79 -21.19 -28.20
C SER C 297 12.72 -21.51 -29.67
N THR C 298 13.83 -21.86 -30.33
CA THR C 298 13.75 -22.30 -31.74
C THR C 298 13.40 -23.75 -31.91
N GLY C 299 13.14 -24.46 -30.79
CA GLY C 299 12.85 -25.90 -30.89
C GLY C 299 13.98 -26.85 -30.65
N LYS C 300 15.23 -26.35 -30.57
CA LYS C 300 16.39 -27.14 -30.18
C LYS C 300 17.01 -26.22 -29.10
N PHE C 301 17.80 -26.82 -28.24
CA PHE C 301 18.34 -26.05 -27.11
C PHE C 301 19.17 -24.86 -27.61
N TRP C 302 20.13 -25.13 -28.48
CA TRP C 302 20.93 -24.15 -29.18
C TRP C 302 20.44 -24.09 -30.63
N ALA C 303 20.19 -22.88 -31.14
CA ALA C 303 19.71 -22.77 -32.51
C ALA C 303 20.68 -23.35 -33.52
N HIS C 304 22.00 -23.29 -33.28
CA HIS C 304 22.96 -23.84 -34.24
C HIS C 304 22.75 -25.38 -34.45
N GLU C 305 22.02 -26.05 -33.56
CA GLU C 305 21.80 -27.52 -33.67
C GLU C 305 21.05 -27.79 -34.94
N HIS C 306 20.24 -26.83 -35.36
CA HIS C 306 19.47 -26.92 -36.62
C HIS C 306 20.37 -27.17 -37.84
N TRP C 307 21.63 -26.75 -37.76
CA TRP C 307 22.50 -26.81 -38.96
C TRP C 307 22.96 -28.23 -39.20
N GLY C 308 22.89 -29.05 -38.18
CA GLY C 308 23.29 -30.49 -38.26
C GLY C 308 24.74 -30.78 -38.46
N LEU C 309 25.61 -29.87 -38.02
CA LEU C 309 27.06 -30.07 -38.07
C LEU C 309 27.71 -30.86 -36.94
N ASP C 310 28.66 -31.72 -37.32
CA ASP C 310 29.47 -32.42 -36.37
C ASP C 310 30.33 -31.43 -35.54
N ASP C 311 30.81 -30.40 -36.24
CA ASP C 311 31.72 -29.36 -35.69
C ASP C 311 31.08 -27.97 -36.00
N PRO C 312 30.12 -27.52 -35.15
CA PRO C 312 29.34 -26.29 -35.53
C PRO C 312 30.08 -25.01 -35.26
N ALA C 313 31.09 -25.06 -34.38
CA ALA C 313 31.76 -23.80 -34.00
C ALA C 313 32.97 -24.11 -33.18
N ASP C 314 33.83 -23.13 -32.96
CA ASP C 314 34.97 -23.23 -32.09
C ASP C 314 34.63 -22.76 -30.68
N VAL C 315 33.80 -21.73 -30.61
CA VAL C 315 33.39 -21.04 -29.35
C VAL C 315 31.91 -20.72 -29.47
N MET C 316 31.15 -20.85 -28.37
CA MET C 316 29.73 -20.45 -28.38
C MET C 316 29.39 -19.74 -27.08
N THR C 317 28.96 -18.48 -27.20
CA THR C 317 28.55 -17.71 -26.04
C THR C 317 27.06 -17.79 -25.75
N PHE C 318 26.69 -17.53 -24.51
CA PHE C 318 25.30 -17.65 -24.05
C PHE C 318 25.10 -16.73 -22.85
N SER C 319 23.84 -16.41 -22.56
CA SER C 319 23.44 -15.64 -21.37
C SER C 319 21.87 -15.63 -21.38
N LYS C 320 21.27 -14.54 -20.90
CA LYS C 320 19.77 -14.31 -20.96
C LYS C 320 19.03 -15.48 -20.34
N LYS C 321 18.32 -16.31 -21.12
CA LYS C 321 17.51 -17.42 -20.53
C LYS C 321 18.38 -18.33 -19.72
N MET C 322 19.70 -18.38 -20.01
CA MET C 322 20.61 -19.24 -19.23
C MET C 322 20.91 -18.76 -17.84
N MET C 323 20.48 -17.57 -17.48
N MET C 323 20.47 -17.54 -17.51
CA MET C 323 20.59 -17.00 -16.13
CA MET C 323 20.55 -16.94 -16.17
C MET C 323 21.97 -16.42 -15.85
C MET C 323 21.95 -16.42 -15.83
N THR C 324 22.94 -17.24 -16.15
CA THR C 324 24.38 -16.88 -16.19
C THR C 324 24.79 -16.79 -17.62
N GLY C 325 25.94 -16.14 -17.84
CA GLY C 325 26.66 -16.16 -19.11
C GLY C 325 27.81 -17.13 -19.10
N GLY C 326 28.60 -17.06 -20.16
CA GLY C 326 29.74 -17.94 -20.36
C GLY C 326 29.94 -18.28 -21.78
N PHE C 327 30.91 -19.14 -22.00
CA PHE C 327 31.13 -19.68 -23.32
C PHE C 327 31.69 -21.08 -23.24
N PHE C 328 31.16 -21.92 -24.10
CA PHE C 328 31.74 -23.25 -24.33
C PHE C 328 32.77 -23.10 -25.46
N HIS C 329 33.76 -23.99 -25.47
CA HIS C 329 34.80 -23.89 -26.50
C HIS C 329 35.56 -25.17 -26.65
N LYS C 330 36.24 -25.29 -27.79
CA LYS C 330 37.05 -26.49 -28.06
C LYS C 330 38.22 -26.50 -27.15
N GLU C 331 38.73 -27.72 -26.85
CA GLU C 331 39.98 -27.90 -26.08
C GLU C 331 41.13 -27.09 -26.57
N GLU C 332 41.28 -26.96 -27.89
CA GLU C 332 42.43 -26.25 -28.37
C GLU C 332 42.41 -24.75 -28.07
N PHE C 333 41.22 -24.22 -27.69
CA PHE C 333 41.12 -22.82 -27.30
C PHE C 333 41.37 -22.54 -25.82
N ARG C 334 41.57 -23.60 -25.04
CA ARG C 334 41.90 -23.44 -23.66
C ARG C 334 43.09 -22.50 -23.42
N PRO C 335 42.91 -21.44 -22.61
CA PRO C 335 44.04 -20.57 -22.25
C PRO C 335 45.21 -21.33 -21.64
N ASN C 336 46.41 -20.94 -22.06
CA ASN C 336 47.62 -21.68 -21.73
C ASN C 336 48.24 -21.30 -20.40
N ALA C 337 47.70 -20.28 -19.76
CA ALA C 337 48.12 -19.78 -18.46
C ALA C 337 46.90 -19.20 -17.74
N PRO C 338 46.85 -19.24 -16.40
CA PRO C 338 45.84 -18.47 -15.68
C PRO C 338 45.96 -16.94 -15.75
N TYR C 339 44.94 -16.26 -15.28
CA TYR C 339 44.88 -14.82 -15.12
C TYR C 339 44.93 -14.08 -16.48
N ARG C 340 44.54 -14.77 -17.53
CA ARG C 340 44.36 -14.14 -18.86
C ARG C 340 42.88 -13.94 -19.14
N ILE C 341 42.09 -15.02 -18.95
CA ILE C 341 40.64 -14.96 -18.93
C ILE C 341 40.15 -15.03 -17.49
N PHE C 342 39.72 -13.91 -16.93
CA PHE C 342 39.55 -13.82 -15.49
C PHE C 342 38.76 -12.58 -15.16
N ASN C 343 37.99 -12.62 -14.07
CA ASN C 343 37.47 -11.43 -13.44
C ASN C 343 37.04 -11.83 -12.06
N THR C 344 36.55 -10.86 -11.27
CA THR C 344 36.21 -11.16 -9.84
C THR C 344 35.22 -12.30 -9.71
N TRP C 345 34.10 -12.26 -10.38
CA TRP C 345 33.01 -13.16 -10.03
C TRP C 345 32.76 -14.26 -11.04
N LEU C 346 33.06 -14.04 -12.33
CA LEU C 346 32.91 -15.09 -13.34
C LEU C 346 31.54 -15.79 -13.34
N GLY C 347 30.51 -14.99 -13.16
CA GLY C 347 29.18 -15.47 -12.97
C GLY C 347 28.76 -15.43 -11.53
N ASP C 348 27.99 -16.43 -11.09
CA ASP C 348 27.43 -16.38 -9.76
C ASP C 348 26.81 -17.75 -9.48
N PRO C 349 27.22 -18.40 -8.39
CA PRO C 349 26.66 -19.76 -8.22
C PRO C 349 25.19 -19.76 -7.98
N SER C 350 24.62 -18.67 -7.51
CA SER C 350 23.17 -18.62 -7.27
C SER C 350 22.47 -18.72 -8.61
N LYS C 351 23.05 -18.20 -9.68
CA LYS C 351 22.40 -18.39 -10.97
C LYS C 351 22.55 -19.78 -11.48
N ASN C 352 23.68 -20.42 -11.20
CA ASN C 352 23.86 -21.85 -11.56
C ASN C 352 22.82 -22.76 -10.82
N LEU C 353 22.54 -22.40 -9.59
CA LEU C 353 21.55 -23.10 -8.76
C LEU C 353 20.19 -23.05 -9.47
N LEU C 354 19.79 -21.86 -9.83
CA LEU C 354 18.51 -21.67 -10.57
C LEU C 354 18.55 -22.41 -11.90
N LEU C 355 19.62 -22.22 -12.68
CA LEU C 355 19.70 -22.79 -14.03
C LEU C 355 19.60 -24.35 -14.03
N ALA C 356 20.25 -24.98 -13.06
CA ALA C 356 20.13 -26.46 -12.99
C ALA C 356 18.64 -26.83 -12.95
N GLU C 357 17.86 -26.10 -12.16
CA GLU C 357 16.43 -26.50 -12.06
C GLU C 357 15.65 -26.13 -13.36
N VAL C 358 15.94 -24.94 -13.92
CA VAL C 358 15.37 -24.57 -15.21
C VAL C 358 15.63 -25.67 -16.29
N ILE C 359 16.85 -26.22 -16.42
CA ILE C 359 17.21 -27.22 -17.38
C ILE C 359 16.45 -28.54 -17.09
N ASN C 360 16.34 -28.88 -15.81
CA ASN C 360 15.53 -30.04 -15.37
C ASN C 360 14.07 -29.86 -15.85
N ILE C 361 13.49 -28.69 -15.70
CA ILE C 361 12.09 -28.43 -16.11
C ILE C 361 12.01 -28.51 -17.62
N ILE C 362 12.93 -27.85 -18.34
CA ILE C 362 12.89 -27.97 -19.83
C ILE C 362 12.93 -29.43 -20.34
N LYS C 363 13.76 -30.29 -19.72
CA LYS C 363 13.89 -31.66 -20.16
C LYS C 363 12.66 -32.40 -19.64
N ARG C 364 12.36 -32.34 -18.36
CA ARG C 364 11.21 -33.12 -17.84
C ARG C 364 9.90 -32.77 -18.56
N GLU C 365 9.65 -31.49 -18.82
CA GLU C 365 8.36 -31.06 -19.40
C GLU C 365 8.38 -31.04 -20.94
N ASP C 366 9.41 -31.51 -21.61
CA ASP C 366 9.44 -31.51 -23.09
C ASP C 366 9.25 -30.10 -23.73
N LEU C 367 9.95 -29.07 -23.22
CA LEU C 367 9.66 -27.70 -23.57
C LEU C 367 10.30 -27.31 -24.93
N LEU C 368 11.22 -28.11 -25.42
CA LEU C 368 11.84 -27.88 -26.75
C LEU C 368 10.79 -28.22 -27.79
N SER C 369 10.18 -29.43 -27.64
CA SER C 369 9.02 -29.81 -28.53
C SER C 369 7.88 -28.86 -28.44
N ASN C 370 7.61 -28.37 -27.24
CA ASN C 370 6.55 -27.45 -27.04
C ASN C 370 6.80 -26.14 -27.78
N ALA C 371 8.06 -25.67 -27.78
CA ALA C 371 8.34 -24.41 -28.45
C ALA C 371 8.17 -24.60 -29.96
N ALA C 372 8.54 -25.75 -30.47
CA ALA C 372 8.40 -26.05 -31.93
C ALA C 372 6.91 -26.07 -32.30
N HIS C 373 6.11 -26.67 -31.41
CA HIS C 373 4.63 -26.71 -31.64
C HIS C 373 3.91 -25.37 -31.48
N ALA C 374 4.12 -24.69 -30.35
CA ALA C 374 3.47 -23.43 -30.09
C ALA C 374 3.93 -22.41 -31.10
N GLY C 375 5.19 -22.60 -31.52
CA GLY C 375 5.78 -21.68 -32.47
C GLY C 375 5.18 -21.85 -33.85
N LYS C 376 4.98 -23.11 -34.27
CA LYS C 376 4.21 -23.37 -35.54
C LYS C 376 2.78 -22.80 -35.53
N VAL C 377 2.08 -22.91 -34.42
CA VAL C 377 0.79 -22.27 -34.29
C VAL C 377 0.83 -20.78 -34.44
N LEU C 378 1.86 -20.16 -33.83
CA LEU C 378 2.00 -18.75 -33.87
C LEU C 378 2.28 -18.32 -35.28
N LEU C 379 3.26 -18.99 -35.89
CA LEU C 379 3.68 -18.66 -37.25
C LEU C 379 2.49 -18.85 -38.27
N THR C 380 1.74 -19.93 -38.12
CA THR C 380 0.54 -20.19 -38.98
C THR C 380 -0.44 -19.03 -38.83
N GLY C 381 -0.74 -18.64 -37.60
CA GLY C 381 -1.64 -17.51 -37.39
C GLY C 381 -1.12 -16.21 -37.94
N LEU C 382 0.22 -15.97 -37.83
CA LEU C 382 0.78 -14.72 -38.37
C LEU C 382 0.66 -14.63 -39.91
N LEU C 383 0.83 -15.79 -40.51
CA LEU C 383 0.74 -15.92 -41.97
C LEU C 383 -0.70 -15.64 -42.38
N ASP C 384 -1.65 -16.09 -41.55
CA ASP C 384 -3.05 -15.79 -41.83
C ASP C 384 -3.33 -14.32 -41.74
N LEU C 385 -2.79 -13.65 -40.71
CA LEU C 385 -2.95 -12.23 -40.60
C LEU C 385 -2.29 -11.46 -41.79
N GLN C 386 -1.16 -11.98 -42.25
CA GLN C 386 -0.47 -11.32 -43.34
C GLN C 386 -1.35 -11.34 -44.63
N ALA C 387 -1.87 -12.52 -44.91
CA ALA C 387 -2.81 -12.71 -46.05
C ALA C 387 -4.00 -11.72 -45.90
N ARG C 388 -4.62 -11.64 -44.73
CA ARG C 388 -5.74 -10.68 -44.49
C ARG C 388 -5.39 -9.20 -44.40
N TYR C 389 -4.15 -8.90 -44.03
CA TYR C 389 -3.80 -7.51 -43.78
C TYR C 389 -2.46 -7.25 -44.43
N PRO C 390 -2.37 -7.48 -45.75
CA PRO C 390 -1.12 -7.14 -46.46
C PRO C 390 -0.66 -5.71 -46.40
N GLN C 391 -1.57 -4.75 -46.16
CA GLN C 391 -1.25 -3.35 -46.01
C GLN C 391 -0.58 -2.98 -44.70
N PHE C 392 -0.59 -3.93 -43.77
CA PHE C 392 0.07 -3.70 -42.46
C PHE C 392 1.16 -4.71 -42.09
N ILE C 393 1.06 -5.92 -42.60
CA ILE C 393 1.92 -7.02 -42.18
CA ILE C 393 1.94 -7.03 -42.21
C ILE C 393 2.64 -7.63 -43.43
N SER C 394 3.98 -7.79 -43.34
CA SER C 394 4.78 -8.42 -44.42
C SER C 394 5.97 -9.13 -43.84
N ARG C 395 6.56 -10.03 -44.62
CA ARG C 395 7.83 -10.73 -44.25
C ARG C 395 7.66 -11.50 -42.97
N VAL C 396 6.51 -12.11 -42.79
CA VAL C 396 6.30 -13.02 -41.62
C VAL C 396 7.30 -14.13 -41.69
N ARG C 397 7.99 -14.39 -40.57
CA ARG C 397 9.08 -15.31 -40.55
C ARG C 397 9.27 -15.81 -39.13
N GLY C 398 9.91 -16.95 -39.02
CA GLY C 398 10.23 -17.50 -37.67
C GLY C 398 10.83 -18.84 -37.68
N ARG C 399 11.33 -19.22 -36.51
CA ARG C 399 11.74 -20.55 -36.24
C ARG C 399 11.33 -20.83 -34.78
N GLY C 400 10.60 -21.93 -34.53
CA GLY C 400 10.00 -22.14 -33.18
C GLY C 400 9.21 -20.88 -32.83
N THR C 401 9.29 -20.36 -31.60
CA THR C 401 8.54 -19.15 -31.23
C THR C 401 9.25 -17.86 -31.54
N PHE C 402 10.42 -17.98 -32.17
CA PHE C 402 11.32 -16.85 -32.42
C PHE C 402 10.82 -16.29 -33.77
N CYS C 403 9.75 -15.56 -33.68
CA CYS C 403 8.96 -15.14 -34.85
C CYS C 403 8.96 -13.65 -34.92
N SER C 404 8.63 -13.15 -36.10
CA SER C 404 8.55 -11.73 -36.35
C SER C 404 7.84 -11.39 -37.62
N PHE C 405 7.59 -10.09 -37.78
CA PHE C 405 7.09 -9.52 -39.02
C PHE C 405 7.38 -8.03 -39.13
N ASP C 406 7.19 -7.48 -40.34
CA ASP C 406 7.39 -6.12 -40.61
C ASP C 406 6.06 -5.39 -40.85
N THR C 407 6.13 -4.13 -40.50
CA THR C 407 5.02 -3.14 -40.65
C THR C 407 5.55 -2.14 -41.68
N PRO C 408 4.70 -1.23 -42.18
CA PRO C 408 5.19 -0.34 -43.26
C PRO C 408 6.21 0.69 -42.84
N ASP C 409 6.17 1.15 -41.60
CA ASP C 409 7.10 2.14 -41.10
C ASP C 409 7.14 2.11 -39.56
N GLU C 410 8.12 2.78 -39.01
CA GLU C 410 8.35 2.84 -37.54
C GLU C 410 7.17 3.36 -36.77
N SER C 411 6.47 4.33 -37.33
CA SER C 411 5.38 4.89 -36.49
C SER C 411 4.17 3.94 -36.41
N ILE C 412 3.86 3.23 -37.49
CA ILE C 412 2.89 2.17 -37.41
C ILE C 412 3.38 1.00 -36.49
N ARG C 413 4.67 0.70 -36.54
CA ARG C 413 5.24 -0.39 -35.70
C ARG C 413 4.99 -0.01 -34.22
N ASN C 414 5.32 1.24 -33.87
CA ASN C 414 5.18 1.69 -32.48
C ASN C 414 3.72 1.77 -32.03
N LYS C 415 2.86 2.22 -32.92
CA LYS C 415 1.43 2.35 -32.60
C LYS C 415 0.83 1.00 -32.34
N LEU C 416 1.16 0.02 -33.18
CA LEU C 416 0.62 -1.33 -33.02
C LEU C 416 1.13 -1.96 -31.66
N ILE C 417 2.39 -1.70 -31.31
CA ILE C 417 2.91 -2.23 -29.98
C ILE C 417 2.14 -1.57 -28.84
N SER C 418 1.93 -0.28 -28.95
CA SER C 418 1.25 0.50 -27.88
C SER C 418 -0.18 0.01 -27.72
N ILE C 419 -0.91 -0.11 -28.83
CA ILE C 419 -2.29 -0.52 -28.76
C ILE C 419 -2.38 -1.95 -28.22
N ALA C 420 -1.48 -2.84 -28.69
CA ALA C 420 -1.55 -4.23 -28.25
C ALA C 420 -1.29 -4.26 -26.70
N ARG C 421 -0.43 -3.42 -26.20
CA ARG C 421 -0.13 -3.45 -24.75
C ARG C 421 -1.37 -3.04 -23.96
N ASN C 422 -2.03 -1.98 -24.45
CA ASN C 422 -3.24 -1.50 -23.76
C ASN C 422 -4.34 -2.55 -23.84
N LYS C 423 -4.32 -3.44 -24.83
CA LYS C 423 -5.25 -4.56 -24.95
C LYS C 423 -4.80 -5.84 -24.26
N GLY C 424 -3.69 -5.78 -23.52
CA GLY C 424 -3.21 -6.87 -22.61
C GLY C 424 -2.12 -7.76 -23.20
N VAL C 425 -1.34 -7.27 -24.23
CA VAL C 425 -0.30 -8.17 -24.81
C VAL C 425 0.94 -7.36 -25.04
N MET C 426 2.06 -7.87 -24.51
N MET C 426 2.05 -7.79 -24.43
CA MET C 426 3.35 -7.17 -24.54
CA MET C 426 3.31 -7.08 -24.58
C MET C 426 4.12 -7.75 -25.68
C MET C 426 4.07 -7.74 -25.70
N LEU C 427 4.44 -6.90 -26.65
CA LEU C 427 5.21 -7.28 -27.84
C LEU C 427 6.51 -6.47 -27.80
N GLY C 428 7.51 -7.02 -28.50
CA GLY C 428 8.75 -6.30 -28.65
C GLY C 428 8.93 -5.77 -30.08
N GLY C 429 9.77 -4.76 -30.17
CA GLY C 429 10.20 -4.29 -31.48
C GLY C 429 11.59 -4.72 -31.77
N CYS C 430 11.95 -4.77 -33.06
CA CYS C 430 13.36 -4.80 -33.44
C CYS C 430 13.52 -4.12 -34.80
N GLY C 431 14.74 -3.72 -35.13
CA GLY C 431 14.95 -2.98 -36.37
C GLY C 431 14.12 -1.70 -36.33
N ASP C 432 13.94 -1.05 -37.46
CA ASP C 432 13.20 0.22 -37.42
C ASP C 432 11.65 0.01 -37.60
N LYS C 433 11.23 -1.15 -38.11
CA LYS C 433 9.80 -1.41 -38.32
C LYS C 433 9.30 -2.86 -38.15
N SER C 434 10.02 -3.67 -37.38
CA SER C 434 9.65 -5.05 -37.12
C SER C 434 9.03 -5.22 -35.70
N ILE C 435 8.11 -6.18 -35.62
CA ILE C 435 7.55 -6.63 -34.35
C ILE C 435 8.07 -8.05 -34.18
N ARG C 436 8.52 -8.37 -32.95
CA ARG C 436 9.07 -9.71 -32.70
C ARG C 436 8.44 -10.37 -31.51
N PHE C 437 8.61 -11.66 -31.43
CA PHE C 437 8.03 -12.48 -30.35
C PHE C 437 9.23 -13.17 -29.69
N ARG C 438 9.24 -13.03 -28.36
CA ARG C 438 10.12 -13.81 -27.49
C ARG C 438 9.35 -14.37 -26.25
N PRO C 439 8.51 -15.35 -26.51
CA PRO C 439 7.68 -15.88 -25.41
C PRO C 439 8.53 -16.74 -24.51
N THR C 440 8.18 -16.80 -23.22
CA THR C 440 8.88 -17.75 -22.34
CA THR C 440 8.91 -17.69 -22.34
C THR C 440 8.62 -19.16 -22.76
N LEU C 441 9.37 -20.16 -22.24
CA LEU C 441 9.21 -21.51 -22.69
C LEU C 441 7.93 -22.21 -22.12
N VAL C 442 7.23 -21.51 -21.23
CA VAL C 442 5.89 -21.99 -20.84
C VAL C 442 4.77 -21.37 -21.69
N PHE C 443 5.09 -20.65 -22.76
CA PHE C 443 4.08 -20.30 -23.77
C PHE C 443 3.62 -21.55 -24.54
N ARG C 444 2.29 -21.64 -24.72
CA ARG C 444 1.64 -22.77 -25.32
C ARG C 444 0.77 -22.29 -26.47
N ASP C 445 0.32 -23.27 -27.22
CA ASP C 445 -0.56 -22.96 -28.32
C ASP C 445 -1.76 -22.15 -27.91
N HIS C 446 -2.35 -22.32 -26.70
CA HIS C 446 -3.47 -21.42 -26.36
C HIS C 446 -3.12 -19.98 -26.18
N HIS C 447 -1.88 -19.71 -25.73
CA HIS C 447 -1.41 -18.38 -25.65
C HIS C 447 -1.23 -17.78 -27.06
N ALA C 448 -0.79 -18.61 -27.96
CA ALA C 448 -0.65 -18.22 -29.35
C ALA C 448 -2.00 -17.75 -29.88
N HIS C 449 -3.05 -18.55 -29.65
CA HIS C 449 -4.40 -18.10 -30.07
C HIS C 449 -4.90 -16.89 -29.36
N LEU C 450 -4.67 -16.77 -28.06
CA LEU C 450 -5.04 -15.61 -27.35
C LEU C 450 -4.48 -14.33 -27.99
N PHE C 451 -3.16 -14.30 -28.21
CA PHE C 451 -2.60 -13.23 -28.95
C PHE C 451 -3.23 -12.96 -30.36
N LEU C 452 -3.31 -13.98 -31.13
CA LEU C 452 -3.74 -13.94 -32.51
C LEU C 452 -5.14 -13.32 -32.56
N ASN C 453 -6.01 -13.84 -31.69
CA ASN C 453 -7.35 -13.24 -31.60
C ASN C 453 -7.42 -11.81 -31.20
N ILE C 454 -6.67 -11.39 -30.18
CA ILE C 454 -6.64 -10.00 -29.79
C ILE C 454 -6.10 -9.14 -30.92
N PHE C 455 -5.04 -9.66 -31.60
CA PHE C 455 -4.36 -8.81 -32.58
C PHE C 455 -5.21 -8.67 -33.87
N SER C 456 -5.90 -9.72 -34.25
CA SER C 456 -6.89 -9.71 -35.34
C SER C 456 -7.89 -8.57 -35.11
N ASP C 457 -8.43 -8.46 -33.90
CA ASP C 457 -9.34 -7.34 -33.62
C ASP C 457 -8.72 -5.97 -33.66
N ILE C 458 -7.45 -5.82 -33.28
CA ILE C 458 -6.75 -4.57 -33.41
C ILE C 458 -6.64 -4.14 -34.90
N LEU C 459 -6.24 -5.09 -35.74
CA LEU C 459 -5.96 -4.83 -37.15
C LEU C 459 -7.27 -4.42 -37.83
N ALA C 460 -8.36 -5.01 -37.40
CA ALA C 460 -9.73 -4.68 -37.93
C ALA C 460 -10.14 -3.22 -37.73
N ASP C 461 -9.69 -2.57 -36.68
CA ASP C 461 -9.99 -1.17 -36.41
C ASP C 461 -8.87 -0.25 -36.65
N PHE C 462 -7.74 -0.79 -37.11
CA PHE C 462 -6.57 0.01 -37.31
C PHE C 462 -6.73 0.80 -38.62
N LYS C 463 -6.48 2.12 -38.57
CA LYS C 463 -7.16 3.13 -39.47
C LYS C 463 -8.47 2.60 -40.11
N GLY D 1 26.53 -16.38 11.85
CA GLY D 1 27.41 -15.49 12.63
C GLY D 1 27.57 -16.00 14.05
N PHE D 2 28.21 -15.20 14.91
CA PHE D 2 28.90 -13.99 14.47
C PHE D 2 30.35 -14.31 14.12
N ASP D 3 31.10 -14.99 14.99
CA ASP D 3 32.54 -15.21 14.70
C ASP D 3 33.11 -16.39 15.55
N TYR D 4 33.96 -17.22 14.92
CA TYR D 4 34.78 -18.26 15.59
C TYR D 4 35.88 -17.55 16.36
N ASP D 5 36.63 -18.27 17.15
CA ASP D 5 37.62 -17.58 18.02
C ASP D 5 39.07 -17.61 17.55
N GLY D 6 39.38 -18.36 16.50
CA GLY D 6 40.68 -18.25 15.86
C GLY D 6 40.73 -19.29 14.76
N PRO D 7 41.79 -19.28 13.96
CA PRO D 7 41.91 -20.30 12.93
C PRO D 7 42.16 -21.67 13.44
N LEU D 8 41.86 -22.67 12.64
CA LEU D 8 42.11 -24.08 13.04
C LEU D 8 42.46 -24.86 11.81
N MET D 9 43.66 -25.42 11.75
CA MET D 9 44.09 -26.14 10.57
C MET D 9 44.12 -27.64 10.76
N LYS D 10 43.54 -28.36 9.80
CA LYS D 10 43.57 -29.83 9.74
C LYS D 10 44.54 -30.43 8.71
N THR D 11 44.78 -29.71 7.62
CA THR D 11 45.65 -30.17 6.54
C THR D 11 46.44 -29.00 5.98
N GLU D 12 47.43 -29.29 5.15
CA GLU D 12 48.02 -28.24 4.29
C GLU D 12 46.96 -27.87 3.26
N VAL D 13 47.18 -26.68 2.71
CA VAL D 13 46.20 -26.06 1.79
C VAL D 13 46.87 -25.88 0.46
N PRO D 14 46.29 -26.48 -0.61
CA PRO D 14 45.03 -27.20 -0.66
C PRO D 14 45.16 -28.63 -0.15
N GLY D 15 44.14 -29.10 0.54
CA GLY D 15 44.11 -30.48 1.14
C GLY D 15 43.58 -31.43 0.14
N PRO D 16 43.46 -32.70 0.56
CA PRO D 16 43.14 -33.73 -0.38
C PRO D 16 41.80 -33.53 -1.12
N ARG D 17 40.78 -33.08 -0.39
CA ARG D 17 39.45 -32.92 -1.00
C ARG D 17 39.52 -31.75 -2.02
N SER D 18 40.17 -30.64 -1.64
CA SER D 18 40.44 -29.55 -2.65
C SER D 18 41.18 -30.05 -3.83
N ARG D 19 42.28 -30.84 -3.63
CA ARG D 19 43.06 -31.30 -4.78
C ARG D 19 42.24 -32.15 -5.73
N GLU D 20 41.32 -32.97 -5.18
CA GLU D 20 40.49 -33.84 -6.01
C GLU D 20 39.54 -32.98 -6.84
N LEU D 21 38.95 -32.00 -6.22
CA LEU D 21 38.02 -31.09 -6.92
C LEU D 21 38.75 -30.23 -7.95
N MET D 22 39.98 -29.80 -7.65
CA MET D 22 40.77 -29.06 -8.61
C MET D 22 41.07 -29.92 -9.82
N LYS D 23 41.33 -31.22 -9.57
CA LYS D 23 41.57 -32.14 -10.70
CA LYS D 23 41.56 -32.17 -10.69
C LYS D 23 40.33 -32.24 -11.61
N GLN D 24 39.16 -32.31 -11.01
CA GLN D 24 37.90 -32.41 -11.74
C GLN D 24 37.71 -31.11 -12.52
N LEU D 25 37.88 -29.98 -11.86
CA LEU D 25 37.60 -28.70 -12.56
C LEU D 25 38.57 -28.50 -13.76
N ASN D 26 39.82 -28.92 -13.60
CA ASN D 26 40.83 -28.73 -14.62
C ASN D 26 40.51 -29.49 -15.91
N ILE D 27 39.60 -30.46 -15.88
CA ILE D 27 39.20 -31.10 -17.14
C ILE D 27 38.44 -30.09 -18.02
N ILE D 28 37.61 -29.24 -17.41
CA ILE D 28 36.69 -28.41 -18.22
C ILE D 28 37.21 -26.97 -18.46
N GLN D 29 38.26 -26.55 -17.72
CA GLN D 29 38.79 -25.23 -17.84
C GLN D 29 40.16 -25.19 -17.15
N ASN D 30 40.97 -24.19 -17.49
CA ASN D 30 42.24 -23.98 -16.76
C ASN D 30 41.92 -23.62 -15.34
N ALA D 31 42.37 -24.42 -14.39
CA ALA D 31 42.05 -24.17 -13.00
C ALA D 31 43.29 -23.83 -12.23
N GLU D 32 44.37 -23.41 -12.88
CA GLU D 32 45.59 -23.17 -12.16
C GLU D 32 45.57 -22.00 -11.21
N ALA D 33 44.60 -21.11 -11.37
CA ALA D 33 44.46 -20.02 -10.39
C ALA D 33 43.77 -20.43 -9.12
N VAL D 34 43.12 -21.57 -9.12
CA VAL D 34 42.30 -21.94 -7.98
C VAL D 34 43.22 -22.12 -6.73
N HIS D 35 42.87 -21.47 -5.66
CA HIS D 35 43.57 -21.58 -4.37
C HIS D 35 43.16 -22.88 -3.68
N PHE D 36 41.84 -23.10 -3.53
CA PHE D 36 41.29 -24.25 -2.87
C PHE D 36 39.80 -24.19 -3.00
N PHE D 37 39.09 -25.28 -2.70
CA PHE D 37 37.61 -25.29 -2.70
C PHE D 37 37.06 -25.04 -1.28
N CYS D 38 35.88 -24.37 -1.20
CA CYS D 38 35.32 -23.84 -0.01
C CYS D 38 34.00 -24.36 0.43
N ASN D 39 33.87 -24.44 1.76
CA ASN D 39 32.63 -24.70 2.40
C ASN D 39 32.06 -23.39 2.92
N TYR D 40 31.31 -22.71 2.08
CA TYR D 40 30.78 -21.39 2.51
C TYR D 40 29.66 -21.52 3.58
N GLU D 41 28.90 -22.60 3.52
CA GLU D 41 27.89 -22.90 4.56
C GLU D 41 28.43 -22.84 5.98
N GLU D 42 29.66 -23.26 6.15
N GLU D 42 29.66 -23.28 6.16
CA GLU D 42 30.29 -23.33 7.47
CA GLU D 42 30.32 -23.32 7.49
C GLU D 42 31.19 -22.09 7.74
C GLU D 42 31.23 -22.10 7.72
N SER D 43 31.34 -21.21 6.73
CA SER D 43 32.17 -20.06 6.87
C SER D 43 31.35 -19.01 7.60
N ARG D 44 32.00 -18.24 8.46
N ARG D 44 32.02 -18.24 8.44
CA ARG D 44 31.32 -17.27 9.30
CA ARG D 44 31.36 -17.29 9.31
C ARG D 44 32.22 -16.10 9.65
C ARG D 44 32.23 -16.10 9.66
N GLY D 45 31.72 -14.89 9.50
CA GLY D 45 32.43 -13.73 9.88
C GLY D 45 33.73 -13.59 9.07
N ASN D 46 34.85 -13.48 9.77
CA ASN D 46 36.17 -13.34 9.16
C ASN D 46 36.85 -14.69 8.73
N TYR D 47 36.14 -15.80 8.87
CA TYR D 47 36.69 -17.12 8.73
C TYR D 47 36.11 -17.85 7.57
N LEU D 48 36.99 -18.27 6.69
CA LEU D 48 36.67 -19.10 5.53
C LEU D 48 37.02 -20.56 5.84
N VAL D 49 36.06 -21.45 5.71
CA VAL D 49 36.25 -22.89 5.90
C VAL D 49 36.38 -23.59 4.58
N ASP D 50 37.40 -24.45 4.41
CA ASP D 50 37.59 -25.14 3.14
C ASP D 50 36.95 -26.58 3.21
N VAL D 51 37.03 -27.28 2.07
CA VAL D 51 36.42 -28.60 1.92
C VAL D 51 37.14 -29.71 2.76
N ASP D 52 38.32 -29.34 3.28
CA ASP D 52 39.12 -30.26 4.12
C ASP D 52 38.95 -29.96 5.61
N GLY D 53 38.05 -29.07 5.94
CA GLY D 53 37.83 -28.66 7.31
C GLY D 53 38.77 -27.64 7.89
N ASN D 54 39.64 -27.03 7.08
CA ASN D 54 40.51 -25.98 7.53
C ASN D 54 39.75 -24.71 7.74
N ARG D 55 39.99 -24.04 8.83
CA ARG D 55 39.35 -22.77 9.09
C ARG D 55 40.38 -21.66 9.17
N MET D 56 40.31 -20.71 8.21
CA MET D 56 41.31 -19.71 8.07
C MET D 56 40.79 -18.32 8.29
N LEU D 57 41.59 -17.48 8.90
CA LEU D 57 41.30 -16.06 9.04
C LEU D 57 41.51 -15.45 7.66
N ASP D 58 40.45 -14.93 7.05
CA ASP D 58 40.46 -14.50 5.63
C ASP D 58 40.71 -13.03 5.58
N LEU D 59 41.96 -12.64 5.24
CA LEU D 59 42.33 -11.24 5.10
C LEU D 59 42.40 -10.82 3.60
N TYR D 60 41.74 -11.64 2.76
CA TYR D 60 41.66 -11.35 1.33
C TYR D 60 40.26 -11.12 0.82
N SER D 61 39.27 -11.67 1.49
CA SER D 61 37.84 -11.46 1.30
C SER D 61 37.36 -11.54 -0.13
N GLN D 62 37.75 -12.59 -0.87
CA GLN D 62 37.29 -12.79 -2.27
C GLN D 62 37.69 -11.56 -3.10
N ILE D 63 38.96 -11.21 -3.01
CA ILE D 63 39.50 -10.07 -3.73
C ILE D 63 38.75 -8.82 -3.33
N SER D 64 38.58 -8.61 -2.01
CA SER D 64 38.06 -7.37 -1.48
C SER D 64 36.57 -7.16 -1.84
N SER D 65 35.79 -8.25 -1.82
CA SER D 65 34.39 -8.18 -2.30
C SER D 65 33.34 -8.59 -1.30
N ILE D 66 33.76 -9.15 -0.19
CA ILE D 66 32.81 -9.56 0.83
C ILE D 66 32.72 -8.46 1.89
N PRO D 67 31.58 -7.74 1.99
CA PRO D 67 31.61 -6.56 2.82
C PRO D 67 31.57 -6.80 4.37
N ILE D 68 30.67 -7.64 4.82
CA ILE D 68 30.45 -7.80 6.28
C ILE D 68 30.63 -9.22 6.72
N GLY D 69 31.56 -9.92 6.08
CA GLY D 69 31.81 -11.31 6.44
C GLY D 69 30.96 -12.35 5.88
N TYR D 70 31.32 -13.62 6.08
CA TYR D 70 30.60 -14.75 5.55
C TYR D 70 29.36 -15.08 6.39
N SER D 71 28.32 -15.54 5.72
CA SER D 71 27.10 -15.98 6.47
C SER D 71 26.62 -14.99 7.48
N HIS D 72 26.51 -13.73 7.11
CA HIS D 72 26.12 -12.77 8.07
C HIS D 72 24.63 -13.00 8.42
N PRO D 73 24.32 -13.00 9.71
CA PRO D 73 22.92 -13.41 10.06
C PRO D 73 21.86 -12.38 9.60
N ALA D 74 22.20 -11.12 9.43
CA ALA D 74 21.21 -10.13 8.86
C ALA D 74 20.89 -10.47 7.42
N LEU D 75 21.88 -11.00 6.68
CA LEU D 75 21.64 -11.43 5.29
C LEU D 75 20.90 -12.72 5.20
N VAL D 76 21.21 -13.65 6.10
CA VAL D 76 20.48 -14.86 6.22
C VAL D 76 18.97 -14.56 6.36
N LYS D 77 18.64 -13.63 7.23
CA LYS D 77 17.23 -13.32 7.48
C LYS D 77 16.56 -12.76 6.25
N LEU D 78 17.24 -11.96 5.41
CA LEU D 78 16.63 -11.51 4.13
C LEU D 78 16.21 -12.64 3.27
N VAL D 79 17.06 -13.63 3.11
CA VAL D 79 16.77 -14.74 2.25
C VAL D 79 15.65 -15.61 2.82
N GLN D 80 15.56 -15.66 4.14
CA GLN D 80 14.47 -16.45 4.76
C GLN D 80 13.12 -15.76 4.60
N GLN D 81 13.04 -14.46 4.28
CA GLN D 81 11.73 -13.78 4.24
C GLN D 81 10.92 -14.22 3.00
N PRO D 82 9.71 -14.75 3.19
CA PRO D 82 8.92 -15.19 2.04
C PRO D 82 8.70 -14.05 1.01
N GLN D 83 8.64 -12.82 1.46
CA GLN D 83 8.26 -11.65 0.57
C GLN D 83 9.41 -11.37 -0.42
N ASN D 84 10.57 -11.95 -0.13
CA ASN D 84 11.76 -11.69 -0.94
C ASN D 84 12.01 -12.75 -2.00
N VAL D 85 11.25 -13.84 -2.09
CA VAL D 85 11.45 -14.89 -3.05
C VAL D 85 11.41 -14.38 -4.51
N SER D 86 10.43 -13.56 -4.86
CA SER D 86 10.32 -13.05 -6.22
C SER D 86 11.64 -12.32 -6.60
N THR D 87 12.17 -11.46 -5.74
CA THR D 87 13.39 -10.73 -6.01
C THR D 87 14.56 -11.66 -6.43
N PHE D 88 14.64 -12.86 -5.86
CA PHE D 88 15.69 -13.84 -6.24
C PHE D 88 15.42 -14.63 -7.52
N ILE D 89 14.17 -14.75 -7.96
CA ILE D 89 13.83 -15.69 -9.01
C ILE D 89 13.18 -14.99 -10.27
N ASN D 90 12.94 -13.69 -10.19
CA ASN D 90 12.35 -12.99 -11.33
C ASN D 90 13.30 -11.82 -11.63
N ARG D 91 14.29 -12.06 -12.47
CA ARG D 91 15.26 -11.03 -12.77
C ARG D 91 14.79 -10.09 -13.90
N PRO D 92 14.68 -8.80 -13.60
CA PRO D 92 14.07 -7.90 -14.58
C PRO D 92 15.13 -7.38 -15.55
N ALA D 93 14.65 -7.09 -16.77
CA ALA D 93 15.41 -6.14 -17.63
C ALA D 93 15.25 -4.76 -17.07
N LEU D 94 16.17 -4.32 -16.20
CA LEU D 94 15.98 -3.18 -15.38
C LEU D 94 15.87 -1.88 -16.12
N GLY D 95 16.39 -1.77 -17.35
CA GLY D 95 16.25 -0.49 -18.05
C GLY D 95 14.85 -0.31 -18.65
N ILE D 96 14.07 -1.33 -18.71
CA ILE D 96 12.71 -1.20 -19.29
C ILE D 96 11.60 -1.54 -18.33
N LEU D 97 11.82 -2.45 -17.37
CA LEU D 97 10.70 -3.07 -16.59
C LEU D 97 11.12 -3.22 -15.11
N PRO D 98 11.44 -2.08 -14.50
CA PRO D 98 11.90 -2.14 -13.11
C PRO D 98 10.81 -2.53 -12.15
N PRO D 99 11.19 -3.17 -11.06
CA PRO D 99 10.18 -3.54 -10.02
C PRO D 99 9.72 -2.33 -9.31
N GLU D 100 8.50 -2.46 -8.72
CA GLU D 100 7.86 -1.37 -7.95
C GLU D 100 8.76 -0.69 -6.93
N ASN D 101 9.61 -1.46 -6.19
CA ASN D 101 10.47 -0.93 -5.17
C ASN D 101 11.84 -0.45 -5.64
N PHE D 102 12.02 -0.37 -6.95
CA PHE D 102 13.35 -0.07 -7.44
C PHE D 102 13.95 1.19 -6.91
N VAL D 103 13.21 2.29 -6.96
CA VAL D 103 13.71 3.55 -6.53
C VAL D 103 13.87 3.56 -4.99
N GLU D 104 12.88 3.06 -4.29
CA GLU D 104 12.96 3.11 -2.83
C GLU D 104 14.16 2.25 -2.32
N LYS D 105 14.40 1.10 -2.91
CA LYS D 105 15.57 0.29 -2.49
C LYS D 105 16.86 0.97 -2.84
N LEU D 106 16.96 1.72 -3.98
CA LEU D 106 18.07 2.56 -4.20
C LEU D 106 18.26 3.66 -3.13
N ARG D 107 17.14 4.27 -2.71
CA ARG D 107 17.23 5.30 -1.65
C ARG D 107 17.81 4.69 -0.33
N GLU D 108 17.46 3.45 -0.03
CA GLU D 108 17.92 2.73 1.16
C GLU D 108 19.38 2.31 1.05
N SER D 109 19.86 2.19 -0.17
CA SER D 109 21.23 1.67 -0.43
C SER D 109 22.13 2.71 -1.10
N LEU D 110 22.34 2.59 -2.41
CA LEU D 110 23.29 3.48 -3.07
C LEU D 110 23.08 4.93 -2.96
N LEU D 111 21.84 5.41 -3.03
CA LEU D 111 21.66 6.86 -2.97
C LEU D 111 21.94 7.42 -1.60
N SER D 112 21.87 6.58 -0.56
CA SER D 112 22.17 7.03 0.81
C SER D 112 23.69 7.22 1.01
N VAL D 113 24.51 6.75 0.06
CA VAL D 113 25.94 6.98 0.16
C VAL D 113 26.50 7.70 -1.09
N ALA D 114 25.69 8.51 -1.78
CA ALA D 114 26.15 9.13 -2.98
C ALA D 114 27.32 10.05 -2.67
N PRO D 115 28.35 10.11 -3.52
CA PRO D 115 29.45 11.03 -3.39
C PRO D 115 28.96 12.46 -3.60
N LYS D 116 29.72 13.39 -3.13
CA LYS D 116 29.39 14.80 -3.27
C LYS D 116 29.34 15.21 -4.70
N GLY D 117 28.29 15.99 -5.01
CA GLY D 117 28.20 16.65 -6.30
C GLY D 117 27.66 15.71 -7.40
N MET D 118 27.38 14.44 -7.08
CA MET D 118 26.90 13.49 -8.05
C MET D 118 25.46 13.06 -7.85
N SER D 119 24.55 13.67 -8.59
CA SER D 119 23.12 13.40 -8.43
C SER D 119 22.55 12.19 -9.22
N GLN D 120 23.35 11.69 -10.16
CA GLN D 120 22.92 10.67 -11.06
C GLN D 120 23.54 9.30 -10.65
N LEU D 121 22.82 8.28 -10.96
CA LEU D 121 23.24 6.92 -10.71
C LEU D 121 22.71 6.02 -11.81
N ILE D 122 23.60 5.17 -12.35
CA ILE D 122 23.26 4.04 -13.26
C ILE D 122 23.91 2.77 -12.63
N THR D 123 23.14 1.67 -12.63
CA THR D 123 23.61 0.44 -12.05
C THR D 123 24.12 -0.47 -13.14
N MET D 124 25.11 -1.30 -12.74
CA MET D 124 25.75 -2.33 -13.64
C MET D 124 26.09 -3.55 -12.82
N ALA D 125 26.32 -4.68 -13.49
CA ALA D 125 26.51 -5.91 -12.70
C ALA D 125 27.93 -6.17 -12.19
N CYS D 126 28.96 -5.50 -12.73
CA CYS D 126 30.34 -5.72 -12.32
C CYS D 126 31.17 -4.47 -12.53
N GLY D 127 32.42 -4.55 -12.13
CA GLY D 127 33.30 -3.40 -12.17
C GLY D 127 33.61 -3.07 -13.62
N SER D 128 33.81 -4.12 -14.42
CA SER D 128 34.22 -3.87 -15.81
C SER D 128 33.17 -3.18 -16.62
N CYS D 129 31.90 -3.62 -16.53
CA CYS D 129 30.87 -2.90 -17.28
C CYS D 129 30.59 -1.56 -16.66
N SER D 130 30.83 -1.36 -15.37
CA SER D 130 30.83 -0.01 -14.75
C SER D 130 31.78 0.88 -15.49
N ASN D 131 33.04 0.47 -15.53
CA ASN D 131 34.06 1.30 -16.21
C ASN D 131 33.79 1.50 -17.69
N GLU D 132 33.40 0.44 -18.38
CA GLU D 132 33.14 0.51 -19.82
C GLU D 132 32.05 1.56 -20.07
N ASN D 133 31.00 1.49 -19.29
CA ASN D 133 29.86 2.40 -19.48
C ASN D 133 30.16 3.80 -18.97
N ALA D 134 31.06 3.89 -18.01
CA ALA D 134 31.58 5.21 -17.59
C ALA D 134 32.33 5.85 -18.73
N PHE D 135 33.21 5.06 -19.40
CA PHE D 135 33.95 5.56 -20.60
C PHE D 135 32.93 6.07 -21.62
N LYS D 136 31.93 5.26 -21.96
CA LYS D 136 30.98 5.66 -23.01
C LYS D 136 30.29 6.95 -22.58
N THR D 137 29.81 7.03 -21.34
CA THR D 137 29.14 8.25 -20.81
C THR D 137 30.03 9.45 -21.04
N ILE D 138 31.31 9.31 -20.74
CA ILE D 138 32.32 10.37 -20.95
C ILE D 138 32.46 10.73 -22.42
N PHE D 139 32.55 9.75 -23.30
CA PHE D 139 32.71 10.05 -24.71
C PHE D 139 31.48 10.78 -25.25
N MET D 140 30.29 10.30 -24.88
N MET D 140 30.28 10.35 -24.89
CA MET D 140 29.01 10.94 -25.26
CA MET D 140 29.09 11.05 -25.43
C MET D 140 28.95 12.39 -24.81
C MET D 140 28.88 12.42 -24.80
N TRP D 141 29.31 12.59 -23.54
CA TRP D 141 29.34 13.96 -22.91
C TRP D 141 30.30 14.90 -23.70
N TYR D 142 31.48 14.38 -24.03
CA TYR D 142 32.48 15.17 -24.71
C TYR D 142 31.97 15.59 -26.09
N ARG D 143 31.41 14.65 -26.82
CA ARG D 143 30.87 14.98 -28.16
C ARG D 143 29.70 15.94 -28.02
N SER D 144 28.90 15.80 -26.98
CA SER D 144 27.79 16.74 -26.74
C SER D 144 28.30 18.15 -26.53
N LYS D 145 29.40 18.34 -25.83
CA LYS D 145 30.04 19.66 -25.68
C LYS D 145 30.37 20.23 -27.01
N GLU D 146 30.90 19.37 -27.87
CA GLU D 146 31.33 19.82 -29.21
C GLU D 146 30.14 20.19 -30.10
N ARG D 147 29.12 19.36 -30.15
CA ARG D 147 28.00 19.61 -31.09
C ARG D 147 26.97 20.56 -30.53
N GLY D 148 26.86 20.68 -29.22
CA GLY D 148 25.90 21.57 -28.64
C GLY D 148 24.46 21.26 -29.05
N GLU D 149 23.79 22.30 -29.57
CA GLU D 149 22.40 22.22 -29.96
C GLU D 149 22.22 21.54 -31.34
N SER D 150 23.29 21.34 -32.12
CA SER D 150 23.22 20.54 -33.38
C SER D 150 22.84 19.10 -33.12
N ALA D 151 22.05 18.48 -33.99
CA ALA D 151 21.76 17.02 -33.91
C ALA D 151 22.90 16.19 -34.47
N PHE D 152 22.88 14.88 -34.17
CA PHE D 152 23.76 13.96 -34.88
C PHE D 152 23.74 14.23 -36.41
N SER D 153 24.89 14.33 -37.03
CA SER D 153 24.89 14.58 -38.48
C SER D 153 24.62 13.35 -39.31
N LYS D 154 24.25 13.56 -40.60
CA LYS D 154 24.07 12.45 -41.53
C LYS D 154 25.32 11.62 -41.60
N GLU D 155 26.45 12.26 -41.72
CA GLU D 155 27.71 11.58 -41.92
C GLU D 155 28.09 10.79 -40.65
N GLU D 156 27.82 11.36 -39.47
CA GLU D 156 28.05 10.58 -38.18
C GLU D 156 27.16 9.38 -38.05
N LEU D 157 25.85 9.52 -38.36
CA LEU D 157 24.93 8.39 -38.32
C LEU D 157 25.33 7.26 -39.27
N GLU D 158 25.82 7.62 -40.47
CA GLU D 158 26.22 6.56 -41.40
C GLU D 158 27.55 5.89 -40.98
N THR D 159 28.53 6.72 -40.63
CA THR D 159 29.85 6.22 -40.34
C THR D 159 29.91 5.41 -39.03
N CYS D 160 29.12 5.81 -38.04
CA CYS D 160 29.19 5.08 -36.76
C CYS D 160 28.81 3.61 -36.95
N MET D 161 27.91 3.27 -37.86
CA MET D 161 27.47 1.90 -38.06
C MET D 161 28.55 0.99 -38.63
N ILE D 162 29.51 1.60 -39.32
CA ILE D 162 30.63 0.92 -39.90
C ILE D 162 31.99 1.23 -39.25
N ASN D 163 31.94 1.61 -37.98
CA ASN D 163 33.13 1.74 -37.17
C ASN D 163 34.11 2.82 -37.63
N GLN D 164 33.55 3.90 -38.22
CA GLN D 164 34.37 4.91 -38.78
C GLN D 164 34.12 6.28 -38.18
N ALA D 165 35.15 7.09 -38.19
CA ALA D 165 34.99 8.49 -37.88
C ALA D 165 34.18 9.16 -39.02
N PRO D 166 33.45 10.24 -38.73
CA PRO D 166 33.38 10.91 -37.43
C PRO D 166 32.34 10.33 -36.41
N GLY D 167 31.53 9.41 -36.89
CA GLY D 167 30.58 8.77 -36.04
C GLY D 167 31.23 8.11 -34.86
N CYS D 168 32.30 7.43 -35.10
CA CYS D 168 33.13 6.78 -34.02
C CYS D 168 34.37 7.70 -33.86
N PRO D 169 34.41 8.58 -32.88
CA PRO D 169 35.53 9.50 -32.73
C PRO D 169 36.79 8.80 -32.27
N ASP D 170 37.90 9.49 -32.39
CA ASP D 170 39.19 8.94 -31.98
C ASP D 170 39.62 9.45 -30.60
N TYR D 171 38.67 9.57 -29.70
N TYR D 171 38.63 9.66 -29.72
CA TYR D 171 38.98 10.06 -28.38
CA TYR D 171 38.85 10.10 -28.34
C TYR D 171 39.57 9.01 -27.46
C TYR D 171 39.69 9.06 -27.57
N SER D 172 40.28 9.52 -26.49
CA SER D 172 41.10 8.65 -25.61
C SER D 172 40.65 8.87 -24.15
N ILE D 173 40.99 7.86 -23.30
CA ILE D 173 40.91 7.96 -21.84
C ILE D 173 42.32 7.81 -21.34
N LEU D 174 42.80 8.77 -20.57
CA LEU D 174 44.12 8.73 -19.96
C LEU D 174 44.09 7.81 -18.75
N SER D 175 45.11 6.95 -18.64
CA SER D 175 45.24 5.99 -17.48
C SER D 175 46.63 6.02 -16.99
N PHE D 176 46.88 5.31 -15.89
CA PHE D 176 48.14 5.32 -15.20
C PHE D 176 48.87 3.97 -15.27
N MET D 177 50.18 4.02 -15.44
CA MET D 177 50.99 2.84 -15.22
C MET D 177 50.66 2.28 -13.81
N GLY D 178 50.64 0.95 -13.76
CA GLY D 178 50.18 0.28 -12.52
C GLY D 178 48.71 0.08 -12.31
N ALA D 179 47.90 0.70 -13.16
CA ALA D 179 46.46 0.72 -12.97
C ALA D 179 45.84 -0.63 -13.20
N PHE D 180 44.69 -0.85 -12.55
CA PHE D 180 43.84 -1.97 -12.93
C PHE D 180 42.42 -1.50 -12.94
N HIS D 181 41.78 -1.67 -14.08
CA HIS D 181 40.39 -1.20 -14.29
C HIS D 181 39.42 -2.23 -14.85
N GLY D 182 39.87 -3.46 -14.95
CA GLY D 182 39.08 -4.49 -15.58
C GLY D 182 39.73 -5.05 -16.81
N ARG D 183 39.09 -6.05 -17.42
CA ARG D 183 39.77 -6.82 -18.46
C ARG D 183 38.98 -7.02 -19.75
N THR D 184 37.77 -6.48 -19.86
CA THR D 184 37.07 -6.34 -21.12
C THR D 184 37.86 -5.38 -21.97
N MET D 185 37.62 -5.31 -23.28
CA MET D 185 38.64 -4.67 -24.16
C MET D 185 38.81 -3.15 -24.01
N GLY D 186 37.78 -2.43 -23.63
CA GLY D 186 37.90 -1.03 -23.22
C GLY D 186 38.68 -0.84 -21.95
N CYS D 187 38.21 -1.47 -20.86
CA CYS D 187 38.86 -1.43 -19.55
C CYS D 187 40.32 -1.78 -19.72
N LEU D 188 40.59 -2.88 -20.49
CA LEU D 188 41.91 -3.44 -20.50
C LEU D 188 42.90 -2.44 -21.05
N ALA D 189 42.46 -1.59 -22.00
CA ALA D 189 43.34 -0.57 -22.51
C ALA D 189 43.81 0.42 -21.46
N THR D 190 43.02 0.58 -20.36
CA THR D 190 43.35 1.48 -19.26
C THR D 190 44.08 0.75 -18.11
N THR D 191 44.18 -0.56 -18.24
CA THR D 191 44.87 -1.42 -17.24
C THR D 191 46.32 -1.58 -17.59
N HIS D 192 47.21 -1.47 -16.60
CA HIS D 192 48.63 -1.62 -16.80
C HIS D 192 49.26 -2.29 -15.57
N SER D 193 48.75 -3.45 -15.29
CA SER D 193 48.99 -4.19 -14.03
C SER D 193 50.08 -5.23 -14.15
N LYS D 194 49.95 -6.16 -15.09
CA LYS D 194 50.95 -7.23 -15.28
C LYS D 194 50.87 -7.64 -16.74
N ALA D 195 52.00 -8.05 -17.34
CA ALA D 195 51.97 -8.35 -18.75
C ALA D 195 51.02 -9.46 -19.13
N ILE D 196 50.89 -10.46 -18.27
CA ILE D 196 50.08 -11.63 -18.64
C ILE D 196 48.61 -11.21 -18.74
N HIS D 197 48.19 -10.15 -18.04
CA HIS D 197 46.84 -9.62 -18.18
C HIS D 197 46.56 -9.00 -19.53
N LYS D 198 47.62 -8.51 -20.16
CA LYS D 198 47.50 -7.64 -21.40
C LYS D 198 47.91 -8.35 -22.69
N ILE D 199 48.83 -9.31 -22.60
CA ILE D 199 49.52 -9.77 -23.77
C ILE D 199 48.59 -10.50 -24.76
N ASP D 200 48.82 -10.29 -26.05
CA ASP D 200 48.08 -10.85 -27.18
C ASP D 200 46.68 -10.25 -27.45
N ILE D 201 46.29 -9.18 -26.72
CA ILE D 201 44.95 -8.60 -26.90
C ILE D 201 45.12 -7.26 -27.60
N PRO D 202 44.38 -7.07 -28.68
CA PRO D 202 44.35 -5.72 -29.28
C PRO D 202 44.01 -4.63 -28.31
N SER D 203 44.55 -3.44 -28.52
CA SER D 203 44.41 -2.36 -27.57
C SER D 203 44.10 -1.04 -28.27
N PHE D 204 44.11 0.02 -27.46
CA PHE D 204 43.90 1.39 -27.99
C PHE D 204 45.13 2.20 -27.72
N ASP D 205 45.46 3.12 -28.66
CA ASP D 205 46.53 4.09 -28.42
C ASP D 205 46.04 5.25 -27.64
N TRP D 206 46.00 5.11 -26.31
CA TRP D 206 45.54 6.14 -25.40
C TRP D 206 46.75 6.45 -24.47
N PRO D 207 46.80 7.67 -23.95
CA PRO D 207 47.96 8.09 -23.19
C PRO D 207 48.07 7.36 -21.82
N ILE D 208 49.27 7.11 -21.41
CA ILE D 208 49.56 6.35 -20.15
C ILE D 208 50.60 7.16 -19.38
N ALA D 209 50.19 7.70 -18.27
CA ALA D 209 50.99 8.59 -17.41
C ALA D 209 51.60 7.76 -16.28
N PRO D 210 52.74 8.22 -15.73
CA PRO D 210 53.29 7.59 -14.49
C PRO D 210 52.49 7.91 -13.25
N PHE D 211 52.32 6.90 -12.40
CA PHE D 211 51.71 7.07 -11.09
C PHE D 211 52.84 7.21 -10.09
N PRO D 212 52.67 8.08 -9.09
CA PRO D 212 53.80 8.32 -8.20
C PRO D 212 54.29 7.06 -7.51
N ARG D 213 55.60 6.87 -7.43
CA ARG D 213 56.16 5.81 -6.54
C ARG D 213 56.76 6.57 -5.33
N LEU D 214 56.03 6.54 -4.24
CA LEU D 214 56.49 7.15 -3.02
C LEU D 214 57.63 6.32 -2.43
N LYS D 215 58.45 7.02 -1.68
CA LYS D 215 59.56 6.43 -0.90
C LYS D 215 59.19 6.47 0.58
N TYR D 216 59.61 5.39 1.27
CA TYR D 216 59.27 5.14 2.67
C TYR D 216 60.57 5.03 3.52
N PRO D 217 60.54 5.42 4.80
CA PRO D 217 59.36 6.03 5.46
C PRO D 217 59.05 7.39 4.93
N LEU D 218 57.78 7.75 4.93
CA LEU D 218 57.32 8.97 4.29
C LEU D 218 57.99 10.15 4.96
N GLU D 219 58.18 10.06 6.29
CA GLU D 219 58.81 11.27 6.95
C GLU D 219 60.28 11.48 6.62
N GLU D 220 60.95 10.51 6.00
CA GLU D 220 62.33 10.69 5.64
C GLU D 220 62.47 11.15 4.19
N PHE D 221 61.35 11.30 3.46
CA PHE D 221 61.40 11.54 2.03
C PHE D 221 60.39 12.62 1.66
N VAL D 222 60.24 13.63 2.48
CA VAL D 222 59.20 14.65 2.24
C VAL D 222 59.39 15.39 0.88
N LYS D 223 60.59 15.87 0.62
CA LYS D 223 60.86 16.62 -0.63
C LYS D 223 60.90 15.70 -1.83
N GLU D 224 61.46 14.53 -1.67
CA GLU D 224 61.56 13.61 -2.74
C GLU D 224 60.13 13.21 -3.16
N ASN D 225 59.21 13.02 -2.21
CA ASN D 225 57.85 12.52 -2.58
C ASN D 225 57.03 13.66 -3.21
N GLN D 226 57.27 14.89 -2.71
CA GLN D 226 56.71 16.08 -3.35
C GLN D 226 57.12 16.21 -4.76
N GLN D 227 58.41 16.06 -5.04
CA GLN D 227 58.97 16.20 -6.40
C GLN D 227 58.49 15.11 -7.32
N GLU D 228 58.30 13.92 -6.78
CA GLU D 228 57.86 12.77 -7.58
C GLU D 228 56.42 12.97 -8.01
N GLU D 229 55.61 13.44 -7.08
CA GLU D 229 54.18 13.76 -7.35
C GLU D 229 54.06 14.88 -8.38
N ALA D 230 54.92 15.90 -8.24
CA ALA D 230 54.93 17.00 -9.24
C ALA D 230 55.30 16.59 -10.60
N ARG D 231 56.31 15.73 -10.72
N ARG D 231 56.30 15.71 -10.72
CA ARG D 231 56.74 15.15 -12.00
CA ARG D 231 56.77 15.21 -12.01
C ARG D 231 55.58 14.44 -12.67
C ARG D 231 55.70 14.34 -12.70
N CYS D 232 54.92 13.58 -11.91
CA CYS D 232 53.83 12.78 -12.50
C CYS D 232 52.67 13.72 -13.01
N LEU D 233 52.33 14.72 -12.22
CA LEU D 233 51.28 15.63 -12.61
C LEU D 233 51.70 16.43 -13.86
N GLU D 234 52.97 16.84 -13.94
CA GLU D 234 53.52 17.49 -15.19
CA GLU D 234 53.48 17.51 -15.17
C GLU D 234 53.35 16.58 -16.39
N GLU D 235 53.68 15.31 -16.23
CA GLU D 235 53.63 14.36 -17.32
C GLU D 235 52.20 14.08 -17.77
N VAL D 236 51.28 14.15 -16.83
CA VAL D 236 49.83 13.95 -17.13
C VAL D 236 49.39 15.10 -18.07
N GLU D 237 49.69 16.31 -17.64
CA GLU D 237 49.27 17.48 -18.38
C GLU D 237 49.91 17.48 -19.75
N ASP D 238 51.20 17.14 -19.86
CA ASP D 238 51.89 17.10 -21.14
C ASP D 238 51.28 16.06 -22.11
N LEU D 239 50.91 14.87 -21.60
CA LEU D 239 50.19 13.90 -22.39
C LEU D 239 48.83 14.37 -22.91
N ILE D 240 48.08 15.11 -22.10
CA ILE D 240 46.76 15.65 -22.52
C ILE D 240 46.97 16.59 -23.72
N VAL D 241 47.97 17.45 -23.59
CA VAL D 241 48.23 18.42 -24.67
C VAL D 241 48.76 17.70 -25.89
N LYS D 242 49.62 16.71 -25.74
CA LYS D 242 50.13 15.94 -26.81
C LYS D 242 49.07 15.15 -27.58
N TYR D 243 48.09 14.60 -26.85
CA TYR D 243 47.07 13.76 -27.48
C TYR D 243 46.05 14.62 -28.18
N ARG D 244 45.80 15.79 -27.64
CA ARG D 244 44.96 16.77 -28.32
C ARG D 244 45.59 17.08 -29.69
N LYS D 245 46.90 17.29 -29.75
CA LYS D 245 47.51 17.62 -31.07
C LYS D 245 47.53 16.43 -31.98
N LYS D 246 47.53 15.23 -31.43
CA LYS D 246 47.37 14.03 -32.25
C LYS D 246 45.93 13.81 -32.77
N LYS D 247 44.98 14.64 -32.40
CA LYS D 247 43.58 14.46 -32.74
C LYS D 247 43.08 13.18 -32.07
N LYS D 248 43.56 12.94 -30.87
CA LYS D 248 43.13 11.79 -30.07
C LYS D 248 42.74 12.35 -28.72
N THR D 249 41.86 13.35 -28.74
CA THR D 249 41.49 14.16 -27.58
C THR D 249 41.21 13.32 -26.32
N VAL D 250 41.85 13.69 -25.23
CA VAL D 250 41.58 13.00 -23.92
C VAL D 250 40.20 13.47 -23.45
N ALA D 251 39.18 12.58 -23.48
CA ALA D 251 37.88 12.91 -23.05
C ALA D 251 37.74 12.78 -21.51
N GLY D 252 38.58 11.89 -20.95
CA GLY D 252 38.48 11.54 -19.55
C GLY D 252 39.83 11.03 -19.04
N ILE D 253 39.98 11.14 -17.74
CA ILE D 253 41.14 10.57 -17.00
C ILE D 253 40.52 9.57 -16.00
N ILE D 254 41.04 8.34 -15.99
CA ILE D 254 40.62 7.36 -14.95
C ILE D 254 41.76 7.09 -13.95
N VAL D 255 41.45 7.00 -12.67
CA VAL D 255 42.43 6.64 -11.68
C VAL D 255 41.80 5.98 -10.46
N GLU D 256 42.59 5.09 -9.81
CA GLU D 256 42.18 4.51 -8.52
C GLU D 256 42.70 5.42 -7.40
N PRO D 257 41.93 5.57 -6.34
CA PRO D 257 42.46 6.34 -5.16
C PRO D 257 43.70 5.72 -4.52
N ILE D 258 43.81 4.38 -4.60
CA ILE D 258 44.98 3.58 -4.24
C ILE D 258 45.07 2.48 -5.30
N GLN D 259 46.19 2.32 -5.97
CA GLN D 259 46.32 1.27 -7.02
C GLN D 259 46.41 -0.09 -6.35
N SER D 260 45.53 -0.96 -6.72
CA SER D 260 45.42 -2.28 -6.08
C SER D 260 46.20 -3.40 -6.77
N GLU D 261 45.63 -3.95 -7.82
CA GLU D 261 46.27 -5.14 -8.39
C GLU D 261 47.69 -4.87 -8.83
N GLY D 262 47.95 -3.67 -9.28
CA GLY D 262 49.28 -3.27 -9.67
C GLY D 262 50.34 -3.03 -8.61
N GLY D 263 50.01 -3.18 -7.34
CA GLY D 263 50.98 -3.09 -6.22
C GLY D 263 50.62 -2.26 -5.00
N ASP D 264 49.35 -1.94 -4.70
CA ASP D 264 49.05 -1.09 -3.55
C ASP D 264 49.94 0.16 -3.56
N ASN D 265 49.81 0.92 -4.63
CA ASN D 265 50.51 2.20 -4.74
C ASN D 265 49.67 3.39 -4.30
N HIS D 266 50.20 4.15 -3.34
CA HIS D 266 49.51 5.26 -2.76
C HIS D 266 50.11 6.57 -3.26
N ALA D 267 49.31 7.61 -3.15
CA ALA D 267 49.76 8.99 -3.40
C ALA D 267 49.06 9.94 -2.44
N SER D 268 49.62 11.13 -2.26
CA SER D 268 49.04 12.02 -1.25
C SER D 268 47.65 12.51 -1.68
N ASP D 269 46.85 12.94 -0.72
CA ASP D 269 45.60 13.58 -1.04
C ASP D 269 45.80 14.86 -1.95
N ASP D 270 46.83 15.61 -1.67
CA ASP D 270 47.25 16.78 -2.48
C ASP D 270 47.48 16.41 -3.93
N PHE D 271 48.09 15.28 -4.20
CA PHE D 271 48.22 14.82 -5.56
C PHE D 271 46.87 14.65 -6.27
N PHE D 272 45.91 13.96 -5.60
CA PHE D 272 44.62 13.75 -6.18
C PHE D 272 43.87 15.07 -6.40
N ARG D 273 44.01 16.01 -5.46
CA ARG D 273 43.34 17.33 -5.65
C ARG D 273 43.89 18.03 -6.86
N LYS D 274 45.18 18.01 -7.03
CA LYS D 274 45.82 18.62 -8.19
C LYS D 274 45.46 17.93 -9.46
N LEU D 275 45.43 16.62 -9.41
CA LEU D 275 45.03 15.87 -10.57
C LEU D 275 43.60 16.22 -10.99
N ARG D 276 42.69 16.29 -10.04
CA ARG D 276 41.31 16.67 -10.32
C ARG D 276 41.26 18.04 -11.01
N ASP D 277 42.09 18.98 -10.52
CA ASP D 277 42.18 20.30 -11.19
C ASP D 277 42.71 20.30 -12.59
N ILE D 278 43.72 19.52 -12.87
CA ILE D 278 44.23 19.33 -14.23
C ILE D 278 43.08 18.84 -15.14
N SER D 279 42.34 17.84 -14.64
CA SER D 279 41.25 17.28 -15.40
C SER D 279 40.28 18.40 -15.79
N ARG D 280 39.82 19.15 -14.83
CA ARG D 280 38.88 20.21 -15.12
C ARG D 280 39.51 21.22 -16.09
N LYS D 281 40.77 21.57 -15.89
CA LYS D 281 41.34 22.69 -16.69
C LYS D 281 41.35 22.35 -18.19
N HIS D 282 41.54 21.06 -18.54
CA HIS D 282 41.56 20.59 -19.87
C HIS D 282 40.26 20.03 -20.38
N GLY D 283 39.18 20.15 -19.61
CA GLY D 283 37.84 19.71 -19.96
C GLY D 283 37.75 18.21 -20.07
N CYS D 284 38.56 17.53 -19.27
CA CYS D 284 38.52 16.05 -19.26
C CYS D 284 37.65 15.65 -18.09
N ALA D 285 36.77 14.68 -18.31
CA ALA D 285 36.02 14.14 -17.22
C ALA D 285 37.01 13.40 -16.25
N PHE D 286 36.76 13.56 -14.98
CA PHE D 286 37.61 12.91 -13.95
C PHE D 286 36.81 11.75 -13.41
N LEU D 287 37.31 10.54 -13.69
CA LEU D 287 36.64 9.30 -13.40
C LEU D 287 37.44 8.54 -12.33
N VAL D 288 36.88 8.43 -11.11
CA VAL D 288 37.56 7.79 -10.00
C VAL D 288 36.97 6.35 -9.88
N ASP D 289 37.88 5.37 -9.99
CA ASP D 289 37.52 3.95 -9.90
C ASP D 289 37.63 3.46 -8.45
N GLU D 290 36.48 3.29 -7.80
CA GLU D 290 36.43 2.90 -6.38
C GLU D 290 35.94 1.46 -6.33
N VAL D 291 36.08 0.68 -7.39
CA VAL D 291 35.59 -0.71 -7.39
C VAL D 291 36.29 -1.44 -6.21
N GLN D 292 37.59 -1.17 -6.00
CA GLN D 292 38.29 -1.85 -4.88
C GLN D 292 38.43 -1.03 -3.62
N THR D 293 38.58 0.28 -3.73
CA THR D 293 38.73 1.11 -2.55
C THR D 293 37.38 1.42 -1.86
N GLY D 294 36.25 1.33 -2.59
CA GLY D 294 34.99 1.70 -2.04
C GLY D 294 34.38 0.69 -1.15
N GLY D 295 33.58 1.18 -0.23
CA GLY D 295 32.93 0.30 0.74
C GLY D 295 33.48 0.34 2.16
N GLY D 296 34.43 1.21 2.47
CA GLY D 296 34.65 1.55 3.86
C GLY D 296 35.99 1.16 4.42
N SER D 297 36.76 0.35 3.73
CA SER D 297 37.93 -0.16 4.39
C SER D 297 38.98 0.87 4.64
N THR D 298 39.00 2.00 3.91
CA THR D 298 39.97 3.02 4.23
C THR D 298 39.55 3.92 5.40
N GLY D 299 38.38 3.67 5.98
CA GLY D 299 37.89 4.43 7.14
C GLY D 299 36.85 5.49 6.77
N LYS D 300 36.70 5.69 5.47
CA LYS D 300 35.57 6.48 4.90
C LYS D 300 34.90 5.62 3.88
N PHE D 301 33.62 5.89 3.60
CA PHE D 301 32.93 4.98 2.78
C PHE D 301 33.62 4.90 1.41
N TRP D 302 33.82 6.03 0.78
CA TRP D 302 34.60 6.14 -0.45
C TRP D 302 35.94 6.72 -0.13
N ALA D 303 37.02 6.11 -0.65
CA ALA D 303 38.37 6.55 -0.35
C ALA D 303 38.63 7.98 -0.77
N HIS D 304 38.03 8.41 -1.87
CA HIS D 304 38.20 9.78 -2.28
C HIS D 304 37.67 10.82 -1.25
N GLU D 305 36.80 10.42 -0.34
CA GLU D 305 36.31 11.38 0.67
C GLU D 305 37.48 11.91 1.51
N HIS D 306 38.58 11.16 1.60
CA HIS D 306 39.78 11.67 2.28
C HIS D 306 40.34 13.00 1.68
N TRP D 307 40.10 13.24 0.39
CA TRP D 307 40.67 14.36 -0.27
C TRP D 307 40.01 15.65 0.18
N GLY D 308 38.81 15.55 0.75
CA GLY D 308 38.10 16.70 1.37
C GLY D 308 37.47 17.62 0.39
N LEU D 309 37.16 17.17 -0.82
CA LEU D 309 36.64 18.08 -1.83
C LEU D 309 35.15 18.05 -1.95
N ASP D 310 34.54 19.23 -2.18
CA ASP D 310 33.12 19.28 -2.53
C ASP D 310 32.83 18.84 -3.96
N ASP D 311 33.83 18.89 -4.83
CA ASP D 311 33.73 18.51 -6.25
C ASP D 311 34.87 17.53 -6.54
N PRO D 312 34.73 16.29 -6.02
CA PRO D 312 35.87 15.36 -6.08
C PRO D 312 36.07 14.71 -7.44
N ALA D 313 35.00 14.59 -8.23
CA ALA D 313 35.09 13.89 -9.52
C ALA D 313 33.81 14.12 -10.30
N ASP D 314 33.83 13.70 -11.57
CA ASP D 314 32.69 13.83 -12.42
C ASP D 314 31.92 12.51 -12.41
N VAL D 315 32.68 11.41 -12.35
CA VAL D 315 32.10 10.04 -12.47
C VAL D 315 32.88 9.12 -11.46
N MET D 316 32.16 8.26 -10.79
CA MET D 316 32.81 7.35 -9.82
C MET D 316 32.13 5.96 -9.95
N THR D 317 32.97 4.96 -10.30
CA THR D 317 32.54 3.59 -10.41
C THR D 317 32.73 2.80 -9.11
N PHE D 318 31.97 1.72 -9.00
CA PHE D 318 32.05 0.86 -7.80
C PHE D 318 31.61 -0.52 -8.19
N SER D 319 31.89 -1.50 -7.33
CA SER D 319 31.46 -2.88 -7.48
C SER D 319 31.95 -3.64 -6.21
N LYS D 320 32.34 -4.88 -6.39
CA LYS D 320 32.96 -5.69 -5.29
C LYS D 320 32.12 -5.62 -3.96
N LYS D 321 32.59 -4.95 -2.92
CA LYS D 321 31.90 -4.90 -1.59
C LYS D 321 30.49 -4.41 -1.79
N MET D 322 30.25 -3.56 -2.82
CA MET D 322 28.93 -2.97 -3.01
C MET D 322 27.95 -3.94 -3.56
N MET D 323 28.33 -5.17 -3.91
N MET D 323 28.41 -5.14 -3.93
CA MET D 323 27.48 -6.28 -4.30
CA MET D 323 27.61 -6.30 -4.32
C MET D 323 26.98 -6.20 -5.73
C MET D 323 26.99 -6.20 -5.72
N THR D 324 26.48 -5.02 -6.04
CA THR D 324 26.22 -4.59 -7.41
C THR D 324 27.34 -3.61 -7.89
N GLY D 325 27.47 -3.42 -9.19
CA GLY D 325 28.27 -2.39 -9.74
C GLY D 325 27.40 -1.16 -10.11
N GLY D 326 28.04 -0.22 -10.80
CA GLY D 326 27.40 1.00 -11.31
C GLY D 326 28.32 2.18 -11.29
N PHE D 327 27.77 3.37 -11.56
CA PHE D 327 28.51 4.53 -11.33
C PHE D 327 27.61 5.71 -10.95
N PHE D 328 28.10 6.50 -10.05
CA PHE D 328 27.53 7.83 -9.79
C PHE D 328 28.18 8.86 -10.77
N HIS D 329 27.41 9.88 -11.13
CA HIS D 329 27.96 10.94 -11.93
C HIS D 329 27.22 12.26 -11.77
N LYS D 330 27.91 13.33 -12.15
CA LYS D 330 27.24 14.66 -12.20
CA LYS D 330 27.24 14.66 -12.18
C LYS D 330 26.10 14.70 -13.19
N GLU D 331 25.13 15.57 -12.91
CA GLU D 331 24.00 15.73 -13.74
C GLU D 331 24.40 16.08 -15.20
N GLU D 332 25.44 16.86 -15.43
CA GLU D 332 25.82 17.25 -16.83
C GLU D 332 26.25 16.02 -17.64
N PHE D 333 26.50 14.88 -16.97
CA PHE D 333 26.95 13.65 -17.68
C PHE D 333 25.81 12.76 -17.98
N ARG D 334 24.61 13.12 -17.56
CA ARG D 334 23.48 12.36 -17.95
C ARG D 334 23.37 12.17 -19.48
N PRO D 335 23.24 10.91 -19.95
CA PRO D 335 22.98 10.72 -21.40
C PRO D 335 21.74 11.46 -21.85
N ASN D 336 21.83 12.10 -23.02
CA ASN D 336 20.72 12.82 -23.61
C ASN D 336 19.57 12.02 -24.13
N ALA D 337 19.79 10.74 -24.46
CA ALA D 337 18.83 9.87 -25.07
C ALA D 337 18.92 8.45 -24.49
N PRO D 338 17.82 7.71 -24.48
CA PRO D 338 17.86 6.31 -23.99
C PRO D 338 18.53 5.38 -25.00
N TYR D 339 18.89 4.19 -24.53
CA TYR D 339 19.42 3.12 -25.38
C TYR D 339 20.86 3.41 -25.81
N ARG D 340 21.51 4.37 -25.15
CA ARG D 340 22.97 4.59 -25.34
C ARG D 340 23.82 3.89 -24.26
N ILE D 341 23.42 4.08 -23.00
CA ILE D 341 23.97 3.39 -21.87
C ILE D 341 22.89 2.38 -21.47
N PHE D 342 23.09 1.13 -21.77
CA PHE D 342 22.06 0.13 -21.64
C PHE D 342 22.64 -1.26 -21.69
N ASN D 343 22.03 -2.20 -21.00
CA ASN D 343 22.22 -3.63 -21.32
C ASN D 343 21.02 -4.40 -20.74
N THR D 344 21.02 -5.73 -20.83
CA THR D 344 19.80 -6.49 -20.48
C THR D 344 19.49 -6.29 -19.06
N TRP D 345 20.42 -6.52 -18.17
CA TRP D 345 20.09 -6.54 -16.73
C TRP D 345 20.43 -5.32 -15.88
N LEU D 346 21.52 -4.62 -16.18
CA LEU D 346 21.92 -3.42 -15.49
C LEU D 346 22.03 -3.64 -13.97
N GLY D 347 22.59 -4.74 -13.60
CA GLY D 347 22.69 -5.13 -12.17
C GLY D 347 21.63 -6.18 -11.90
N ASP D 348 21.12 -6.19 -10.67
CA ASP D 348 20.21 -7.22 -10.24
C ASP D 348 19.59 -6.75 -8.96
N PRO D 349 18.27 -6.68 -8.90
CA PRO D 349 17.65 -6.17 -7.67
C PRO D 349 17.93 -7.00 -6.44
N SER D 350 18.30 -8.27 -6.62
CA SER D 350 18.64 -9.09 -5.45
C SER D 350 19.90 -8.64 -4.81
N LYS D 351 20.82 -8.11 -5.58
CA LYS D 351 22.01 -7.49 -4.95
C LYS D 351 21.69 -6.21 -4.24
N ASN D 352 20.74 -5.39 -4.75
CA ASN D 352 20.41 -4.13 -4.08
C ASN D 352 19.70 -4.44 -2.73
N LEU D 353 18.91 -5.51 -2.72
CA LEU D 353 18.25 -6.00 -1.45
C LEU D 353 19.32 -6.27 -0.39
N LEU D 354 20.33 -7.05 -0.77
CA LEU D 354 21.42 -7.37 0.17
C LEU D 354 22.18 -6.10 0.55
N LEU D 355 22.53 -5.26 -0.43
CA LEU D 355 23.28 -4.08 -0.16
C LEU D 355 22.60 -3.12 0.84
N ALA D 356 21.27 -2.96 0.74
CA ALA D 356 20.62 -2.04 1.71
C ALA D 356 20.86 -2.55 3.13
N GLU D 357 20.83 -3.84 3.31
CA GLU D 357 21.03 -4.40 4.67
C GLU D 357 22.53 -4.22 5.07
N VAL D 358 23.45 -4.48 4.12
CA VAL D 358 24.87 -4.22 4.38
C VAL D 358 25.15 -2.81 4.86
N ILE D 359 24.62 -1.81 4.15
CA ILE D 359 24.80 -0.43 4.48
C ILE D 359 24.20 -0.12 5.88
N ASN D 360 23.05 -0.70 6.15
CA ASN D 360 22.42 -0.58 7.51
C ASN D 360 23.37 -1.06 8.62
N ILE D 361 23.96 -2.24 8.40
CA ILE D 361 24.94 -2.80 9.34
C ILE D 361 26.15 -1.92 9.46
N ILE D 362 26.74 -1.47 8.33
CA ILE D 362 27.90 -0.57 8.39
C ILE D 362 27.61 0.66 9.25
N LYS D 363 26.45 1.27 9.06
CA LYS D 363 26.12 2.44 9.85
C LYS D 363 25.87 2.04 11.34
N ARG D 364 25.02 1.06 11.60
CA ARG D 364 24.59 0.75 12.97
C ARG D 364 25.74 0.25 13.82
N GLU D 365 26.68 -0.46 13.20
CA GLU D 365 27.81 -1.08 13.90
C GLU D 365 29.06 -0.19 13.78
N ASP D 366 28.94 1.03 13.25
CA ASP D 366 30.01 1.95 13.24
C ASP D 366 31.29 1.38 12.59
N LEU D 367 31.07 0.71 11.47
CA LEU D 367 32.18 -0.07 10.82
C LEU D 367 33.18 0.74 10.03
N LEU D 368 32.85 1.98 9.63
CA LEU D 368 33.86 2.87 9.05
C LEU D 368 34.93 3.25 10.07
N SER D 369 34.46 3.71 11.25
CA SER D 369 35.38 3.99 12.29
C SER D 369 36.12 2.76 12.77
N ASN D 370 35.44 1.62 12.76
CA ASN D 370 36.09 0.36 13.17
C ASN D 370 37.26 0.04 12.23
N ALA D 371 37.04 0.25 10.90
CA ALA D 371 38.14 -0.02 9.94
C ALA D 371 39.32 0.86 10.19
N ALA D 372 39.10 2.12 10.48
CA ALA D 372 40.23 3.00 10.73
C ALA D 372 41.01 2.53 11.97
N HIS D 373 40.29 2.12 13.02
CA HIS D 373 40.93 1.67 14.26
C HIS D 373 41.64 0.32 14.07
N ALA D 374 40.99 -0.70 13.48
CA ALA D 374 41.56 -2.03 13.31
C ALA D 374 42.72 -1.86 12.36
N GLY D 375 42.59 -0.92 11.39
CA GLY D 375 43.66 -0.73 10.44
C GLY D 375 44.90 -0.07 11.02
N LYS D 376 44.70 0.86 11.96
CA LYS D 376 45.84 1.44 12.68
C LYS D 376 46.56 0.41 13.54
N VAL D 377 45.78 -0.44 14.21
CA VAL D 377 46.39 -1.53 15.01
C VAL D 377 47.24 -2.46 14.07
N LEU D 378 46.67 -2.85 12.90
CA LEU D 378 47.41 -3.64 11.95
C LEU D 378 48.67 -2.95 11.50
N LEU D 379 48.56 -1.70 11.06
CA LEU D 379 49.73 -0.98 10.51
C LEU D 379 50.84 -0.83 11.55
N THR D 380 50.45 -0.55 12.81
CA THR D 380 51.42 -0.47 13.89
C THR D 380 52.17 -1.78 14.07
N GLY D 381 51.46 -2.89 14.05
CA GLY D 381 52.07 -4.21 14.12
C GLY D 381 52.98 -4.48 12.92
N LEU D 382 52.55 -4.07 11.72
CA LEU D 382 53.43 -4.25 10.55
C LEU D 382 54.72 -3.45 10.67
N LEU D 383 54.64 -2.25 11.21
CA LEU D 383 55.83 -1.36 11.38
C LEU D 383 56.78 -2.01 12.36
N ASP D 384 56.23 -2.64 13.40
CA ASP D 384 57.09 -3.36 14.31
C ASP D 384 57.79 -4.51 13.65
N LEU D 385 57.07 -5.28 12.82
CA LEU D 385 57.68 -6.42 12.15
C LEU D 385 58.72 -5.92 11.16
N GLN D 386 58.48 -4.76 10.52
CA GLN D 386 59.44 -4.16 9.62
C GLN D 386 60.75 -3.77 10.31
N ALA D 387 60.63 -3.24 11.52
CA ALA D 387 61.79 -2.85 12.36
C ALA D 387 62.60 -4.10 12.74
N ARG D 388 61.93 -5.19 13.07
CA ARG D 388 62.57 -6.46 13.46
C ARG D 388 63.11 -7.34 12.30
N TYR D 389 62.54 -7.21 11.08
CA TYR D 389 62.82 -8.07 9.94
C TYR D 389 63.04 -7.21 8.66
N PRO D 390 64.05 -6.31 8.67
CA PRO D 390 64.35 -5.53 7.46
C PRO D 390 64.77 -6.35 6.31
N GLN D 391 65.22 -7.58 6.53
CA GLN D 391 65.62 -8.44 5.41
C GLN D 391 64.43 -9.12 4.74
N PHE D 392 63.20 -8.93 5.31
CA PHE D 392 61.99 -9.53 4.68
C PHE D 392 60.90 -8.50 4.37
N ILE D 393 60.84 -7.43 5.12
CA ILE D 393 59.71 -6.49 5.10
CA ILE D 393 59.71 -6.47 5.09
C ILE D 393 60.18 -5.07 4.82
N SER D 394 59.58 -4.40 3.82
CA SER D 394 59.92 -2.99 3.55
C SER D 394 58.65 -2.30 3.04
N ARG D 395 58.71 -0.97 3.01
CA ARG D 395 57.65 -0.16 2.39
C ARG D 395 56.26 -0.47 3.02
N VAL D 396 56.26 -0.70 4.32
CA VAL D 396 54.98 -0.84 5.00
C VAL D 396 54.15 0.41 4.76
N ARG D 397 52.87 0.25 4.43
CA ARG D 397 52.04 1.38 4.05
C ARG D 397 50.54 0.98 4.15
N GLY D 398 49.64 1.97 4.30
CA GLY D 398 48.24 1.66 4.36
C GLY D 398 47.39 2.86 4.66
N ARG D 399 46.13 2.69 4.41
CA ARG D 399 45.13 3.60 4.89
C ARG D 399 43.90 2.74 5.32
N GLY D 400 43.44 2.95 6.56
CA GLY D 400 42.49 2.02 7.12
C GLY D 400 43.06 0.62 7.14
N THR D 401 42.26 -0.37 6.78
CA THR D 401 42.74 -1.72 6.73
C THR D 401 43.36 -2.05 5.35
N PHE D 402 43.35 -1.05 4.47
CA PHE D 402 43.89 -1.24 3.08
C PHE D 402 45.41 -1.09 3.12
N CYS D 403 46.02 -2.12 3.67
CA CYS D 403 47.48 -2.11 4.03
C CYS D 403 48.27 -3.07 3.13
N SER D 404 49.60 -2.86 3.10
N SER D 404 49.59 -2.83 3.06
CA SER D 404 50.44 -3.75 2.37
CA SER D 404 50.45 -3.63 2.23
C SER D 404 51.88 -3.54 2.78
C SER D 404 51.89 -3.50 2.72
N PHE D 405 52.74 -4.41 2.25
CA PHE D 405 54.17 -4.27 2.42
C PHE D 405 54.87 -4.99 1.28
N ASP D 406 56.15 -4.64 1.03
CA ASP D 406 56.97 -5.39 0.07
C ASP D 406 57.93 -6.39 0.73
N THR D 407 58.22 -7.42 -0.04
CA THR D 407 59.13 -8.49 0.24
C THR D 407 60.24 -8.44 -0.77
N PRO D 408 61.33 -9.21 -0.52
CA PRO D 408 62.51 -8.94 -1.37
C PRO D 408 62.39 -9.37 -2.84
N ASP D 409 61.57 -10.36 -3.13
CA ASP D 409 61.32 -10.79 -4.48
C ASP D 409 60.09 -11.66 -4.53
N GLU D 410 59.67 -11.99 -5.74
CA GLU D 410 58.41 -12.69 -5.99
C GLU D 410 58.38 -14.09 -5.37
N SER D 411 59.50 -14.80 -5.38
CA SER D 411 59.48 -16.17 -4.77
C SER D 411 59.29 -16.09 -3.24
N ILE D 412 59.89 -15.13 -2.59
CA ILE D 412 59.73 -14.96 -1.16
C ILE D 412 58.27 -14.51 -0.86
N ARG D 413 57.78 -13.56 -1.65
CA ARG D 413 56.38 -13.16 -1.54
C ARG D 413 55.49 -14.39 -1.51
N ASN D 414 55.60 -15.24 -2.51
CA ASN D 414 54.68 -16.34 -2.71
C ASN D 414 54.88 -17.34 -1.58
N LYS D 415 56.12 -17.53 -1.18
CA LYS D 415 56.40 -18.48 -0.08
C LYS D 415 55.75 -18.03 1.22
N LEU D 416 55.86 -16.75 1.51
CA LEU D 416 55.25 -16.20 2.74
C LEU D 416 53.77 -16.31 2.73
N ILE D 417 53.14 -16.08 1.60
CA ILE D 417 51.70 -16.29 1.48
C ILE D 417 51.30 -17.75 1.71
N SER D 418 52.08 -18.65 1.12
CA SER D 418 51.89 -20.07 1.23
CA SER D 418 51.82 -20.08 1.26
C SER D 418 51.95 -20.55 2.71
N ILE D 419 53.01 -20.14 3.36
CA ILE D 419 53.23 -20.48 4.78
C ILE D 419 52.16 -19.91 5.68
N ALA D 420 51.83 -18.65 5.50
CA ALA D 420 50.74 -18.06 6.27
C ALA D 420 49.43 -18.77 6.13
N ARG D 421 49.10 -19.18 4.89
CA ARG D 421 47.87 -19.89 4.64
C ARG D 421 47.84 -21.28 5.43
N ASN D 422 48.97 -22.01 5.36
CA ASN D 422 49.05 -23.24 6.08
C ASN D 422 49.00 -23.04 7.58
N LYS D 423 49.37 -21.86 8.06
CA LYS D 423 49.27 -21.52 9.49
C LYS D 423 47.95 -20.86 9.92
N GLY D 424 47.04 -20.74 8.97
CA GLY D 424 45.70 -20.20 9.31
C GLY D 424 45.27 -18.84 8.81
N VAL D 425 46.06 -18.20 7.97
CA VAL D 425 45.70 -16.86 7.53
C VAL D 425 45.88 -16.72 6.04
N MET D 426 44.79 -16.29 5.40
N MET D 426 44.78 -16.33 5.37
CA MET D 426 44.81 -15.95 4.00
CA MET D 426 44.75 -16.03 3.91
C MET D 426 45.22 -14.48 3.71
C MET D 426 45.10 -14.55 3.59
N LEU D 427 46.27 -14.33 2.92
CA LEU D 427 46.80 -13.06 2.54
C LEU D 427 46.68 -12.93 1.02
N GLY D 428 46.62 -11.66 0.56
CA GLY D 428 46.69 -11.51 -0.92
C GLY D 428 48.03 -11.00 -1.36
N GLY D 429 48.34 -11.20 -2.65
CA GLY D 429 49.52 -10.58 -3.27
C GLY D 429 49.10 -9.55 -4.30
N CYS D 430 50.00 -8.62 -4.55
CA CYS D 430 49.83 -7.70 -5.66
C CYS D 430 51.14 -7.24 -6.12
N GLY D 431 51.19 -6.68 -7.31
CA GLY D 431 52.41 -6.25 -7.88
C GLY D 431 53.33 -7.44 -8.02
N ASP D 432 54.64 -7.21 -8.15
CA ASP D 432 55.47 -8.37 -8.32
C ASP D 432 55.97 -8.95 -7.01
N LYS D 433 55.97 -8.15 -5.93
CA LYS D 433 56.46 -8.66 -4.65
C LYS D 433 55.86 -8.11 -3.37
N SER D 434 54.62 -7.63 -3.48
CA SER D 434 53.92 -7.08 -2.35
C SER D 434 52.94 -8.12 -1.85
N ILE D 435 52.67 -7.98 -0.56
CA ILE D 435 51.61 -8.66 0.22
C ILE D 435 50.61 -7.59 0.62
N ARG D 436 49.35 -7.88 0.39
CA ARG D 436 48.27 -6.90 0.73
C ARG D 436 47.18 -7.50 1.60
N PHE D 437 46.46 -6.59 2.26
CA PHE D 437 45.38 -6.96 3.19
C PHE D 437 44.15 -6.39 2.68
N ARG D 438 43.10 -7.19 2.66
CA ARG D 438 41.75 -6.74 2.31
C ARG D 438 40.74 -7.40 3.25
N PRO D 439 40.81 -7.03 4.54
CA PRO D 439 39.92 -7.73 5.54
C PRO D 439 38.48 -7.24 5.35
N THR D 440 37.53 -8.08 5.64
CA THR D 440 36.08 -7.70 5.61
CA THR D 440 36.14 -7.68 5.53
C THR D 440 35.88 -6.63 6.65
N LEU D 441 34.75 -5.91 6.59
CA LEU D 441 34.50 -4.83 7.54
C LEU D 441 34.11 -5.32 8.93
N VAL D 442 34.02 -6.63 9.13
CA VAL D 442 33.91 -7.13 10.52
C VAL D 442 35.27 -7.53 11.15
N PHE D 443 36.36 -7.26 10.44
CA PHE D 443 37.71 -7.41 10.99
C PHE D 443 37.95 -6.40 12.09
N ARG D 444 38.43 -6.92 13.23
N ARG D 444 38.28 -6.90 13.27
CA ARG D 444 38.61 -6.14 14.41
CA ARG D 444 38.51 -6.09 14.46
C ARG D 444 40.06 -6.08 14.82
C ARG D 444 39.96 -6.15 14.91
N ASP D 445 40.33 -5.24 15.82
CA ASP D 445 41.66 -5.19 16.40
C ASP D 445 42.20 -6.54 16.91
N HIS D 446 41.34 -7.40 17.40
CA HIS D 446 41.82 -8.69 17.90
C HIS D 446 42.18 -9.65 16.75
N HIS D 447 41.58 -9.47 15.58
CA HIS D 447 41.99 -10.28 14.40
C HIS D 447 43.30 -9.77 13.88
N ALA D 448 43.56 -8.45 13.98
CA ALA D 448 44.88 -7.85 13.61
C ALA D 448 45.96 -8.54 14.44
N HIS D 449 45.67 -8.68 15.73
CA HIS D 449 46.64 -9.39 16.58
C HIS D 449 46.79 -10.85 16.31
N LEU D 450 45.75 -11.58 15.98
CA LEU D 450 45.84 -12.98 15.58
C LEU D 450 46.84 -13.09 14.42
N PHE D 451 46.63 -12.25 13.40
CA PHE D 451 47.56 -12.23 12.30
C PHE D 451 48.98 -11.92 12.64
N LEU D 452 49.18 -10.86 13.39
CA LEU D 452 50.52 -10.36 13.70
C LEU D 452 51.28 -11.41 14.50
N ASN D 453 50.59 -12.09 15.37
CA ASN D 453 51.31 -13.14 16.11
C ASN D 453 51.70 -14.31 15.26
N ILE D 454 50.86 -14.72 14.33
CA ILE D 454 51.19 -15.76 13.39
C ILE D 454 52.36 -15.34 12.51
N PHE D 455 52.35 -14.11 11.99
N PHE D 455 52.29 -14.13 11.97
CA PHE D 455 53.34 -13.71 10.97
CA PHE D 455 53.28 -13.62 11.02
C PHE D 455 54.69 -13.47 11.68
C PHE D 455 54.64 -13.52 11.72
N SER D 456 54.62 -13.00 12.94
CA SER D 456 55.83 -12.90 13.79
C SER D 456 56.52 -14.31 13.89
N ASP D 457 55.76 -15.36 14.18
CA ASP D 457 56.31 -16.72 14.28
C ASP D 457 56.87 -17.21 12.95
N ILE D 458 56.22 -16.84 11.84
CA ILE D 458 56.73 -17.23 10.53
C ILE D 458 58.07 -16.54 10.25
N LEU D 459 58.22 -15.24 10.49
CA LEU D 459 59.42 -14.50 10.19
C LEU D 459 60.55 -15.01 11.08
N ALA D 460 60.29 -15.28 12.36
CA ALA D 460 61.38 -15.85 13.25
C ALA D 460 61.92 -17.15 12.65
N ASP D 461 61.13 -17.94 11.95
CA ASP D 461 61.55 -19.26 11.43
C ASP D 461 61.93 -19.31 9.99
N PHE D 462 61.85 -18.18 9.27
CA PHE D 462 61.91 -18.20 7.81
C PHE D 462 63.33 -18.37 7.31
N LYS D 463 63.57 -19.40 6.49
CA LYS D 463 64.86 -19.62 5.80
C LYS D 463 65.02 -18.65 4.64
FE1 FES E . -29.88 8.29 15.69
FE2 FES E . -29.56 7.48 18.24
S1 FES E . -28.87 6.47 16.40
S2 FES E . -30.58 9.31 17.52
N1 PLP F . -38.31 10.23 8.32
C2 PLP F . -39.07 9.37 7.62
C2A PLP F . -39.80 9.85 6.44
C3 PLP F . -39.20 7.98 8.00
O3 PLP F . -40.01 7.20 7.25
C4 PLP F . -38.44 7.49 9.11
C4A PLP F . -38.49 6.06 9.48
C5 PLP F . -37.69 8.50 9.85
C6 PLP F . -37.65 9.80 9.46
C5A PLP F . -36.99 8.09 11.12
O4P PLP F . -35.96 7.14 10.96
P PLP F . -35.54 6.26 12.29
O1P PLP F . -35.24 7.29 13.44
O2P PLP F . -36.78 5.47 12.67
O3P PLP F . -34.31 5.60 11.83
C1 GOL G . -26.11 1.28 43.82
O1 GOL G . -26.80 2.43 44.24
C2 GOL G . -26.74 -0.08 44.16
O2 GOL G . -27.82 -0.12 43.35
C3 GOL G . -26.03 -1.35 43.74
O3 GOL G . -25.03 -1.67 44.70
N1 PLP H . -24.60 11.24 27.77
C2 PLP H . -23.36 11.21 28.18
C2A PLP H . -23.11 11.37 29.63
C3 PLP H . -22.25 11.10 27.22
O3 PLP H . -20.95 11.15 27.62
C4 PLP H . -22.59 10.97 25.80
C4A PLP H . -21.48 10.79 24.80
C5 PLP H . -24.01 11.01 25.41
C6 PLP H . -24.97 11.18 26.43
C5A PLP H . -24.46 10.94 23.96
O4P PLP H . -24.01 9.69 23.41
P PLP H . -24.08 9.72 21.70
O1P PLP H . -23.93 8.23 21.41
O2P PLP H . -25.39 10.32 21.24
O3P PLP H . -22.85 10.64 21.42
FE1 FES I . 29.81 -6.70 -16.19
FE2 FES I . 29.29 -8.85 -17.83
S1 FES I . 30.61 -7.01 -18.25
S2 FES I . 28.47 -8.50 -15.79
C1 GOL J . 18.21 -27.70 -44.64
O1 GOL J . 19.49 -27.67 -45.24
C2 GOL J . 18.44 -28.64 -43.47
O2 GOL J . 19.25 -28.03 -42.40
C3 GOL J . 17.08 -29.12 -42.99
O3 GOL J . 16.55 -28.19 -42.04
N1 PLP K . 24.51 -10.95 -27.86
C2 PLP K . 23.23 -11.11 -28.28
C2A PLP K . 22.91 -11.80 -29.55
C3 PLP K . 22.13 -10.47 -27.52
O3 PLP K . 20.88 -10.48 -27.93
C4 PLP K . 22.51 -9.77 -26.27
C4A PLP K . 21.46 -9.18 -25.36
C5 PLP K . 23.92 -9.74 -25.91
C6 PLP K . 24.87 -10.33 -26.72
C5A PLP K . 24.42 -8.96 -24.71
O4P PLP K . 23.99 -9.52 -23.47
P PLP K . 23.97 -8.49 -22.18
O1P PLP K . 23.70 -9.47 -21.05
O2P PLP K . 22.88 -7.47 -22.37
O3P PLP K . 25.32 -7.82 -22.15
N1 PLP L . 38.59 -1.66 -11.06
C2 PLP L . 39.31 -1.96 -9.96
C2A PLP L . 40.07 -0.96 -9.22
C3 PLP L . 39.27 -3.34 -9.46
O3 PLP L . 40.03 -3.67 -8.42
C4 PLP L . 38.50 -4.36 -10.15
C4A PLP L . 38.48 -5.71 -9.54
C5 PLP L . 37.78 -3.92 -11.31
C6 PLP L . 37.87 -2.63 -11.73
C5A PLP L . 37.02 -4.91 -12.10
O4P PLP L . 35.83 -5.48 -11.50
P PLP L . 35.25 -6.89 -12.03
O1P PLP L . 35.05 -6.82 -13.57
O2P PLP L . 36.36 -7.92 -11.78
O3P PLP L . 33.92 -7.03 -11.27
#